data_8PIO
#
_entry.id   8PIO
#
_cell.length_a   60.600
_cell.length_b   95.150
_cell.length_c   108.370
_cell.angle_alpha   69.84
_cell.angle_beta   88.72
_cell.angle_gamma   85.65
#
_symmetry.space_group_name_H-M   'P 1'
#
loop_
_entity.id
_entity.type
_entity.pdbx_description
1 polymer 'phosphoglycerate dehydrogenase'
2 non-polymer NICOTINAMIDE-ADENINE-DINUCLEOTIDE
3 non-polymer '2-oxo-3-(phosphonooxy)propanoic acid'
4 non-polymer GLYCEROL
5 water water
#
_entity_poly.entity_id   1
_entity_poly.type   'polypeptide(L)'
_entity_poly.pdbx_seq_one_letter_code
;MSYSAADNLQDSFQRAMNFSGSPGAVSTSPTQSFMNTLPRRVSITKQPKALKPFSTGDMNILLLENVNATAIKIFKDQGY
QVEFHKSSLPEDELIEKIKDVHAIGIRSKTRLTEKILQHARNLVCIGCFCIGTNQVDLKYAASKGIAVFNSPFSNSRSVA
ELVIGEIISLARQLGDRSIELHTGTWNKVAARCWEVRGKTLGIIGYGHIGSQLSVLAEAMGLHVLYYDIVTIMALGTARQ
VSTLDELLNKSDFVTLHVPATPETEKMLSAPQFAAMKDGAYVINASRGTVVDIPSLIQAVKANKIAGAALDVYPHEPAKN
GEGSFNDELNSWTSELVSLPNIILTPHIGGSTEEAQSSIGIEVATALSKYINEGNSVGSVNFPEVSLKSLDYDQENTVRV
LYIHRNVPGVLKTVNDILSDHNIEKQFSDSHGEIAYLMADISSVNQSEIKDIYEKLNQTSAKVSIRLLY
;
_entity_poly.pdbx_strand_id   F,A,B,C
#
loop_
_chem_comp.id
_chem_comp.type
_chem_comp.name
_chem_comp.formula
GOL non-polymer GLYCEROL 'C3 H8 O3'
HPV non-polymer '2-oxo-3-(phosphonooxy)propanoic acid' 'C3 H5 O7 P'
NAD non-polymer NICOTINAMIDE-ADENINE-DINUCLEOTIDE 'C21 H27 N7 O14 P2'
#
# COMPACT_ATOMS: atom_id res chain seq x y z
N ALA A 25 -11.19 -31.15 -3.81
CA ALA A 25 -9.79 -31.54 -3.42
C ALA A 25 -8.87 -30.33 -3.53
N VAL A 26 -7.82 -30.29 -2.71
CA VAL A 26 -6.72 -29.27 -2.80
C VAL A 26 -6.03 -29.48 -4.15
N SER A 27 -6.03 -28.46 -4.99
CA SER A 27 -5.53 -28.52 -6.39
C SER A 27 -4.54 -27.38 -6.66
N THR A 28 -3.73 -27.54 -7.70
CA THR A 28 -2.83 -26.51 -8.24
C THR A 28 -3.59 -25.19 -8.33
N SER A 29 -3.04 -24.12 -7.75
CA SER A 29 -3.55 -22.73 -7.88
C SER A 29 -3.56 -22.33 -9.35
N PRO A 30 -4.43 -21.39 -9.78
CA PRO A 30 -4.37 -20.87 -11.14
C PRO A 30 -3.06 -20.10 -11.35
N THR A 31 -2.40 -20.33 -12.48
CA THR A 31 -1.10 -19.69 -12.85
C THR A 31 -1.31 -18.18 -12.99
N GLN A 32 -0.44 -17.38 -12.36
CA GLN A 32 -0.47 -15.89 -12.41
C GLN A 32 -0.53 -15.46 -13.88
N SER A 33 -1.65 -14.87 -14.30
CA SER A 33 -1.95 -14.48 -15.72
C SER A 33 -0.73 -13.80 -16.35
N PHE A 34 -0.40 -12.60 -15.85
CA PHE A 34 0.81 -11.80 -16.25
C PHE A 34 1.16 -10.84 -15.12
N MET A 35 1.20 -11.36 -13.89
CA MET A 35 1.42 -10.58 -12.64
C MET A 35 2.86 -10.79 -12.15
N ASN A 36 3.85 -10.49 -13.00
CA ASN A 36 5.30 -10.52 -12.67
C ASN A 36 5.80 -9.08 -12.53
N THR A 37 6.79 -8.85 -11.64
CA THR A 37 7.37 -7.51 -11.32
C THR A 37 8.73 -7.37 -12.03
N LEU A 38 9.18 -6.13 -12.26
CA LEU A 38 10.44 -5.81 -12.99
C LEU A 38 11.37 -4.97 -12.10
N PRO A 39 12.34 -5.62 -11.39
CA PRO A 39 13.39 -4.88 -10.70
C PRO A 39 14.44 -4.37 -11.69
N ARG A 40 14.35 -3.08 -12.05
CA ARG A 40 15.24 -2.38 -13.02
C ARG A 40 16.68 -2.39 -12.49
N ARG A 41 17.65 -2.75 -13.32
CA ARG A 41 19.07 -2.93 -12.91
C ARG A 41 20.00 -2.23 -13.90
N VAL A 42 21.07 -1.60 -13.39
CA VAL A 42 22.25 -1.20 -14.21
C VAL A 42 22.81 -2.49 -14.80
N SER A 43 22.55 -2.73 -16.09
CA SER A 43 22.80 -4.01 -16.79
C SER A 43 24.16 -3.98 -17.49
N ILE A 44 25.16 -4.63 -16.90
CA ILE A 44 26.54 -4.73 -17.47
C ILE A 44 26.44 -5.31 -18.89
N THR A 45 26.26 -4.43 -19.87
CA THR A 45 26.19 -4.75 -21.33
C THR A 45 27.53 -4.42 -21.98
N LYS A 46 27.98 -5.26 -22.92
CA LYS A 46 29.23 -5.03 -23.70
C LYS A 46 29.11 -3.67 -24.42
N GLN A 47 29.84 -2.65 -23.92
CA GLN A 47 29.78 -1.23 -24.42
C GLN A 47 29.46 -1.23 -25.91
N PRO A 48 28.44 -0.46 -26.37
CA PRO A 48 28.02 -0.50 -27.77
C PRO A 48 28.90 0.37 -28.68
N LYS A 49 28.96 0.01 -29.97
CA LYS A 49 29.74 0.73 -31.01
C LYS A 49 28.98 2.00 -31.43
N ALA A 50 29.63 3.15 -31.33
CA ALA A 50 29.11 4.47 -31.79
C ALA A 50 29.25 4.56 -33.30
N LEU A 51 28.12 4.50 -34.01
CA LEU A 51 28.06 4.54 -35.50
C LEU A 51 27.96 6.00 -35.97
N LYS A 52 28.63 6.34 -37.07
CA LYS A 52 28.66 7.71 -37.67
C LYS A 52 28.20 7.64 -39.13
N PRO A 53 27.48 8.66 -39.62
CA PRO A 53 26.99 8.64 -41.01
C PRO A 53 28.13 8.75 -42.05
N PHE A 54 27.92 8.10 -43.20
CA PHE A 54 28.82 8.16 -44.40
C PHE A 54 28.24 9.15 -45.42
N SER A 55 29.05 9.55 -46.42
CA SER A 55 28.65 10.34 -47.62
C SER A 55 28.14 11.74 -47.21
N THR A 56 28.33 12.11 -45.94
CA THR A 56 27.91 13.42 -45.35
C THR A 56 28.93 13.85 -44.28
N GLY A 57 28.87 15.12 -43.86
CA GLY A 57 29.74 15.70 -42.82
C GLY A 57 28.96 16.00 -41.53
N ASP A 58 28.81 17.28 -41.20
CA ASP A 58 28.13 17.76 -39.95
C ASP A 58 26.60 17.66 -40.14
N MET A 59 25.88 17.38 -39.04
CA MET A 59 24.40 17.18 -39.02
C MET A 59 23.71 18.50 -38.61
N ASN A 60 22.65 18.87 -39.31
CA ASN A 60 21.89 20.14 -39.12
C ASN A 60 20.52 19.85 -38.52
N ILE A 61 20.27 20.30 -37.28
CA ILE A 61 18.93 20.25 -36.61
C ILE A 61 18.35 21.67 -36.57
N LEU A 62 17.14 21.82 -37.08
CA LEU A 62 16.32 23.05 -36.98
C LEU A 62 15.15 22.79 -36.02
N LEU A 63 15.04 23.58 -34.96
CA LEU A 63 13.98 23.48 -33.93
C LEU A 63 13.13 24.75 -33.93
N LEU A 64 11.81 24.62 -34.07
CA LEU A 64 10.84 25.74 -34.09
C LEU A 64 9.89 25.64 -32.89
N GLU A 65 9.13 26.70 -32.64
CA GLU A 65 7.98 26.76 -31.70
C GLU A 65 8.44 26.51 -30.26
N ASN A 66 9.68 26.88 -29.95
CA ASN A 66 10.20 26.94 -28.55
C ASN A 66 10.18 25.53 -27.95
N VAL A 67 10.84 24.59 -28.59
CA VAL A 67 11.07 23.22 -28.06
C VAL A 67 11.90 23.34 -26.78
N ASN A 68 11.56 22.56 -25.77
CA ASN A 68 12.21 22.55 -24.43
C ASN A 68 13.74 22.40 -24.59
N ALA A 69 14.51 22.90 -23.63
CA ALA A 69 16.00 22.94 -23.64
C ALA A 69 16.57 21.51 -23.62
N THR A 70 15.89 20.59 -22.95
CA THR A 70 16.27 19.15 -22.84
C THR A 70 16.57 18.58 -24.24
N ALA A 71 15.73 18.92 -25.22
CA ALA A 71 15.89 18.52 -26.64
C ALA A 71 17.19 19.08 -27.18
N ILE A 72 17.43 20.36 -26.97
CA ILE A 72 18.64 21.11 -27.44
C ILE A 72 19.91 20.43 -26.88
N LYS A 73 19.92 20.11 -25.58
CA LYS A 73 21.08 19.48 -24.88
C LYS A 73 21.39 18.11 -25.54
N ILE A 74 20.36 17.30 -25.74
CA ILE A 74 20.48 15.92 -26.29
C ILE A 74 21.13 15.99 -27.68
N PHE A 75 20.70 16.93 -28.53
CA PHE A 75 21.14 17.08 -29.94
C PHE A 75 22.60 17.54 -30.01
N LYS A 76 22.97 18.53 -29.20
CA LYS A 76 24.34 19.11 -29.17
C LYS A 76 25.34 18.02 -28.70
N ASP A 77 24.96 17.23 -27.71
CA ASP A 77 25.79 16.14 -27.13
C ASP A 77 26.07 15.05 -28.17
N GLN A 78 25.29 15.01 -29.27
CA GLN A 78 25.48 14.03 -30.40
C GLN A 78 26.41 14.65 -31.46
N GLY A 79 26.76 15.93 -31.29
CA GLY A 79 27.64 16.66 -32.21
C GLY A 79 26.86 17.55 -33.17
N TYR A 80 25.57 17.27 -33.35
CA TYR A 80 24.70 17.97 -34.32
C TYR A 80 24.79 19.48 -34.08
N GLN A 81 24.78 20.25 -35.17
CA GLN A 81 24.65 21.73 -35.15
C GLN A 81 23.16 22.08 -35.06
N VAL A 82 22.77 22.80 -34.01
CA VAL A 82 21.35 23.07 -33.64
C VAL A 82 21.01 24.53 -33.92
N GLU A 83 19.97 24.78 -34.73
CA GLU A 83 19.36 26.12 -34.93
C GLU A 83 18.01 26.14 -34.20
N PHE A 84 17.87 27.06 -33.24
CA PHE A 84 16.69 27.17 -32.33
C PHE A 84 15.90 28.45 -32.68
N HIS A 85 14.57 28.39 -32.52
CA HIS A 85 13.60 29.52 -32.72
C HIS A 85 12.41 29.37 -31.75
N LYS A 86 12.03 30.46 -31.08
CA LYS A 86 10.93 30.50 -30.06
C LYS A 86 9.57 30.44 -30.76
N SER A 87 9.53 30.81 -32.04
CA SER A 87 8.29 30.89 -32.86
C SER A 87 8.46 30.06 -34.13
N SER A 88 7.39 29.94 -34.91
CA SER A 88 7.40 29.30 -36.25
C SER A 88 8.16 30.22 -37.22
N LEU A 89 8.27 29.80 -38.50
CA LEU A 89 8.82 30.63 -39.61
C LEU A 89 7.74 30.81 -40.67
N PRO A 90 7.78 31.90 -41.47
CA PRO A 90 6.91 32.04 -42.62
C PRO A 90 7.36 31.08 -43.74
N GLU A 91 6.41 30.63 -44.59
CA GLU A 91 6.66 29.60 -45.65
C GLU A 91 7.89 30.00 -46.49
N ASP A 92 8.20 31.30 -46.57
CA ASP A 92 9.35 31.86 -47.34
C ASP A 92 10.66 31.52 -46.61
N GLU A 93 10.86 32.07 -45.41
CA GLU A 93 12.11 31.92 -44.60
C GLU A 93 12.39 30.43 -44.34
N LEU A 94 11.33 29.61 -44.25
CA LEU A 94 11.42 28.14 -43.92
C LEU A 94 12.08 27.39 -45.07
N ILE A 95 11.50 27.46 -46.26
CA ILE A 95 11.96 26.74 -47.48
C ILE A 95 13.47 26.95 -47.67
N GLU A 96 13.96 28.16 -47.39
CA GLU A 96 15.40 28.53 -47.52
C GLU A 96 16.24 27.72 -46.52
N LYS A 97 15.68 27.45 -45.33
CA LYS A 97 16.40 26.80 -44.19
C LYS A 97 16.30 25.27 -44.31
N ILE A 98 15.17 24.74 -44.79
CA ILE A 98 14.88 23.26 -44.84
C ILE A 98 15.64 22.61 -46.00
N LYS A 99 16.33 23.41 -46.82
CA LYS A 99 17.16 22.92 -47.97
C LYS A 99 18.29 22.04 -47.42
N ASP A 100 18.98 22.53 -46.37
CA ASP A 100 20.24 21.95 -45.82
C ASP A 100 19.95 21.11 -44.57
N VAL A 101 18.73 21.20 -44.02
CA VAL A 101 18.38 20.61 -42.68
C VAL A 101 18.31 19.09 -42.79
N HIS A 102 18.92 18.40 -41.82
CA HIS A 102 18.96 16.91 -41.70
C HIS A 102 17.80 16.42 -40.84
N ALA A 103 17.39 17.21 -39.85
CA ALA A 103 16.27 16.90 -38.93
C ALA A 103 15.59 18.20 -38.47
N ILE A 104 14.26 18.26 -38.59
CA ILE A 104 13.43 19.42 -38.13
C ILE A 104 12.58 18.98 -36.93
N GLY A 105 12.57 19.80 -35.89
CA GLY A 105 11.66 19.66 -34.73
C GLY A 105 10.64 20.78 -34.72
N ILE A 106 9.36 20.43 -34.79
CA ILE A 106 8.21 21.37 -34.84
C ILE A 106 7.27 21.07 -33.69
N ARG A 107 6.24 21.88 -33.55
CA ARG A 107 5.05 21.60 -32.72
C ARG A 107 3.81 21.75 -33.62
N SER A 108 2.67 22.17 -33.08
CA SER A 108 1.34 22.11 -33.77
C SER A 108 1.22 23.21 -34.85
N LYS A 109 1.88 24.36 -34.68
CA LYS A 109 1.68 25.56 -35.54
C LYS A 109 2.33 25.35 -36.92
N THR A 110 3.65 25.08 -36.95
CA THR A 110 4.42 24.85 -38.22
C THR A 110 3.74 23.75 -39.04
N ARG A 111 3.19 24.11 -40.19
CA ARG A 111 2.59 23.15 -41.15
C ARG A 111 3.64 22.73 -42.18
N LEU A 112 3.95 21.44 -42.25
CA LEU A 112 4.91 20.85 -43.22
C LEU A 112 4.14 20.12 -44.32
N THR A 113 3.77 20.84 -45.37
CA THR A 113 2.98 20.36 -46.55
C THR A 113 3.93 19.83 -47.62
N GLU A 114 3.39 19.10 -48.59
CA GLU A 114 4.11 18.64 -49.81
C GLU A 114 4.88 19.83 -50.40
N LYS A 115 4.25 21.01 -50.43
CA LYS A 115 4.80 22.27 -50.99
C LYS A 115 6.19 22.55 -50.40
N ILE A 116 6.33 22.51 -49.08
CA ILE A 116 7.57 22.95 -48.34
C ILE A 116 8.51 21.75 -48.14
N LEU A 117 8.01 20.51 -48.21
CA LEU A 117 8.81 19.27 -47.96
C LEU A 117 9.55 18.84 -49.24
N GLN A 118 9.09 19.29 -50.41
CA GLN A 118 9.66 18.87 -51.73
C GLN A 118 11.05 19.50 -51.91
N HIS A 119 11.33 20.60 -51.20
CA HIS A 119 12.62 21.34 -51.24
C HIS A 119 13.61 20.73 -50.25
N ALA A 120 13.14 19.83 -49.38
CA ALA A 120 13.92 19.15 -48.33
C ALA A 120 14.89 18.15 -48.98
N ARG A 121 16.14 18.54 -49.16
CA ARG A 121 17.18 17.74 -49.85
C ARG A 121 17.69 16.63 -48.90
N ASN A 122 18.07 17.00 -47.68
CA ASN A 122 18.86 16.14 -46.75
C ASN A 122 17.99 15.66 -45.58
N LEU A 123 16.71 15.98 -45.56
CA LEU A 123 15.82 15.75 -44.38
C LEU A 123 15.69 14.24 -44.10
N VAL A 124 16.16 13.79 -42.93
CA VAL A 124 16.19 12.37 -42.49
C VAL A 124 14.90 12.05 -41.71
N CYS A 125 14.49 12.93 -40.80
CA CYS A 125 13.34 12.71 -39.86
C CYS A 125 12.74 14.03 -39.38
N ILE A 126 11.45 14.00 -39.02
CA ILE A 126 10.69 15.14 -38.42
C ILE A 126 10.31 14.78 -36.99
N GLY A 127 10.53 15.68 -36.06
CA GLY A 127 10.09 15.53 -34.65
C GLY A 127 8.91 16.44 -34.34
N CYS A 128 7.76 15.84 -34.07
CA CYS A 128 6.56 16.55 -33.55
C CYS A 128 6.62 16.56 -32.01
N PHE A 129 7.17 17.64 -31.42
CA PHE A 129 7.34 17.81 -29.96
C PHE A 129 6.01 18.18 -29.36
N CYS A 130 5.04 17.29 -29.53
CA CYS A 130 3.60 17.47 -29.22
C CYS A 130 2.85 16.21 -29.63
N ILE A 131 1.55 16.14 -29.31
CA ILE A 131 0.68 14.95 -29.60
C ILE A 131 0.34 14.90 -31.09
N GLY A 132 -0.17 16.00 -31.64
CA GLY A 132 -0.71 16.08 -33.03
C GLY A 132 0.37 15.94 -34.08
N THR A 133 0.02 15.37 -35.25
CA THR A 133 0.89 15.22 -36.44
C THR A 133 0.16 15.70 -37.72
N ASN A 134 -1.08 16.18 -37.58
CA ASN A 134 -1.94 16.68 -38.71
C ASN A 134 -1.22 17.80 -39.44
N GLN A 135 -0.33 18.52 -38.74
CA GLN A 135 0.41 19.68 -39.29
C GLN A 135 1.48 19.18 -40.29
N VAL A 136 1.62 17.86 -40.46
CA VAL A 136 2.63 17.24 -41.37
C VAL A 136 1.91 16.33 -42.37
N ASP A 137 2.26 16.44 -43.65
CA ASP A 137 1.86 15.50 -44.71
C ASP A 137 2.65 14.21 -44.52
N LEU A 138 2.12 13.28 -43.73
CA LEU A 138 2.78 11.99 -43.38
C LEU A 138 2.98 11.16 -44.66
N LYS A 139 1.89 10.90 -45.40
CA LYS A 139 1.91 10.11 -46.66
C LYS A 139 3.08 10.59 -47.55
N TYR A 140 3.18 11.89 -47.79
CA TYR A 140 4.24 12.49 -48.65
C TYR A 140 5.60 12.29 -47.99
N ALA A 141 5.73 12.73 -46.73
CA ALA A 141 6.98 12.61 -45.93
C ALA A 141 7.51 11.18 -46.04
N ALA A 142 6.62 10.20 -45.98
CA ALA A 142 6.91 8.74 -46.10
C ALA A 142 7.55 8.47 -47.46
N SER A 143 6.86 8.85 -48.54
CA SER A 143 7.25 8.61 -49.96
C SER A 143 8.67 9.16 -50.25
N LYS A 144 9.09 10.22 -49.54
CA LYS A 144 10.46 10.83 -49.67
C LYS A 144 11.42 10.14 -48.70
N GLY A 145 10.92 9.23 -47.88
CA GLY A 145 11.71 8.42 -46.92
C GLY A 145 12.00 9.17 -45.63
N ILE A 146 11.10 10.07 -45.23
CA ILE A 146 11.23 10.90 -44.00
C ILE A 146 10.35 10.29 -42.91
N ALA A 147 10.97 9.84 -41.83
CA ALA A 147 10.32 9.25 -40.63
C ALA A 147 9.87 10.39 -39.71
N VAL A 148 8.60 10.36 -39.29
CA VAL A 148 8.00 11.36 -38.37
C VAL A 148 7.77 10.71 -36.99
N PHE A 149 8.13 11.41 -35.94
CA PHE A 149 8.01 10.98 -34.52
C PHE A 149 7.24 12.05 -33.73
N ASN A 150 6.55 11.65 -32.68
CA ASN A 150 5.74 12.54 -31.81
C ASN A 150 5.83 12.07 -30.35
N SER A 151 5.11 12.74 -29.45
CA SER A 151 5.01 12.41 -27.99
C SER A 151 3.54 12.35 -27.58
N PRO A 152 2.88 11.17 -27.76
CA PRO A 152 1.45 11.07 -27.52
C PRO A 152 0.99 11.12 -26.05
N PHE A 153 1.81 10.62 -25.11
CA PHE A 153 1.37 10.29 -23.70
C PHE A 153 2.24 11.02 -22.65
N SER A 154 3.00 12.02 -23.07
CA SER A 154 3.93 12.80 -22.21
C SER A 154 3.16 13.70 -21.22
N ASN A 155 1.85 13.90 -21.42
CA ASN A 155 1.03 14.95 -20.73
C ASN A 155 0.05 14.31 -19.74
N SER A 156 0.04 12.99 -19.61
CA SER A 156 -0.95 12.22 -18.80
C SER A 156 -1.04 12.79 -17.38
N ARG A 157 0.08 12.79 -16.65
CA ARG A 157 0.16 13.23 -15.23
C ARG A 157 -0.39 14.65 -15.11
N SER A 158 0.02 15.55 -16.02
CA SER A 158 -0.31 17.00 -15.99
C SER A 158 -1.83 17.20 -16.09
N VAL A 159 -2.50 16.40 -16.91
CA VAL A 159 -3.99 16.48 -17.09
C VAL A 159 -4.67 15.89 -15.85
N ALA A 160 -4.14 14.79 -15.31
CA ALA A 160 -4.69 14.10 -14.12
C ALA A 160 -4.69 15.06 -12.93
N GLU A 161 -3.54 15.68 -12.64
CA GLU A 161 -3.37 16.66 -11.52
C GLU A 161 -4.37 17.79 -11.69
N LEU A 162 -4.45 18.37 -12.89
CA LEU A 162 -5.39 19.47 -13.21
C LEU A 162 -6.79 19.07 -12.76
N VAL A 163 -7.21 17.85 -13.06
CA VAL A 163 -8.62 17.38 -12.83
C VAL A 163 -8.86 17.27 -11.31
N ILE A 164 -7.90 16.74 -10.56
CA ILE A 164 -7.98 16.68 -9.07
C ILE A 164 -8.22 18.10 -8.57
N GLY A 165 -7.34 19.03 -8.97
CA GLY A 165 -7.46 20.47 -8.65
C GLY A 165 -8.84 21.00 -8.97
N GLU A 166 -9.34 20.72 -10.17
CA GLU A 166 -10.62 21.26 -10.68
C GLU A 166 -11.78 20.62 -9.90
N ILE A 167 -11.67 19.34 -9.55
CA ILE A 167 -12.72 18.62 -8.74
C ILE A 167 -12.88 19.37 -7.41
N ILE A 168 -11.78 19.57 -6.69
CA ILE A 168 -11.77 20.27 -5.37
C ILE A 168 -12.28 21.70 -5.56
N SER A 169 -11.80 22.39 -6.60
CA SER A 169 -12.11 23.80 -6.88
C SER A 169 -13.62 23.98 -7.08
N LEU A 170 -14.23 23.13 -7.91
CA LEU A 170 -15.69 23.13 -8.20
C LEU A 170 -16.47 22.75 -6.94
N ALA A 171 -16.00 21.72 -6.26
CA ALA A 171 -16.60 21.18 -5.01
C ALA A 171 -16.75 22.30 -3.96
N ARG A 172 -15.83 23.28 -3.98
CA ARG A 172 -15.72 24.33 -2.93
C ARG A 172 -16.03 25.72 -3.53
N GLN A 173 -16.12 25.80 -4.86
CA GLN A 173 -16.38 27.06 -5.61
C GLN A 173 -15.25 28.07 -5.34
N LEU A 174 -13.99 27.63 -5.42
CA LEU A 174 -12.80 28.48 -5.13
C LEU A 174 -12.78 29.66 -6.08
N GLY A 175 -12.80 29.39 -7.38
CA GLY A 175 -12.83 30.42 -8.44
C GLY A 175 -13.76 31.56 -8.07
N ASP A 176 -15.03 31.24 -7.79
CA ASP A 176 -16.10 32.22 -7.46
C ASP A 176 -15.68 33.01 -6.19
N ARG A 177 -15.34 32.30 -5.12
CA ARG A 177 -14.95 32.88 -3.81
C ARG A 177 -13.85 33.92 -4.00
N SER A 178 -12.80 33.56 -4.75
CA SER A 178 -11.59 34.38 -4.95
C SER A 178 -11.91 35.60 -5.83
N ILE A 179 -12.81 35.42 -6.79
CA ILE A 179 -13.27 36.50 -7.71
C ILE A 179 -14.09 37.51 -6.89
N GLU A 180 -14.98 37.02 -6.03
CA GLU A 180 -15.81 37.84 -5.12
C GLU A 180 -14.91 38.77 -4.28
N LEU A 181 -13.94 38.18 -3.57
CA LEU A 181 -13.03 38.90 -2.62
C LEU A 181 -12.17 39.90 -3.39
N HIS A 182 -11.81 39.60 -4.62
CA HIS A 182 -10.99 40.48 -5.49
C HIS A 182 -11.79 41.73 -5.87
N THR A 183 -13.12 41.59 -6.03
CA THR A 183 -14.08 42.69 -6.30
C THR A 183 -14.58 43.27 -4.96
N GLY A 184 -14.06 42.76 -3.85
CA GLY A 184 -14.28 43.31 -2.49
C GLY A 184 -15.42 42.63 -1.74
N THR A 185 -16.06 41.63 -2.36
CA THR A 185 -17.24 40.90 -1.78
C THR A 185 -16.77 39.72 -0.92
N TRP A 186 -17.31 39.62 0.29
CA TRP A 186 -17.04 38.54 1.28
C TRP A 186 -18.27 37.64 1.37
N ASN A 187 -18.21 36.46 0.76
CA ASN A 187 -19.35 35.53 0.64
C ASN A 187 -18.96 34.15 1.17
N LYS A 188 -18.89 34.01 2.49
CA LYS A 188 -18.60 32.73 3.18
C LYS A 188 -19.82 31.82 3.03
N VAL A 189 -19.71 30.78 2.20
CA VAL A 189 -20.82 29.86 1.83
C VAL A 189 -20.35 28.41 1.98
N ALA A 190 -21.15 27.59 2.68
CA ALA A 190 -20.91 26.14 2.88
C ALA A 190 -22.01 25.33 2.18
N ALA A 191 -23.09 25.98 1.78
CA ALA A 191 -24.26 25.37 1.10
C ALA A 191 -23.82 24.73 -0.22
N ARG A 192 -24.07 23.43 -0.37
CA ARG A 192 -23.75 22.65 -1.59
C ARG A 192 -22.26 22.88 -1.96
N CYS A 193 -21.41 23.05 -0.95
CA CYS A 193 -19.93 22.93 -1.03
C CYS A 193 -19.49 21.67 -0.28
N TRP A 194 -18.63 20.84 -0.91
CA TRP A 194 -18.41 19.44 -0.47
C TRP A 194 -16.94 19.14 -0.21
N GLU A 195 -16.68 18.27 0.77
CA GLU A 195 -15.48 17.41 0.82
C GLU A 195 -15.59 16.42 -0.34
N VAL A 196 -14.51 16.20 -1.07
CA VAL A 196 -14.48 15.26 -2.22
C VAL A 196 -14.47 13.81 -1.67
N ARG A 197 -13.97 13.62 -0.46
CA ARG A 197 -13.94 12.30 0.21
C ARG A 197 -15.36 11.76 0.32
N GLY A 198 -15.58 10.52 -0.13
CA GLY A 198 -16.88 9.83 -0.07
C GLY A 198 -17.75 10.11 -1.28
N LYS A 199 -17.29 11.01 -2.16
CA LYS A 199 -17.96 11.34 -3.45
C LYS A 199 -17.52 10.33 -4.52
N THR A 200 -18.26 10.25 -5.61
CA THR A 200 -18.00 9.32 -6.73
C THR A 200 -17.52 10.10 -7.96
N LEU A 201 -16.37 9.72 -8.48
CA LEU A 201 -15.81 10.24 -9.76
C LEU A 201 -16.14 9.26 -10.87
N GLY A 202 -16.81 9.74 -11.91
CA GLY A 202 -17.10 8.98 -13.15
C GLY A 202 -16.09 9.29 -14.23
N ILE A 203 -15.18 8.36 -14.49
CA ILE A 203 -14.11 8.51 -15.52
C ILE A 203 -14.58 7.87 -16.81
N ILE A 204 -14.94 8.69 -17.78
CA ILE A 204 -15.30 8.25 -19.16
C ILE A 204 -14.01 8.16 -19.98
N GLY A 205 -13.54 6.95 -20.23
CA GLY A 205 -12.28 6.69 -20.93
C GLY A 205 -11.14 6.44 -19.95
N TYR A 206 -10.84 5.18 -19.67
CA TYR A 206 -9.85 4.70 -18.68
C TYR A 206 -8.52 4.38 -19.38
N GLY A 207 -8.02 5.33 -20.18
CA GLY A 207 -6.75 5.23 -20.91
C GLY A 207 -5.57 5.63 -20.04
N HIS A 208 -4.57 6.30 -20.64
CA HIS A 208 -3.32 6.75 -19.97
C HIS A 208 -3.65 7.75 -18.87
N ILE A 209 -4.47 8.74 -19.20
CA ILE A 209 -4.87 9.86 -18.28
C ILE A 209 -5.92 9.34 -17.29
N GLY A 210 -6.96 8.69 -17.81
CA GLY A 210 -8.09 8.19 -17.01
C GLY A 210 -7.62 7.31 -15.88
N SER A 211 -6.63 6.45 -16.14
CA SER A 211 -6.12 5.43 -15.17
C SER A 211 -5.23 6.10 -14.12
N GLN A 212 -4.37 7.06 -14.53
CA GLN A 212 -3.54 7.87 -13.59
C GLN A 212 -4.48 8.66 -12.67
N LEU A 213 -5.52 9.26 -13.24
CA LEU A 213 -6.55 10.03 -12.50
C LEU A 213 -7.22 9.11 -11.47
N SER A 214 -7.49 7.86 -11.83
CA SER A 214 -8.16 6.86 -10.97
C SER A 214 -7.43 6.73 -9.63
N VAL A 215 -6.12 6.54 -9.70
CA VAL A 215 -5.24 6.33 -8.50
C VAL A 215 -5.30 7.57 -7.61
N LEU A 216 -4.99 8.76 -8.17
CA LEU A 216 -5.04 10.07 -7.45
C LEU A 216 -6.40 10.24 -6.77
N ALA A 217 -7.49 10.00 -7.52
CA ALA A 217 -8.89 10.21 -7.07
C ALA A 217 -9.20 9.31 -5.85
N GLU A 218 -8.68 8.09 -5.84
CA GLU A 218 -8.85 7.14 -4.70
C GLU A 218 -8.05 7.68 -3.51
N ALA A 219 -6.81 8.09 -3.75
CA ALA A 219 -5.90 8.72 -2.78
C ALA A 219 -6.61 9.92 -2.10
N MET A 220 -7.39 10.71 -2.86
CA MET A 220 -8.17 11.88 -2.35
C MET A 220 -9.51 11.41 -1.76
N GLY A 221 -9.73 10.09 -1.71
CA GLY A 221 -10.86 9.47 -0.98
C GLY A 221 -12.13 9.40 -1.82
N LEU A 222 -12.01 9.46 -3.14
CA LEU A 222 -13.17 9.35 -4.08
C LEU A 222 -13.37 7.89 -4.48
N HIS A 223 -14.64 7.47 -4.59
CA HIS A 223 -15.06 6.23 -5.29
C HIS A 223 -14.92 6.49 -6.79
N VAL A 224 -14.36 5.53 -7.52
CA VAL A 224 -14.07 5.66 -8.98
C VAL A 224 -14.87 4.63 -9.75
N LEU A 225 -15.95 5.04 -10.40
CA LEU A 225 -16.60 4.31 -11.52
C LEU A 225 -15.95 4.76 -12.81
N TYR A 226 -15.87 3.89 -13.80
CA TYR A 226 -15.37 4.24 -15.16
C TYR A 226 -16.12 3.43 -16.21
N TYR A 227 -16.61 4.12 -17.23
CA TYR A 227 -17.15 3.54 -18.48
C TYR A 227 -16.12 3.65 -19.59
N ASP A 228 -15.86 2.55 -20.27
CA ASP A 228 -14.99 2.47 -21.47
C ASP A 228 -15.67 1.52 -22.45
N ILE A 229 -15.38 1.67 -23.74
CA ILE A 229 -15.95 0.83 -24.83
C ILE A 229 -15.20 -0.51 -24.85
N VAL A 230 -14.04 -0.56 -24.21
CA VAL A 230 -13.19 -1.76 -24.05
C VAL A 230 -13.19 -2.15 -22.57
N THR A 231 -13.21 -3.45 -22.28
CA THR A 231 -13.08 -4.01 -20.92
C THR A 231 -11.62 -3.83 -20.50
N ILE A 232 -11.40 -3.18 -19.37
CA ILE A 232 -10.05 -2.79 -18.89
C ILE A 232 -9.89 -3.22 -17.43
N MET A 233 -8.72 -3.77 -17.09
CA MET A 233 -8.32 -4.16 -15.72
C MET A 233 -8.26 -2.90 -14.85
N ALA A 234 -9.15 -2.81 -13.86
CA ALA A 234 -9.24 -1.68 -12.90
C ALA A 234 -7.92 -1.56 -12.13
N LEU A 235 -7.53 -0.32 -11.80
CA LEU A 235 -6.45 -0.02 -10.82
C LEU A 235 -7.10 0.21 -9.45
N GLY A 236 -6.38 -0.08 -8.38
CA GLY A 236 -6.88 0.01 -7.00
C GLY A 236 -8.22 -0.67 -6.87
N THR A 237 -9.22 0.05 -6.37
CA THR A 237 -10.59 -0.46 -6.07
C THR A 237 -11.62 0.26 -6.93
N ALA A 238 -11.24 0.63 -8.15
CA ALA A 238 -12.11 1.23 -9.18
C ALA A 238 -12.97 0.12 -9.80
N ARG A 239 -14.16 0.47 -10.27
CA ARG A 239 -15.15 -0.50 -10.79
C ARG A 239 -15.60 -0.04 -12.18
N GLN A 240 -15.36 -0.87 -13.20
CA GLN A 240 -15.87 -0.64 -14.57
C GLN A 240 -17.38 -0.87 -14.58
N VAL A 241 -18.12 -0.03 -15.29
CA VAL A 241 -19.61 -0.11 -15.38
C VAL A 241 -19.98 -0.34 -16.85
N SER A 242 -21.08 -1.08 -17.07
CA SER A 242 -21.51 -1.60 -18.40
C SER A 242 -21.97 -0.46 -19.30
N THR A 243 -22.77 0.47 -18.78
CA THR A 243 -23.38 1.60 -19.55
C THR A 243 -22.89 2.95 -19.02
N LEU A 244 -22.65 3.89 -19.92
CA LEU A 244 -22.42 5.32 -19.60
C LEU A 244 -23.55 5.81 -18.67
N ASP A 245 -24.78 5.43 -18.96
CA ASP A 245 -26.01 5.87 -18.22
C ASP A 245 -25.87 5.49 -16.74
N GLU A 246 -25.32 4.32 -16.43
CA GLU A 246 -25.08 3.86 -15.02
C GLU A 246 -24.12 4.84 -14.35
N LEU A 247 -22.96 5.10 -15.00
CA LEU A 247 -21.92 6.03 -14.50
C LEU A 247 -22.56 7.39 -14.20
N LEU A 248 -23.31 7.95 -15.16
CA LEU A 248 -23.94 9.30 -15.05
C LEU A 248 -24.93 9.34 -13.86
N ASN A 249 -25.58 8.21 -13.57
CA ASN A 249 -26.61 8.10 -12.50
C ASN A 249 -25.94 8.17 -11.12
N LYS A 250 -24.77 7.56 -11.00
CA LYS A 250 -24.13 7.20 -9.70
C LYS A 250 -22.95 8.12 -9.38
N SER A 251 -22.50 8.92 -10.34
CA SER A 251 -21.32 9.80 -10.21
C SER A 251 -21.72 11.19 -9.72
N ASP A 252 -20.84 11.82 -8.96
CA ASP A 252 -20.96 13.21 -8.48
C ASP A 252 -20.16 14.13 -9.43
N PHE A 253 -18.99 13.66 -9.84
CA PHE A 253 -18.10 14.33 -10.83
C PHE A 253 -17.92 13.41 -12.03
N VAL A 254 -18.22 13.93 -13.22
CA VAL A 254 -18.01 13.23 -14.52
C VAL A 254 -16.89 13.95 -15.26
N THR A 255 -15.86 13.21 -15.65
CA THR A 255 -14.69 13.73 -16.42
C THR A 255 -14.47 12.82 -17.63
N LEU A 256 -14.18 13.42 -18.77
CA LEU A 256 -13.97 12.73 -20.06
C LEU A 256 -12.48 12.65 -20.35
N HIS A 257 -12.02 11.48 -20.77
CA HIS A 257 -10.61 11.21 -21.15
C HIS A 257 -10.60 10.27 -22.35
N VAL A 258 -11.25 10.70 -23.43
CA VAL A 258 -11.55 9.91 -24.65
C VAL A 258 -10.92 10.60 -25.85
N PRO A 259 -10.61 9.87 -26.94
CA PRO A 259 -10.16 10.50 -28.18
C PRO A 259 -11.33 11.18 -28.91
N ALA A 260 -11.04 11.87 -30.00
CA ALA A 260 -12.03 12.44 -30.93
C ALA A 260 -12.42 11.36 -31.95
N THR A 261 -13.69 10.92 -31.91
CA THR A 261 -14.29 9.95 -32.86
C THR A 261 -15.75 10.32 -33.05
N PRO A 262 -16.41 9.81 -34.12
CA PRO A 262 -17.85 10.06 -34.30
C PRO A 262 -18.69 9.61 -33.10
N GLU A 263 -18.23 8.59 -32.37
CA GLU A 263 -18.92 8.01 -31.18
C GLU A 263 -18.84 8.99 -29.99
N THR A 264 -17.74 9.75 -29.88
CA THR A 264 -17.46 10.68 -28.74
C THR A 264 -18.05 12.08 -29.02
N GLU A 265 -18.21 12.43 -30.29
CA GLU A 265 -18.78 13.74 -30.74
C GLU A 265 -20.06 14.02 -29.92
N LYS A 266 -20.07 15.12 -29.17
CA LYS A 266 -21.22 15.58 -28.34
C LYS A 266 -21.86 14.39 -27.62
N MET A 267 -21.03 13.45 -27.10
CA MET A 267 -21.52 12.23 -26.40
C MET A 267 -22.17 12.61 -25.06
N LEU A 268 -21.74 13.73 -24.46
CA LEU A 268 -22.43 14.37 -23.30
C LEU A 268 -23.31 15.50 -23.81
N SER A 269 -24.62 15.27 -23.86
CA SER A 269 -25.64 16.24 -24.31
C SER A 269 -26.87 16.13 -23.41
N ALA A 270 -27.90 16.92 -23.71
CA ALA A 270 -29.13 17.08 -22.89
C ALA A 270 -29.51 15.74 -22.23
N PRO A 271 -29.66 14.63 -23.00
CA PRO A 271 -30.06 13.35 -22.43
C PRO A 271 -29.12 12.82 -21.33
N GLN A 272 -27.81 13.05 -21.49
CA GLN A 272 -26.75 12.60 -20.54
C GLN A 272 -26.83 13.44 -19.26
N PHE A 273 -26.89 14.76 -19.41
CA PHE A 273 -27.03 15.74 -18.30
C PHE A 273 -28.31 15.44 -17.50
N ALA A 274 -29.36 14.98 -18.20
CA ALA A 274 -30.67 14.61 -17.62
C ALA A 274 -30.52 13.33 -16.80
N ALA A 275 -29.55 12.49 -17.15
CA ALA A 275 -29.26 11.18 -16.52
C ALA A 275 -28.34 11.35 -15.32
N MET A 276 -27.70 12.52 -15.20
CA MET A 276 -26.73 12.84 -14.11
C MET A 276 -27.50 13.29 -12.87
N LYS A 277 -26.84 13.25 -11.70
CA LYS A 277 -27.42 13.64 -10.38
C LYS A 277 -27.67 15.13 -10.36
N ASP A 278 -28.66 15.57 -9.59
CA ASP A 278 -28.92 17.00 -9.30
C ASP A 278 -27.68 17.56 -8.57
N GLY A 279 -27.06 18.60 -9.12
CA GLY A 279 -25.91 19.30 -8.53
C GLY A 279 -24.60 18.57 -8.78
N ALA A 280 -24.55 17.75 -9.82
CA ALA A 280 -23.33 17.04 -10.30
C ALA A 280 -22.43 18.02 -11.07
N TYR A 281 -21.23 17.58 -11.42
CA TYR A 281 -20.15 18.42 -12.02
C TYR A 281 -19.58 17.74 -13.26
N VAL A 282 -19.32 18.54 -14.30
CA VAL A 282 -18.82 18.06 -15.62
C VAL A 282 -17.45 18.66 -15.87
N ILE A 283 -16.47 17.80 -16.13
CA ILE A 283 -15.06 18.19 -16.39
C ILE A 283 -14.63 17.61 -17.73
N ASN A 284 -14.25 18.46 -18.67
CA ASN A 284 -13.76 18.03 -20.01
C ASN A 284 -12.39 18.65 -20.30
N ALA A 285 -11.34 17.85 -20.11
CA ALA A 285 -9.97 18.15 -20.54
C ALA A 285 -9.55 17.12 -21.60
N SER A 286 -10.52 16.59 -22.34
CA SER A 286 -10.31 15.58 -23.42
C SER A 286 -10.19 16.29 -24.76
N ARG A 287 -11.33 16.56 -25.42
CA ARG A 287 -11.40 17.12 -26.79
C ARG A 287 -12.57 18.12 -26.87
N GLY A 288 -12.46 19.11 -27.77
CA GLY A 288 -13.37 20.27 -27.86
C GLY A 288 -14.76 19.89 -28.39
N THR A 289 -14.90 18.70 -28.97
CA THR A 289 -16.12 18.25 -29.71
C THR A 289 -16.99 17.35 -28.83
N VAL A 290 -16.44 16.85 -27.73
CA VAL A 290 -17.00 15.70 -26.96
C VAL A 290 -18.16 16.15 -26.06
N VAL A 291 -18.25 17.44 -25.76
CA VAL A 291 -19.34 18.01 -24.93
C VAL A 291 -20.16 18.98 -25.78
N ASP A 292 -21.49 18.89 -25.67
CA ASP A 292 -22.44 19.84 -26.31
C ASP A 292 -22.61 21.03 -25.38
N ILE A 293 -21.85 22.10 -25.63
CA ILE A 293 -21.73 23.29 -24.72
C ILE A 293 -23.13 23.88 -24.46
N PRO A 294 -23.99 24.05 -25.49
CA PRO A 294 -25.30 24.68 -25.31
C PRO A 294 -26.22 23.84 -24.40
N SER A 295 -26.10 22.51 -24.44
CA SER A 295 -26.80 21.56 -23.52
C SER A 295 -26.28 21.77 -22.09
N LEU A 296 -24.97 21.78 -21.92
CA LEU A 296 -24.29 22.05 -20.62
C LEU A 296 -24.80 23.38 -20.07
N ILE A 297 -24.84 24.41 -20.91
CA ILE A 297 -25.24 25.79 -20.53
C ILE A 297 -26.69 25.76 -20.01
N GLN A 298 -27.58 25.05 -20.71
CA GLN A 298 -29.01 24.84 -20.33
C GLN A 298 -29.06 24.17 -18.96
N ALA A 299 -28.36 23.03 -18.84
CA ALA A 299 -28.29 22.18 -17.62
C ALA A 299 -27.84 23.03 -16.43
N VAL A 300 -26.77 23.83 -16.61
CA VAL A 300 -26.23 24.73 -15.55
C VAL A 300 -27.32 25.74 -15.17
N LYS A 301 -27.93 26.39 -16.17
CA LYS A 301 -28.99 27.43 -15.97
C LYS A 301 -30.22 26.81 -15.30
N ALA A 302 -30.47 25.52 -15.52
CA ALA A 302 -31.62 24.77 -14.99
C ALA A 302 -31.29 24.21 -13.58
N ASN A 303 -30.14 24.61 -13.02
CA ASN A 303 -29.69 24.22 -11.65
C ASN A 303 -29.50 22.70 -11.58
N LYS A 304 -29.28 22.04 -12.71
CA LYS A 304 -29.08 20.57 -12.81
C LYS A 304 -27.60 20.26 -12.58
N ILE A 305 -26.71 21.03 -13.19
CA ILE A 305 -25.23 20.92 -13.05
C ILE A 305 -24.74 22.09 -12.17
N ALA A 306 -24.08 21.75 -11.06
CA ALA A 306 -23.64 22.70 -10.01
C ALA A 306 -22.38 23.45 -10.46
N GLY A 307 -21.64 22.89 -11.42
CA GLY A 307 -20.41 23.51 -11.95
C GLY A 307 -19.73 22.63 -12.99
N ALA A 308 -18.79 23.21 -13.74
CA ALA A 308 -18.05 22.54 -14.83
C ALA A 308 -16.68 23.20 -15.02
N ALA A 309 -15.76 22.48 -15.62
CA ALA A 309 -14.41 22.94 -15.98
C ALA A 309 -14.05 22.44 -17.37
N LEU A 310 -13.89 23.35 -18.33
CA LEU A 310 -13.55 23.05 -19.74
C LEU A 310 -12.14 23.55 -20.04
N ASP A 311 -11.30 22.70 -20.62
CA ASP A 311 -9.91 23.03 -21.03
C ASP A 311 -9.87 23.10 -22.57
N VAL A 312 -10.92 22.60 -23.22
CA VAL A 312 -10.99 22.37 -24.70
C VAL A 312 -12.36 22.77 -25.21
N TYR A 313 -12.42 23.27 -26.44
CA TYR A 313 -13.62 23.85 -27.08
C TYR A 313 -13.63 23.48 -28.56
N PRO A 314 -14.83 23.45 -29.22
CA PRO A 314 -14.93 23.11 -30.65
C PRO A 314 -14.04 23.98 -31.54
N HIS A 315 -13.92 25.27 -31.22
CA HIS A 315 -13.06 26.25 -31.94
C HIS A 315 -12.17 26.98 -30.93
N GLU A 316 -10.86 27.01 -31.19
CA GLU A 316 -9.84 27.63 -30.30
C GLU A 316 -8.98 28.59 -31.11
N PRO A 317 -8.49 29.70 -30.51
CA PRO A 317 -7.51 30.56 -31.17
C PRO A 317 -6.25 29.78 -31.58
N ALA A 318 -5.59 30.24 -32.63
CA ALA A 318 -4.31 29.68 -33.14
C ALA A 318 -3.13 30.36 -32.43
N LYS A 319 -3.38 31.50 -31.80
CA LYS A 319 -2.34 32.33 -31.12
C LYS A 319 -2.92 32.86 -29.80
N ASN A 320 -2.04 33.13 -28.83
CA ASN A 320 -2.41 33.85 -27.58
C ASN A 320 -2.79 35.29 -27.94
N GLY A 321 -3.93 35.77 -27.45
CA GLY A 321 -4.47 37.10 -27.78
C GLY A 321 -5.59 37.49 -26.83
N GLU A 322 -5.83 38.79 -26.66
CA GLU A 322 -6.67 39.35 -25.58
C GLU A 322 -8.15 39.40 -26.00
N GLY A 323 -8.45 39.36 -27.29
CA GLY A 323 -9.85 39.35 -27.77
C GLY A 323 -10.21 38.05 -28.48
N SER A 324 -9.44 37.00 -28.23
CA SER A 324 -9.44 35.73 -29.02
C SER A 324 -10.67 34.88 -28.68
N PHE A 325 -11.09 34.86 -27.41
CA PHE A 325 -12.17 33.97 -26.87
C PHE A 325 -13.49 34.76 -26.80
N ASN A 326 -14.30 34.68 -27.86
CA ASN A 326 -15.47 35.57 -28.10
C ASN A 326 -16.53 34.83 -28.92
N ASP A 327 -17.65 35.51 -29.20
CA ASP A 327 -18.85 34.94 -29.89
C ASP A 327 -18.52 34.65 -31.35
N GLU A 328 -17.50 35.30 -31.91
CA GLU A 328 -17.01 35.07 -33.31
C GLU A 328 -16.39 33.67 -33.39
N LEU A 329 -15.73 33.23 -32.33
CA LEU A 329 -15.02 31.92 -32.23
C LEU A 329 -16.01 30.81 -31.87
N ASN A 330 -16.82 31.05 -30.84
CA ASN A 330 -17.91 30.15 -30.39
C ASN A 330 -19.13 31.02 -30.04
N SER A 331 -20.25 30.78 -30.71
CA SER A 331 -21.49 31.61 -30.64
C SER A 331 -21.92 31.83 -29.17
N TRP A 332 -21.61 30.88 -28.27
CA TRP A 332 -22.19 30.79 -26.90
C TRP A 332 -21.23 31.34 -25.82
N THR A 333 -20.00 31.72 -26.18
CA THR A 333 -18.95 32.17 -25.20
C THR A 333 -19.57 33.15 -24.19
N SER A 334 -20.13 34.25 -24.67
CA SER A 334 -20.66 35.37 -23.83
C SER A 334 -21.73 34.85 -22.86
N GLU A 335 -22.47 33.81 -23.26
CA GLU A 335 -23.52 33.16 -22.42
C GLU A 335 -22.84 32.24 -21.39
N LEU A 336 -21.83 31.48 -21.84
CA LEU A 336 -21.04 30.52 -21.01
C LEU A 336 -20.33 31.26 -19.87
N VAL A 337 -19.64 32.36 -20.19
CA VAL A 337 -18.81 33.16 -19.22
C VAL A 337 -19.73 33.91 -18.24
N SER A 338 -21.05 33.84 -18.45
CA SER A 338 -22.09 34.51 -17.60
C SER A 338 -22.46 33.61 -16.44
N LEU A 339 -22.06 32.34 -16.47
CA LEU A 339 -22.53 31.28 -15.54
C LEU A 339 -21.61 31.20 -14.33
N PRO A 340 -22.16 30.89 -13.13
CA PRO A 340 -21.36 30.72 -11.94
C PRO A 340 -20.74 29.32 -11.83
N ASN A 341 -19.58 29.23 -11.17
CA ASN A 341 -18.85 27.96 -10.86
C ASN A 341 -18.49 27.21 -12.15
N ILE A 342 -18.12 27.92 -13.20
CA ILE A 342 -17.59 27.32 -14.47
C ILE A 342 -16.13 27.76 -14.63
N ILE A 343 -15.20 26.81 -14.49
CA ILE A 343 -13.73 27.03 -14.70
C ILE A 343 -13.42 26.86 -16.19
N LEU A 344 -12.87 27.88 -16.82
CA LEU A 344 -12.46 27.86 -18.25
C LEU A 344 -10.97 28.03 -18.34
N THR A 345 -10.30 27.18 -19.10
CA THR A 345 -8.83 27.18 -19.28
C THR A 345 -8.49 27.05 -20.75
N PRO A 346 -7.43 27.75 -21.21
CA PRO A 346 -7.05 27.72 -22.61
C PRO A 346 -6.16 26.53 -22.96
N HIS A 347 -6.70 25.32 -22.86
CA HIS A 347 -6.05 24.07 -23.32
C HIS A 347 -4.67 23.95 -22.66
N ILE A 348 -4.63 23.97 -21.33
CA ILE A 348 -3.36 23.97 -20.51
C ILE A 348 -3.17 22.61 -19.85
N GLY A 349 -4.02 21.63 -20.16
CA GLY A 349 -3.97 20.27 -19.60
C GLY A 349 -2.54 19.73 -19.47
N GLY A 350 -1.72 19.96 -20.49
CA GLY A 350 -0.31 19.47 -20.55
C GLY A 350 0.68 20.61 -20.49
N SER A 351 0.24 21.80 -20.09
CA SER A 351 1.06 23.03 -20.03
C SER A 351 1.80 23.11 -18.70
N THR A 352 2.85 22.28 -18.55
CA THR A 352 3.76 22.24 -17.37
C THR A 352 5.20 22.07 -17.84
N GLU A 353 6.15 22.53 -17.03
CA GLU A 353 7.61 22.43 -17.32
C GLU A 353 8.00 20.95 -17.41
N GLU A 354 7.41 20.12 -16.53
CA GLU A 354 7.63 18.64 -16.54
C GLU A 354 7.28 18.08 -17.92
N ALA A 355 6.03 18.27 -18.35
CA ALA A 355 5.47 17.77 -19.63
C ALA A 355 6.38 18.15 -20.79
N GLN A 356 6.65 19.44 -20.95
CA GLN A 356 7.48 19.99 -22.08
C GLN A 356 8.87 19.37 -22.01
N SER A 357 9.42 19.22 -20.81
CA SER A 357 10.76 18.64 -20.55
C SER A 357 10.82 17.21 -21.09
N SER A 358 9.89 16.35 -20.66
CA SER A 358 9.83 14.91 -21.02
C SER A 358 9.46 14.76 -22.51
N ILE A 359 8.67 15.68 -23.06
CA ILE A 359 8.38 15.74 -24.54
C ILE A 359 9.71 15.94 -25.26
N GLY A 360 10.50 16.91 -24.79
CA GLY A 360 11.83 17.20 -25.34
C GLY A 360 12.73 15.97 -25.33
N ILE A 361 12.75 15.24 -24.22
CA ILE A 361 13.59 14.02 -24.06
C ILE A 361 13.07 12.93 -24.98
N GLU A 362 11.80 12.55 -24.84
CA GLU A 362 11.14 11.44 -25.59
C GLU A 362 11.48 11.57 -27.08
N VAL A 363 11.22 12.75 -27.65
CA VAL A 363 11.26 12.99 -29.13
C VAL A 363 12.73 13.15 -29.58
N ALA A 364 13.49 14.01 -28.92
CA ALA A 364 14.93 14.23 -29.20
C ALA A 364 15.66 12.89 -29.20
N THR A 365 15.40 12.07 -28.19
CA THR A 365 15.91 10.68 -28.08
C THR A 365 15.49 9.89 -29.33
N ALA A 366 14.20 9.91 -29.67
CA ALA A 366 13.62 9.16 -30.81
C ALA A 366 14.37 9.50 -32.09
N LEU A 367 14.55 10.80 -32.37
CA LEU A 367 15.25 11.30 -33.59
C LEU A 367 16.71 10.84 -33.56
N SER A 368 17.36 10.99 -32.40
CA SER A 368 18.77 10.64 -32.18
C SER A 368 19.01 9.17 -32.50
N LYS A 369 18.14 8.30 -31.98
CA LYS A 369 18.23 6.83 -32.16
C LYS A 369 17.94 6.48 -33.61
N TYR A 370 17.05 7.22 -34.28
CA TYR A 370 16.74 7.02 -35.73
C TYR A 370 17.96 7.43 -36.56
N ILE A 371 18.53 8.59 -36.27
CA ILE A 371 19.69 9.16 -37.00
C ILE A 371 20.93 8.27 -36.75
N ASN A 372 21.13 7.80 -35.52
CA ASN A 372 22.41 7.14 -35.07
C ASN A 372 22.34 5.62 -35.29
N GLU A 373 21.13 5.03 -35.26
CA GLU A 373 20.96 3.55 -35.25
C GLU A 373 19.89 3.13 -36.29
N GLY A 374 19.20 4.08 -36.90
CA GLY A 374 18.13 3.81 -37.89
C GLY A 374 16.84 3.29 -37.24
N ASN A 375 16.77 3.34 -35.90
CA ASN A 375 15.63 2.85 -35.10
C ASN A 375 14.40 3.70 -35.42
N SER A 376 13.39 3.09 -36.05
CA SER A 376 12.15 3.76 -36.51
C SER A 376 10.95 3.30 -35.68
N VAL A 377 11.19 2.62 -34.56
CA VAL A 377 10.13 2.13 -33.64
C VAL A 377 9.47 3.36 -33.00
N GLY A 378 8.14 3.43 -33.03
CA GLY A 378 7.36 4.54 -32.47
C GLY A 378 7.06 5.61 -33.51
N SER A 379 7.58 5.44 -34.72
CA SER A 379 7.30 6.31 -35.88
C SER A 379 5.82 6.17 -36.27
N VAL A 380 5.19 7.26 -36.70
CA VAL A 380 3.72 7.36 -36.95
C VAL A 380 3.41 7.13 -38.44
N ASN A 381 4.43 7.23 -39.32
CA ASN A 381 4.26 7.25 -40.80
C ASN A 381 5.18 6.23 -41.49
N PHE A 382 5.85 5.38 -40.73
CA PHE A 382 7.02 4.59 -41.19
C PHE A 382 6.87 3.14 -40.76
N PRO A 383 7.57 2.19 -41.42
CA PRO A 383 7.74 0.86 -40.87
C PRO A 383 8.57 0.95 -39.58
N GLU A 384 8.13 0.27 -38.53
CA GLU A 384 8.83 0.22 -37.23
C GLU A 384 9.87 -0.90 -37.30
N VAL A 385 11.14 -0.50 -37.26
CA VAL A 385 12.30 -1.39 -37.54
C VAL A 385 13.46 -0.96 -36.65
N SER A 386 14.15 -1.93 -36.07
CA SER A 386 15.33 -1.72 -35.22
C SER A 386 16.15 -3.01 -35.15
N LEU A 387 17.40 -2.90 -34.70
CA LEU A 387 18.31 -4.03 -34.47
C LEU A 387 19.09 -3.78 -33.19
N LYS A 388 19.39 -4.83 -32.43
CA LYS A 388 20.29 -4.74 -31.26
C LYS A 388 21.56 -4.02 -31.70
N SER A 389 22.09 -3.15 -30.87
CA SER A 389 23.37 -2.43 -31.11
C SER A 389 24.48 -3.44 -31.42
N LEU A 390 25.53 -2.98 -32.07
CA LEU A 390 26.78 -3.76 -32.29
C LEU A 390 27.76 -3.49 -31.14
N ASP A 391 28.49 -4.51 -30.71
CA ASP A 391 29.56 -4.39 -29.69
C ASP A 391 30.68 -3.50 -30.25
N TYR A 392 31.47 -2.89 -29.36
CA TYR A 392 32.63 -2.03 -29.70
C TYR A 392 33.64 -2.83 -30.51
N ASP A 393 33.77 -4.13 -30.20
CA ASP A 393 34.84 -5.02 -30.73
C ASP A 393 34.50 -5.47 -32.15
N GLN A 394 33.28 -5.20 -32.62
CA GLN A 394 32.84 -5.51 -34.03
C GLN A 394 33.37 -4.42 -34.97
N GLU A 395 34.69 -4.25 -35.03
CA GLU A 395 35.39 -3.35 -36.00
C GLU A 395 35.06 -3.81 -37.43
N ASN A 396 34.96 -2.87 -38.36
CA ASN A 396 34.68 -3.12 -39.80
C ASN A 396 33.33 -3.81 -39.95
N THR A 397 32.29 -3.21 -39.38
CA THR A 397 30.87 -3.61 -39.56
C THR A 397 30.05 -2.36 -39.85
N VAL A 398 29.41 -2.34 -41.00
CA VAL A 398 28.60 -1.19 -41.51
C VAL A 398 27.12 -1.55 -41.38
N ARG A 399 26.29 -0.58 -41.03
CA ARG A 399 24.82 -0.73 -40.95
C ARG A 399 24.19 -0.04 -42.18
N VAL A 400 23.52 -0.83 -43.02
CA VAL A 400 22.82 -0.35 -44.25
C VAL A 400 21.38 0.00 -43.88
N LEU A 401 21.00 1.26 -44.02
CA LEU A 401 19.61 1.75 -43.87
C LEU A 401 19.05 2.07 -45.25
N TYR A 402 18.14 1.24 -45.75
CA TYR A 402 17.67 1.27 -47.15
C TYR A 402 16.15 1.36 -47.20
N ILE A 403 15.61 2.59 -47.19
CA ILE A 403 14.15 2.85 -47.42
C ILE A 403 13.93 2.73 -48.93
N HIS A 404 12.90 1.98 -49.33
CA HIS A 404 12.67 1.58 -50.74
C HIS A 404 11.17 1.38 -50.99
N ARG A 405 10.77 1.37 -52.25
CA ARG A 405 9.38 1.08 -52.68
C ARG A 405 9.11 -0.40 -52.40
N ASN A 406 7.93 -0.70 -51.88
CA ASN A 406 7.52 -2.06 -51.44
C ASN A 406 7.06 -2.86 -52.66
N VAL A 407 7.99 -3.32 -53.47
CA VAL A 407 7.73 -4.13 -54.69
C VAL A 407 8.67 -5.32 -54.69
N PRO A 408 8.29 -6.44 -55.35
CA PRO A 408 9.13 -7.62 -55.36
C PRO A 408 10.52 -7.37 -55.94
N GLY A 409 11.50 -8.19 -55.54
CA GLY A 409 12.83 -8.27 -56.15
C GLY A 409 13.84 -7.29 -55.57
N VAL A 410 13.41 -6.41 -54.66
CA VAL A 410 14.28 -5.33 -54.09
C VAL A 410 15.35 -5.97 -53.19
N LEU A 411 14.96 -6.91 -52.33
CA LEU A 411 15.89 -7.60 -51.40
C LEU A 411 16.86 -8.44 -52.23
N LYS A 412 16.36 -9.11 -53.27
CA LYS A 412 17.17 -9.85 -54.28
C LYS A 412 18.34 -8.97 -54.71
N THR A 413 18.04 -7.76 -55.17
CA THR A 413 19.03 -6.74 -55.62
C THR A 413 20.00 -6.41 -54.48
N VAL A 414 19.47 -5.99 -53.33
CA VAL A 414 20.25 -5.46 -52.16
C VAL A 414 21.19 -6.55 -51.65
N ASN A 415 20.67 -7.75 -51.44
CA ASN A 415 21.45 -8.87 -50.82
C ASN A 415 22.46 -9.39 -51.85
N ASP A 416 22.18 -9.23 -53.14
CA ASP A 416 23.14 -9.44 -54.25
C ASP A 416 24.29 -8.43 -54.11
N ILE A 417 23.96 -7.16 -53.96
CA ILE A 417 24.94 -6.03 -53.86
C ILE A 417 25.85 -6.22 -52.63
N LEU A 418 25.34 -6.89 -51.58
CA LEU A 418 26.06 -7.07 -50.28
C LEU A 418 26.73 -8.46 -50.24
N SER A 419 26.51 -9.29 -51.26
CA SER A 419 26.87 -10.75 -51.32
C SER A 419 28.34 -10.99 -50.92
N ASP A 420 29.21 -10.01 -51.16
CA ASP A 420 30.69 -10.13 -50.92
C ASP A 420 30.98 -10.12 -49.42
N HIS A 421 30.01 -9.73 -48.62
CA HIS A 421 30.13 -9.57 -47.14
C HIS A 421 29.10 -10.44 -46.45
N ASN A 422 29.43 -10.91 -45.26
CA ASN A 422 28.51 -11.70 -44.40
C ASN A 422 27.51 -10.74 -43.76
N ILE A 423 26.23 -11.02 -43.93
CA ILE A 423 25.12 -10.30 -43.24
C ILE A 423 24.90 -10.97 -41.88
N GLU A 424 25.36 -10.30 -40.81
CA GLU A 424 25.21 -10.78 -39.41
C GLU A 424 23.72 -10.92 -39.12
N LYS A 425 22.94 -9.87 -39.42
CA LYS A 425 21.47 -9.82 -39.24
C LYS A 425 20.89 -8.72 -40.14
N GLN A 426 19.65 -8.87 -40.62
CA GLN A 426 18.90 -7.78 -41.30
C GLN A 426 17.42 -7.90 -40.99
N PHE A 427 16.72 -6.79 -41.07
CA PHE A 427 15.27 -6.67 -40.83
C PHE A 427 14.69 -5.74 -41.89
N SER A 428 13.66 -6.20 -42.57
CA SER A 428 12.88 -5.41 -43.55
C SER A 428 11.42 -5.52 -43.21
N ASP A 429 10.74 -4.39 -43.09
CA ASP A 429 9.27 -4.32 -42.88
C ASP A 429 8.70 -3.29 -43.85
N SER A 430 7.42 -3.44 -44.19
CA SER A 430 6.71 -2.61 -45.19
C SER A 430 5.56 -1.88 -44.53
N HIS A 431 5.31 -0.63 -44.94
CA HIS A 431 4.18 0.22 -44.50
C HIS A 431 3.47 0.76 -45.76
N GLY A 432 2.59 -0.06 -46.33
CA GLY A 432 1.87 0.24 -47.59
C GLY A 432 2.82 0.29 -48.78
N GLU A 433 2.99 1.48 -49.36
CA GLU A 433 3.75 1.70 -50.62
C GLU A 433 5.26 1.68 -50.33
N ILE A 434 5.65 2.00 -49.08
CA ILE A 434 7.09 2.15 -48.70
C ILE A 434 7.49 0.99 -47.77
N ALA A 435 8.80 0.75 -47.69
CA ALA A 435 9.42 -0.34 -46.89
C ALA A 435 10.83 0.09 -46.46
N TYR A 436 11.34 -0.52 -45.40
CA TYR A 436 12.58 -0.13 -44.71
C TYR A 436 13.38 -1.39 -44.35
N LEU A 437 14.62 -1.46 -44.83
CA LEU A 437 15.56 -2.57 -44.56
C LEU A 437 16.75 -2.05 -43.77
N MET A 438 16.98 -2.61 -42.59
CA MET A 438 18.22 -2.47 -41.81
C MET A 438 19.01 -3.74 -41.94
N ALA A 439 20.31 -3.64 -42.22
CA ALA A 439 21.23 -4.80 -42.39
C ALA A 439 22.58 -4.46 -41.80
N ASP A 440 23.11 -5.36 -40.96
CA ASP A 440 24.48 -5.29 -40.40
C ASP A 440 25.38 -6.24 -41.22
N ILE A 441 26.39 -5.69 -41.88
CA ILE A 441 27.34 -6.44 -42.75
C ILE A 441 28.75 -6.29 -42.17
N SER A 442 29.53 -7.37 -42.19
CA SER A 442 30.87 -7.46 -41.54
C SER A 442 31.97 -7.44 -42.58
N SER A 443 33.18 -7.03 -42.17
CA SER A 443 34.44 -7.08 -42.96
C SER A 443 34.37 -6.09 -44.13
N VAL A 444 34.07 -4.83 -43.86
CA VAL A 444 34.07 -3.72 -44.86
C VAL A 444 35.11 -2.67 -44.43
N ASN A 445 36.02 -2.31 -45.34
CA ASN A 445 37.05 -1.24 -45.14
C ASN A 445 36.56 0.02 -45.87
N GLN A 446 37.09 1.20 -45.48
CA GLN A 446 36.73 2.53 -46.06
C GLN A 446 36.50 2.40 -47.57
N SER A 447 37.36 1.62 -48.25
CA SER A 447 37.34 1.40 -49.72
C SER A 447 35.95 0.93 -50.19
N GLU A 448 35.42 -0.13 -49.57
CA GLU A 448 34.23 -0.89 -50.06
C GLU A 448 32.92 -0.16 -49.68
N ILE A 449 32.97 0.74 -48.68
CA ILE A 449 31.77 1.54 -48.25
C ILE A 449 31.30 2.38 -49.42
N LYS A 450 32.18 3.24 -49.94
CA LYS A 450 31.92 4.15 -51.10
C LYS A 450 31.26 3.36 -52.23
N ASP A 451 31.76 2.15 -52.51
CA ASP A 451 31.26 1.26 -53.60
C ASP A 451 29.82 0.83 -53.27
N ILE A 452 29.62 0.21 -52.11
CA ILE A 452 28.29 -0.36 -51.67
C ILE A 452 27.24 0.76 -51.68
N TYR A 453 27.60 1.95 -51.19
CA TYR A 453 26.70 3.14 -51.15
C TYR A 453 26.24 3.45 -52.56
N GLU A 454 27.19 3.67 -53.46
CA GLU A 454 26.95 4.07 -54.87
C GLU A 454 26.01 3.07 -55.53
N LYS A 455 26.31 1.76 -55.40
CA LYS A 455 25.54 0.65 -56.03
C LYS A 455 24.09 0.69 -55.54
N LEU A 456 23.89 0.88 -54.24
CA LEU A 456 22.55 0.91 -53.59
C LEU A 456 21.79 2.16 -54.02
N ASN A 457 22.50 3.27 -54.23
CA ASN A 457 21.92 4.58 -54.60
C ASN A 457 21.36 4.52 -56.04
N GLN A 458 21.94 3.64 -56.87
CA GLN A 458 21.61 3.53 -58.32
C GLN A 458 20.47 2.53 -58.54
N THR A 459 19.99 1.87 -57.48
CA THR A 459 18.94 0.82 -57.53
C THR A 459 17.59 1.44 -57.90
N SER A 460 16.72 0.67 -58.56
CA SER A 460 15.42 1.11 -59.14
C SER A 460 14.46 1.53 -58.01
N ALA A 461 14.40 0.74 -56.94
CA ALA A 461 13.38 0.83 -55.86
C ALA A 461 13.80 1.86 -54.79
N LYS A 462 15.07 2.24 -54.77
CA LYS A 462 15.66 3.16 -53.74
C LYS A 462 14.78 4.42 -53.58
N VAL A 463 14.44 4.77 -52.33
CA VAL A 463 13.80 6.08 -51.96
C VAL A 463 14.79 6.91 -51.13
N SER A 464 15.60 6.25 -50.28
CA SER A 464 16.76 6.89 -49.58
C SER A 464 17.66 5.82 -48.94
N ILE A 465 18.96 6.13 -48.87
CA ILE A 465 20.02 5.25 -48.33
C ILE A 465 20.89 6.04 -47.38
N ARG A 466 21.29 5.43 -46.29
CA ARG A 466 22.32 5.91 -45.37
C ARG A 466 23.18 4.73 -44.98
N LEU A 467 24.48 4.92 -44.85
CA LEU A 467 25.41 3.90 -44.33
C LEU A 467 26.05 4.41 -43.05
N LEU A 468 25.88 3.65 -41.97
CA LEU A 468 26.49 3.92 -40.64
C LEU A 468 27.68 2.99 -40.45
N TYR A 469 28.86 3.54 -40.20
CA TYR A 469 30.12 2.77 -39.96
C TYR A 469 30.77 3.27 -38.66
N SER B 22 18.25 33.73 -1.82
CA SER B 22 17.82 32.59 -2.69
C SER B 22 18.56 31.32 -2.29
N PRO B 23 18.05 30.55 -1.31
CA PRO B 23 18.65 29.25 -0.95
C PRO B 23 18.74 28.36 -2.19
N GLY B 24 17.66 28.34 -2.96
CA GLY B 24 17.55 27.68 -4.27
C GLY B 24 16.43 28.29 -5.11
N ALA B 25 15.86 27.51 -6.01
CA ALA B 25 14.73 27.91 -6.88
C ALA B 25 13.85 26.70 -7.16
N VAL B 26 12.53 26.93 -7.26
CA VAL B 26 11.55 25.90 -7.71
C VAL B 26 11.88 25.57 -9.16
N SER B 27 12.19 24.30 -9.43
CA SER B 27 12.66 23.80 -10.75
C SER B 27 11.82 22.60 -11.18
N THR B 28 11.85 22.29 -12.47
CA THR B 28 11.25 21.06 -13.06
C THR B 28 11.62 19.87 -12.18
N SER B 29 10.62 19.10 -11.73
CA SER B 29 10.80 17.80 -11.01
C SER B 29 11.54 16.84 -11.94
N PRO B 30 12.31 15.86 -11.41
CA PRO B 30 13.05 14.93 -12.27
C PRO B 30 12.08 14.06 -13.11
N THR B 31 12.32 13.97 -14.42
CA THR B 31 11.45 13.24 -15.39
C THR B 31 11.49 11.75 -15.05
N GLN B 32 10.33 11.10 -14.96
CA GLN B 32 10.21 9.63 -14.64
C GLN B 32 10.97 8.82 -15.71
N LEU B 38 -0.19 2.26 -18.02
CA LEU B 38 -1.47 1.80 -18.62
C LEU B 38 -1.83 0.42 -18.05
N PRO B 39 -3.07 0.23 -17.53
CA PRO B 39 -3.53 -1.10 -17.11
C PRO B 39 -3.89 -2.00 -18.30
N ARG B 40 -3.96 -3.31 -18.05
CA ARG B 40 -4.19 -4.37 -19.07
C ARG B 40 -5.60 -4.20 -19.66
N ARG B 41 -5.74 -4.30 -20.98
CA ARG B 41 -7.03 -4.15 -21.70
C ARG B 41 -7.19 -5.29 -22.72
N VAL B 42 -8.43 -5.72 -22.94
CA VAL B 42 -8.83 -6.79 -23.91
C VAL B 42 -8.30 -6.38 -25.30
N SER B 43 -7.27 -7.09 -25.79
CA SER B 43 -6.49 -6.78 -27.02
C SER B 43 -7.38 -6.87 -28.27
N ILE B 44 -7.78 -5.72 -28.81
CA ILE B 44 -8.69 -5.60 -30.01
C ILE B 44 -7.84 -5.61 -31.30
N THR B 45 -7.27 -6.78 -31.65
CA THR B 45 -6.46 -7.02 -32.88
C THR B 45 -7.23 -7.98 -33.80
N LYS B 46 -7.12 -7.81 -35.12
CA LYS B 46 -7.78 -8.69 -36.15
C LYS B 46 -7.33 -10.15 -35.91
N GLN B 47 -8.24 -10.99 -35.39
CA GLN B 47 -7.99 -12.42 -35.03
C GLN B 47 -6.92 -12.99 -35.96
N PRO B 48 -5.86 -13.66 -35.40
CA PRO B 48 -4.71 -14.07 -36.19
C PRO B 48 -4.93 -15.37 -36.98
N LYS B 49 -4.21 -15.54 -38.08
CA LYS B 49 -4.28 -16.72 -38.96
C LYS B 49 -3.50 -17.87 -38.32
N ALA B 50 -4.15 -19.02 -38.12
CA ALA B 50 -3.52 -20.28 -37.66
C ALA B 50 -2.76 -20.91 -38.84
N LEU B 51 -1.43 -20.85 -38.81
CA LEU B 51 -0.53 -21.37 -39.88
C LEU B 51 -0.23 -22.86 -39.62
N LYS B 52 -0.21 -23.66 -40.69
CA LYS B 52 -0.01 -25.14 -40.64
C LYS B 52 1.21 -25.51 -41.48
N PRO B 53 2.01 -26.52 -41.09
CA PRO B 53 3.22 -26.84 -41.82
C PRO B 53 2.92 -27.52 -43.16
N PHE B 54 3.68 -27.16 -44.20
CA PHE B 54 3.78 -27.90 -45.49
C PHE B 54 4.53 -29.19 -45.20
N SER B 55 4.03 -30.30 -45.71
CA SER B 55 4.44 -31.67 -45.30
C SER B 55 3.99 -31.91 -43.85
N THR B 56 4.88 -32.38 -42.98
CA THR B 56 4.61 -32.64 -41.54
C THR B 56 3.11 -32.94 -41.37
N GLY B 57 2.60 -33.93 -42.11
CA GLY B 57 1.17 -34.31 -42.13
C GLY B 57 0.57 -34.38 -40.74
N ASP B 58 1.17 -35.17 -39.85
CA ASP B 58 0.81 -35.28 -38.40
C ASP B 58 2.07 -35.01 -37.57
N MET B 59 1.92 -34.34 -36.42
CA MET B 59 3.05 -33.90 -35.54
C MET B 59 3.20 -34.90 -34.39
N ASN B 60 4.44 -35.33 -34.13
CA ASN B 60 4.79 -36.34 -33.09
C ASN B 60 5.55 -35.64 -31.94
N ILE B 61 4.94 -35.60 -30.75
CA ILE B 61 5.58 -35.09 -29.51
C ILE B 61 5.90 -36.27 -28.59
N LEU B 62 7.16 -36.38 -28.18
CA LEU B 62 7.63 -37.36 -27.15
C LEU B 62 8.01 -36.59 -25.88
N LEU B 63 7.36 -36.92 -24.75
CA LEU B 63 7.60 -36.27 -23.43
C LEU B 63 8.13 -37.32 -22.45
N LEU B 64 9.28 -37.03 -21.81
CA LEU B 64 9.95 -37.93 -20.83
C LEU B 64 9.98 -37.26 -19.44
N GLU B 65 10.33 -38.05 -18.42
CA GLU B 65 10.68 -37.59 -17.04
C GLU B 65 9.47 -36.92 -16.37
N ASN B 66 8.26 -37.33 -16.74
CA ASN B 66 7.01 -36.94 -16.05
C ASN B 66 6.83 -35.43 -16.17
N VAL B 67 6.81 -34.92 -17.39
CA VAL B 67 6.43 -33.51 -17.69
C VAL B 67 4.99 -33.31 -17.24
N ASN B 68 4.71 -32.16 -16.62
CA ASN B 68 3.38 -31.82 -16.05
C ASN B 68 2.29 -32.01 -17.12
N ALA B 69 1.04 -32.29 -16.69
CA ALA B 69 -0.13 -32.57 -17.57
C ALA B 69 -0.46 -31.35 -18.43
N THR B 70 -0.25 -30.14 -17.90
CA THR B 70 -0.51 -28.84 -18.59
C THR B 70 0.15 -28.85 -19.97
N ALA B 71 1.39 -29.36 -20.05
CA ALA B 71 2.17 -29.49 -21.31
C ALA B 71 1.43 -30.42 -22.26
N ILE B 72 1.02 -31.58 -21.76
CA ILE B 72 0.30 -32.64 -22.53
C ILE B 72 -0.98 -32.05 -23.13
N LYS B 73 -1.76 -31.31 -22.34
CA LYS B 73 -3.06 -30.72 -22.75
C LYS B 73 -2.82 -29.71 -23.89
N ILE B 74 -1.83 -28.84 -23.73
CA ILE B 74 -1.47 -27.77 -24.72
C ILE B 74 -1.20 -28.42 -26.09
N PHE B 75 -0.39 -29.48 -26.11
CA PHE B 75 0.07 -30.19 -27.34
C PHE B 75 -1.11 -30.90 -28.03
N LYS B 76 -1.92 -31.64 -27.25
CA LYS B 76 -3.07 -32.44 -27.76
C LYS B 76 -4.11 -31.50 -28.38
N ASP B 77 -4.38 -30.36 -27.73
CA ASP B 77 -5.40 -29.37 -28.15
C ASP B 77 -5.02 -28.76 -29.51
N GLN B 78 -3.75 -28.87 -29.90
CA GLN B 78 -3.22 -28.34 -31.19
C GLN B 78 -3.22 -29.45 -32.25
N GLY B 79 -3.66 -30.65 -31.86
CA GLY B 79 -3.82 -31.80 -32.78
C GLY B 79 -2.66 -32.78 -32.71
N TYR B 80 -1.51 -32.33 -32.19
CA TYR B 80 -0.25 -33.13 -32.13
C TYR B 80 -0.55 -34.48 -31.46
N GLN B 81 0.08 -35.55 -31.95
CA GLN B 81 0.04 -36.90 -31.31
C GLN B 81 1.15 -36.95 -30.25
N VAL B 82 0.76 -37.18 -28.99
CA VAL B 82 1.64 -37.05 -27.78
C VAL B 82 1.94 -38.44 -27.22
N GLU B 83 3.23 -38.77 -27.07
CA GLU B 83 3.70 -39.96 -26.32
C GLU B 83 4.30 -39.49 -24.98
N PHE B 84 3.74 -39.95 -23.87
CA PHE B 84 4.13 -39.57 -22.48
C PHE B 84 4.85 -40.74 -21.79
N HIS B 85 5.81 -40.42 -20.92
CA HIS B 85 6.57 -41.37 -20.06
C HIS B 85 6.92 -40.69 -18.72
N LYS B 86 6.69 -41.39 -17.60
CA LYS B 86 6.93 -40.88 -16.21
C LYS B 86 8.43 -40.88 -15.91
N SER B 87 9.20 -41.67 -16.66
CA SER B 87 10.66 -41.87 -16.46
C SER B 87 11.41 -41.58 -17.76
N SER B 88 12.73 -41.55 -17.70
CA SER B 88 13.64 -41.44 -18.87
C SER B 88 13.54 -42.73 -19.68
N LEU B 89 14.25 -42.79 -20.82
CA LEU B 89 14.42 -44.04 -21.63
C LEU B 89 15.90 -44.40 -21.69
N PRO B 90 16.26 -45.70 -21.85
CA PRO B 90 17.64 -46.07 -22.11
C PRO B 90 18.04 -45.67 -23.54
N GLU B 91 19.33 -45.41 -23.76
CA GLU B 91 19.89 -44.91 -25.06
C GLU B 91 19.37 -45.76 -26.22
N ASP B 92 19.04 -47.03 -25.96
CA ASP B 92 18.54 -48.00 -26.99
C ASP B 92 17.09 -47.65 -27.35
N GLU B 93 16.16 -47.75 -26.40
CA GLU B 93 14.70 -47.53 -26.60
C GLU B 93 14.46 -46.12 -27.16
N LEU B 94 15.32 -45.16 -26.80
CA LEU B 94 15.19 -43.71 -27.17
C LEU B 94 15.43 -43.54 -28.68
N ILE B 95 16.61 -43.95 -29.16
CA ILE B 95 17.05 -43.81 -30.57
C ILE B 95 15.94 -44.31 -31.51
N GLU B 96 15.26 -45.39 -31.14
CA GLU B 96 14.18 -46.03 -31.94
C GLU B 96 12.99 -45.06 -32.04
N LYS B 97 12.73 -44.29 -30.97
CA LYS B 97 11.55 -43.39 -30.84
C LYS B 97 11.84 -42.01 -31.45
N ILE B 98 13.08 -41.51 -31.33
CA ILE B 98 13.47 -40.12 -31.76
C ILE B 98 13.62 -40.06 -33.29
N LYS B 99 13.51 -41.20 -33.97
CA LYS B 99 13.59 -41.29 -35.46
C LYS B 99 12.45 -40.49 -36.08
N ASP B 100 11.22 -40.66 -35.56
CA ASP B 100 9.96 -40.13 -36.14
C ASP B 100 9.52 -38.84 -35.42
N VAL B 101 10.13 -38.54 -34.26
CA VAL B 101 9.68 -37.46 -33.33
C VAL B 101 9.95 -36.08 -33.95
N HIS B 102 8.95 -35.19 -33.88
CA HIS B 102 8.99 -33.79 -34.38
C HIS B 102 9.44 -32.83 -33.26
N ALA B 103 9.08 -33.15 -32.02
CA ALA B 103 9.45 -32.36 -30.82
C ALA B 103 9.58 -33.29 -29.61
N ILE B 104 10.70 -33.18 -28.89
CA ILE B 104 10.96 -33.94 -27.64
C ILE B 104 10.95 -32.97 -26.44
N GLY B 105 10.25 -33.35 -25.39
CA GLY B 105 10.29 -32.69 -24.09
C GLY B 105 10.99 -33.55 -23.06
N ILE B 106 12.07 -33.06 -22.48
CA ILE B 106 12.90 -33.78 -21.47
C ILE B 106 12.97 -32.94 -20.21
N ARG B 107 13.61 -33.47 -19.18
CA ARG B 107 14.06 -32.72 -17.99
C ARG B 107 15.56 -32.97 -17.83
N SER B 108 16.09 -32.96 -16.60
CA SER B 108 17.55 -32.93 -16.32
C SER B 108 18.22 -34.30 -16.58
N LYS B 109 17.48 -35.41 -16.43
CA LYS B 109 18.08 -36.80 -16.45
C LYS B 109 18.42 -37.19 -17.90
N THR B 110 17.45 -37.19 -18.80
CA THR B 110 17.63 -37.58 -20.24
C THR B 110 18.76 -36.76 -20.84
N ARG B 111 19.87 -37.40 -21.20
CA ARG B 111 21.03 -36.76 -21.86
C ARG B 111 20.88 -36.92 -23.38
N LEU B 112 20.80 -35.81 -24.11
CA LEU B 112 20.67 -35.78 -25.59
C LEU B 112 22.01 -35.37 -26.21
N THR B 113 22.87 -36.36 -26.46
CA THR B 113 24.24 -36.18 -27.01
C THR B 113 24.19 -36.26 -28.53
N GLU B 114 25.30 -35.88 -29.18
CA GLU B 114 25.50 -36.04 -30.64
C GLU B 114 25.10 -37.46 -31.05
N LYS B 115 25.51 -38.45 -30.24
CA LYS B 115 25.27 -39.89 -30.48
C LYS B 115 23.79 -40.16 -30.78
N ILE B 116 22.90 -39.65 -29.93
CA ILE B 116 21.44 -39.99 -29.96
C ILE B 116 20.67 -38.97 -30.83
N LEU B 117 21.23 -37.77 -31.07
CA LEU B 117 20.55 -36.67 -31.83
C LEU B 117 20.77 -36.86 -33.34
N GLN B 118 21.79 -37.62 -33.75
CA GLN B 118 22.19 -37.79 -35.18
C GLN B 118 21.13 -38.64 -35.91
N HIS B 119 20.35 -39.43 -35.16
CA HIS B 119 19.29 -40.33 -35.68
C HIS B 119 17.97 -39.56 -35.81
N ALA B 120 17.92 -38.35 -35.26
CA ALA B 120 16.71 -37.48 -35.23
C ALA B 120 16.46 -36.93 -36.64
N ARG B 121 15.53 -37.55 -37.36
CA ARG B 121 15.21 -37.21 -38.78
C ARG B 121 14.37 -35.93 -38.83
N ASN B 122 13.29 -35.86 -38.05
CA ASN B 122 12.21 -34.85 -38.20
C ASN B 122 12.22 -33.86 -37.02
N LEU B 123 13.19 -33.95 -36.12
CA LEU B 123 13.22 -33.18 -34.84
C LEU B 123 13.32 -31.67 -35.14
N VAL B 124 12.28 -30.91 -34.77
CA VAL B 124 12.15 -29.44 -35.01
C VAL B 124 12.74 -28.67 -33.81
N CYS B 125 12.42 -29.09 -32.58
CA CYS B 125 12.78 -28.37 -31.33
C CYS B 125 12.82 -29.33 -30.13
N ILE B 126 13.63 -28.98 -29.13
CA ILE B 126 13.76 -29.69 -27.83
C ILE B 126 13.24 -28.78 -26.72
N GLY B 127 12.41 -29.32 -25.84
CA GLY B 127 11.92 -28.61 -24.65
C GLY B 127 12.56 -29.15 -23.38
N CYS B 128 13.36 -28.33 -22.71
CA CYS B 128 13.90 -28.60 -21.36
C CYS B 128 12.90 -28.07 -20.31
N PHE B 129 12.01 -28.94 -19.83
CA PHE B 129 10.96 -28.61 -18.83
C PHE B 129 11.59 -28.52 -17.46
N CYS B 130 12.55 -27.59 -17.34
CA CYS B 130 13.45 -27.41 -16.19
C CYS B 130 14.41 -26.26 -16.51
N ILE B 131 15.25 -25.88 -15.55
CA ILE B 131 16.22 -24.75 -15.70
C ILE B 131 17.41 -25.20 -16.57
N GLY B 132 18.04 -26.33 -16.22
CA GLY B 132 19.30 -26.81 -16.84
C GLY B 132 19.12 -27.24 -18.29
N THR B 133 20.16 -27.08 -19.12
CA THR B 133 20.21 -27.49 -20.56
C THR B 133 21.50 -28.28 -20.86
N ASN B 134 22.35 -28.47 -19.84
CA ASN B 134 23.67 -29.16 -19.97
C ASN B 134 23.44 -30.59 -20.47
N GLN B 135 22.26 -31.15 -20.21
CA GLN B 135 21.90 -32.54 -20.60
C GLN B 135 21.71 -32.62 -22.13
N VAL B 136 21.83 -31.49 -22.83
CA VAL B 136 21.67 -31.41 -24.31
C VAL B 136 22.92 -30.82 -24.94
N ASP B 137 23.41 -31.45 -26.01
CA ASP B 137 24.50 -30.91 -26.88
C ASP B 137 23.90 -29.77 -27.71
N LEU B 138 23.96 -28.55 -27.19
CA LEU B 138 23.38 -27.33 -27.83
C LEU B 138 24.08 -27.07 -29.17
N LYS B 139 25.41 -26.94 -29.15
CA LYS B 139 26.26 -26.70 -30.36
C LYS B 139 25.81 -27.64 -31.48
N TYR B 140 25.74 -28.95 -31.21
CA TYR B 140 25.35 -29.98 -32.21
C TYR B 140 23.89 -29.77 -32.64
N ALA B 141 22.98 -29.73 -31.66
CA ALA B 141 21.52 -29.53 -31.88
C ALA B 141 21.32 -28.34 -32.81
N ALA B 142 22.10 -27.28 -32.62
CA ALA B 142 22.08 -26.04 -33.45
C ALA B 142 22.44 -26.40 -34.89
N SER B 143 23.59 -27.03 -35.10
CA SER B 143 24.16 -27.41 -36.43
C SER B 143 23.15 -28.24 -37.25
N LYS B 144 22.28 -29.01 -36.60
CA LYS B 144 21.21 -29.81 -37.27
C LYS B 144 19.94 -28.96 -37.43
N GLY B 145 19.95 -27.74 -36.90
CA GLY B 145 18.82 -26.78 -36.98
C GLY B 145 17.74 -27.05 -35.95
N ILE B 146 18.12 -27.60 -34.79
CA ILE B 146 17.18 -27.93 -33.68
C ILE B 146 17.27 -26.84 -32.62
N ALA B 147 16.18 -26.11 -32.40
CA ALA B 147 16.04 -25.05 -31.39
C ALA B 147 15.72 -25.67 -30.03
N VAL B 148 16.46 -25.29 -29.00
CA VAL B 148 16.27 -25.78 -27.60
C VAL B 148 15.68 -24.66 -26.75
N PHE B 149 14.66 -24.99 -25.95
CA PHE B 149 13.94 -24.07 -25.04
C PHE B 149 13.94 -24.65 -23.62
N ASN B 150 13.86 -23.78 -22.61
CA ASN B 150 13.86 -24.17 -21.17
C ASN B 150 12.94 -23.22 -20.39
N SER B 151 12.89 -23.38 -19.07
CA SER B 151 12.10 -22.53 -18.12
C SER B 151 13.01 -22.08 -16.99
N PRO B 152 13.76 -20.96 -17.17
CA PRO B 152 14.75 -20.53 -16.19
C PRO B 152 14.20 -19.98 -14.87
N PHE B 153 13.03 -19.34 -14.88
CA PHE B 153 12.52 -18.47 -13.76
C PHE B 153 11.13 -18.92 -13.27
N SER B 154 10.71 -20.13 -13.60
CA SER B 154 9.37 -20.69 -13.27
C SER B 154 9.27 -21.04 -11.77
N ASN B 155 10.41 -21.07 -11.07
CA ASN B 155 10.52 -21.63 -9.69
C ASN B 155 10.73 -20.52 -8.66
N SER B 156 10.78 -19.26 -9.08
CA SER B 156 11.08 -18.08 -8.23
C SER B 156 10.18 -18.08 -6.98
N ARG B 157 8.87 -18.04 -7.19
CA ARG B 157 7.85 -17.97 -6.09
C ARG B 157 8.09 -19.11 -5.10
N SER B 158 8.26 -20.33 -5.60
CA SER B 158 8.37 -21.58 -4.79
C SER B 158 9.60 -21.50 -3.87
N VAL B 159 10.71 -20.94 -4.35
CA VAL B 159 11.95 -20.79 -3.54
C VAL B 159 11.75 -19.68 -2.51
N ALA B 160 11.09 -18.58 -2.90
CA ALA B 160 10.80 -17.42 -2.01
C ALA B 160 9.96 -17.88 -0.82
N GLU B 161 8.84 -18.57 -1.09
CA GLU B 161 7.92 -19.13 -0.04
C GLU B 161 8.71 -20.04 0.89
N LEU B 162 9.50 -20.96 0.33
CA LEU B 162 10.31 -21.91 1.13
C LEU B 162 11.13 -21.14 2.15
N VAL B 163 11.74 -20.03 1.72
CA VAL B 163 12.70 -19.26 2.56
C VAL B 163 11.93 -18.58 3.69
N ILE B 164 10.75 -18.00 3.40
CA ILE B 164 9.86 -17.41 4.45
C ILE B 164 9.60 -18.49 5.50
N GLY B 165 9.11 -19.64 5.04
CA GLY B 165 8.87 -20.83 5.89
C GLY B 165 10.09 -21.16 6.75
N GLU B 166 11.27 -21.24 6.12
CA GLU B 166 12.52 -21.66 6.79
C GLU B 166 12.95 -20.57 7.77
N ILE B 167 12.78 -19.30 7.43
CA ILE B 167 13.12 -18.15 8.34
C ILE B 167 12.33 -18.33 9.65
N ILE B 168 11.01 -18.46 9.55
CA ILE B 168 10.08 -18.64 10.71
C ILE B 168 10.47 -19.92 11.46
N SER B 169 10.71 -21.00 10.74
CA SER B 169 11.00 -22.34 11.30
C SER B 169 12.28 -22.29 12.15
N LEU B 170 13.34 -21.68 11.62
CA LEU B 170 14.66 -21.49 12.31
C LEU B 170 14.47 -20.54 13.50
N ALA B 171 13.75 -19.46 13.28
CA ALA B 171 13.47 -18.41 14.28
C ALA B 171 12.83 -19.02 15.53
N ARG B 172 12.06 -20.10 15.35
CA ARG B 172 11.21 -20.71 16.41
C ARG B 172 11.70 -22.11 16.74
N GLN B 173 12.61 -22.65 15.92
CA GLN B 173 13.18 -24.02 16.07
C GLN B 173 12.05 -25.06 15.98
N LEU B 174 11.18 -24.94 14.98
CA LEU B 174 10.02 -25.85 14.78
C LEU B 174 10.51 -27.27 14.60
N GLY B 175 11.39 -27.48 13.61
CA GLY B 175 12.00 -28.78 13.31
C GLY B 175 12.38 -29.50 14.58
N ASP B 176 13.21 -28.86 15.41
CA ASP B 176 13.74 -29.43 16.69
C ASP B 176 12.57 -29.81 17.59
N ARG B 177 11.67 -28.86 17.85
CA ARG B 177 10.49 -29.02 18.76
C ARG B 177 9.69 -30.25 18.36
N SER B 178 9.38 -30.39 17.07
CA SER B 178 8.54 -31.47 16.51
C SER B 178 9.27 -32.81 16.58
N ILE B 179 10.59 -32.80 16.39
CA ILE B 179 11.45 -34.01 16.46
C ILE B 179 11.49 -34.50 17.92
N GLU B 180 11.65 -33.57 18.86
CA GLU B 180 11.67 -33.86 20.33
C GLU B 180 10.38 -34.59 20.71
N LEU B 181 9.23 -34.00 20.40
CA LEU B 181 7.87 -34.51 20.79
C LEU B 181 7.62 -35.85 20.15
N HIS B 182 8.13 -36.08 18.94
CA HIS B 182 7.97 -37.34 18.18
C HIS B 182 8.72 -38.47 18.91
N THR B 183 9.86 -38.15 19.53
CA THR B 183 10.68 -39.09 20.35
C THR B 183 10.22 -39.03 21.82
N GLY B 184 9.15 -38.27 22.09
CA GLY B 184 8.43 -38.26 23.38
C GLY B 184 8.89 -37.15 24.31
N THR B 185 9.85 -36.32 23.88
CA THR B 185 10.45 -35.22 24.69
C THR B 185 9.62 -33.93 24.54
N TRP B 186 9.28 -33.31 25.67
CA TRP B 186 8.53 -32.02 25.76
C TRP B 186 9.50 -30.93 26.20
N ASN B 187 9.93 -30.08 25.27
CA ASN B 187 10.96 -29.04 25.52
C ASN B 187 10.40 -27.66 25.11
N LYS B 188 9.53 -27.09 25.93
CA LYS B 188 8.94 -25.74 25.76
C LYS B 188 10.04 -24.71 26.00
N VAL B 189 10.52 -24.07 24.94
CA VAL B 189 11.67 -23.12 24.97
C VAL B 189 11.28 -21.84 24.22
N ALA B 190 11.49 -20.69 24.85
CA ALA B 190 11.32 -19.33 24.24
C ALA B 190 12.67 -18.63 24.14
N ALA B 191 13.70 -19.16 24.80
CA ALA B 191 15.10 -18.63 24.79
C ALA B 191 15.63 -18.65 23.35
N ARG B 192 16.08 -17.49 22.88
CA ARG B 192 16.69 -17.33 21.53
C ARG B 192 15.73 -17.89 20.47
N CYS B 193 14.42 -17.79 20.72
CA CYS B 193 13.33 -17.98 19.72
C CYS B 193 12.66 -16.61 19.48
N TRP B 194 12.47 -16.23 18.22
CA TRP B 194 12.15 -14.84 17.82
C TRP B 194 10.88 -14.76 16.97
N GLU B 195 10.13 -13.68 17.12
CA GLU B 195 9.26 -13.13 16.06
C GLU B 195 10.18 -12.61 14.97
N VAL B 196 9.85 -12.87 13.71
CA VAL B 196 10.64 -12.42 12.54
C VAL B 196 10.44 -10.91 12.35
N ARG B 197 9.30 -10.38 12.78
CA ARG B 197 8.99 -8.93 12.69
C ARG B 197 10.07 -8.15 13.44
N GLY B 198 10.66 -7.15 12.77
CA GLY B 198 11.68 -6.25 13.34
C GLY B 198 13.08 -6.80 13.18
N LYS B 199 13.21 -8.02 12.66
CA LYS B 199 14.50 -8.65 12.32
C LYS B 199 14.93 -8.20 10.92
N THR B 200 16.21 -8.36 10.60
CA THR B 200 16.81 -7.96 9.31
C THR B 200 17.15 -9.20 8.48
N LEU B 201 16.64 -9.24 7.26
CA LEU B 201 16.97 -10.26 6.24
C LEU B 201 18.04 -9.70 5.30
N GLY B 202 19.16 -10.40 5.17
CA GLY B 202 20.24 -10.07 4.22
C GLY B 202 20.15 -10.94 2.98
N ILE B 203 19.68 -10.37 1.87
CA ILE B 203 19.50 -11.07 0.57
C ILE B 203 20.77 -10.88 -0.27
N ILE B 204 21.58 -11.91 -0.38
CA ILE B 204 22.77 -11.95 -1.28
C ILE B 204 22.30 -12.40 -2.66
N GLY B 205 22.21 -11.47 -3.60
CA GLY B 205 21.69 -11.72 -4.96
C GLY B 205 20.22 -11.36 -5.08
N TYR B 206 19.93 -10.17 -5.60
CA TYR B 206 18.58 -9.56 -5.69
C TYR B 206 18.01 -9.79 -7.10
N GLY B 207 17.98 -11.04 -7.54
CA GLY B 207 17.47 -11.45 -8.86
C GLY B 207 15.97 -11.67 -8.86
N HIS B 208 15.51 -12.66 -9.64
CA HIS B 208 14.07 -13.05 -9.74
C HIS B 208 13.56 -13.51 -8.38
N ILE B 209 14.31 -14.41 -7.73
CA ILE B 209 13.97 -15.03 -6.42
C ILE B 209 14.22 -14.01 -5.30
N GLY B 210 15.42 -13.42 -5.28
CA GLY B 210 15.84 -12.45 -4.26
C GLY B 210 14.81 -11.33 -4.10
N SER B 211 14.28 -10.83 -5.22
CA SER B 211 13.37 -9.66 -5.26
C SER B 211 11.96 -10.07 -4.82
N GLN B 212 11.48 -11.25 -5.23
CA GLN B 212 10.17 -11.81 -4.77
C GLN B 212 10.25 -12.03 -3.26
N LEU B 213 11.36 -12.57 -2.79
CA LEU B 213 11.61 -12.82 -1.35
C LEU B 213 11.55 -11.49 -0.59
N SER B 214 12.10 -10.43 -1.17
CA SER B 214 12.16 -9.07 -0.57
C SER B 214 10.75 -8.62 -0.17
N VAL B 215 9.81 -8.70 -1.10
CA VAL B 215 8.39 -8.26 -0.92
C VAL B 215 7.76 -9.05 0.23
N LEU B 216 7.77 -10.39 0.12
CA LEU B 216 7.21 -11.32 1.16
C LEU B 216 7.81 -10.98 2.53
N ALA B 217 9.13 -10.83 2.60
CA ALA B 217 9.90 -10.59 3.85
C ALA B 217 9.45 -9.27 4.50
N GLU B 218 9.17 -8.25 3.71
CA GLU B 218 8.66 -6.94 4.23
C GLU B 218 7.24 -7.14 4.75
N ALA B 219 6.41 -7.84 3.98
CA ALA B 219 5.03 -8.25 4.34
C ALA B 219 5.02 -8.96 5.71
N MET B 220 6.04 -9.79 5.98
CA MET B 220 6.20 -10.53 7.27
C MET B 220 6.92 -9.63 8.30
N GLY B 221 7.16 -8.37 7.96
CA GLY B 221 7.63 -7.32 8.89
C GLY B 221 9.15 -7.31 9.08
N LEU B 222 9.89 -7.85 8.11
CA LEU B 222 11.37 -7.91 8.15
C LEU B 222 11.95 -6.69 7.43
N HIS B 223 13.04 -6.14 7.96
CA HIS B 223 13.92 -5.17 7.26
C HIS B 223 14.76 -5.96 6.26
N VAL B 224 14.88 -5.45 5.03
CA VAL B 224 15.56 -6.14 3.90
C VAL B 224 16.76 -5.31 3.44
N LEU B 225 17.97 -5.73 3.83
CA LEU B 225 19.25 -5.34 3.18
C LEU B 225 19.53 -6.34 2.06
N TYR B 226 20.21 -5.92 1.00
CA TYR B 226 20.63 -6.81 -0.10
C TYR B 226 21.94 -6.32 -0.72
N TYR B 227 22.92 -7.22 -0.82
CA TYR B 227 24.19 -7.03 -1.55
C TYR B 227 24.10 -7.73 -2.89
N ASP B 228 24.45 -7.02 -3.95
CA ASP B 228 24.56 -7.55 -5.32
C ASP B 228 25.80 -6.92 -5.97
N ILE B 229 26.38 -7.57 -6.97
CA ILE B 229 27.57 -7.08 -7.72
C ILE B 229 27.12 -6.03 -8.73
N VAL B 230 25.82 -6.00 -9.01
CA VAL B 230 25.16 -5.02 -9.91
C VAL B 230 24.25 -4.14 -9.06
N THR B 231 24.19 -2.85 -9.39
CA THR B 231 23.25 -1.88 -8.78
C THR B 231 21.85 -2.18 -9.31
N ILE B 232 20.90 -2.42 -8.41
CA ILE B 232 19.52 -2.87 -8.77
C ILE B 232 18.50 -2.00 -8.04
N MET B 233 17.42 -1.63 -8.74
CA MET B 233 16.26 -0.87 -8.22
C MET B 233 15.58 -1.70 -7.13
N ALA B 234 15.61 -1.21 -5.88
CA ALA B 234 14.97 -1.85 -4.70
C ALA B 234 13.46 -1.94 -4.94
N LEU B 235 12.84 -3.01 -4.44
CA LEU B 235 11.35 -3.15 -4.32
C LEU B 235 10.95 -2.75 -2.90
N GLY B 236 9.71 -2.29 -2.73
CA GLY B 236 9.20 -1.76 -1.44
C GLY B 236 10.19 -0.79 -0.83
N THR B 237 10.61 -1.05 0.42
CA THR B 237 11.51 -0.18 1.23
C THR B 237 12.79 -0.93 1.56
N ALA B 238 13.26 -1.78 0.65
CA ALA B 238 14.54 -2.52 0.76
C ALA B 238 15.70 -1.58 0.44
N ARG B 239 16.90 -1.85 0.99
CA ARG B 239 18.10 -0.98 0.86
C ARG B 239 19.28 -1.80 0.36
N GLN B 240 19.81 -1.47 -0.83
CA GLN B 240 21.05 -2.07 -1.38
C GLN B 240 22.25 -1.58 -0.56
N VAL B 241 23.20 -2.47 -0.31
CA VAL B 241 24.39 -2.23 0.54
C VAL B 241 25.65 -2.46 -0.31
N SER B 242 26.70 -1.67 -0.05
CA SER B 242 27.93 -1.57 -0.87
C SER B 242 28.77 -2.86 -0.77
N THR B 243 28.97 -3.36 0.46
CA THR B 243 29.85 -4.54 0.73
C THR B 243 29.02 -5.69 1.34
N LEU B 244 29.34 -6.92 0.96
CA LEU B 244 28.82 -8.16 1.60
C LEU B 244 29.06 -8.07 3.10
N ASP B 245 30.23 -7.58 3.49
CA ASP B 245 30.70 -7.49 4.91
C ASP B 245 29.69 -6.65 5.72
N GLU B 246 29.17 -5.56 5.14
CA GLU B 246 28.15 -4.70 5.80
C GLU B 246 26.89 -5.54 6.06
N LEU B 247 26.38 -6.20 5.01
CA LEU B 247 25.16 -7.06 5.07
C LEU B 247 25.34 -8.08 6.19
N LEU B 248 26.46 -8.81 6.20
CA LEU B 248 26.77 -9.88 7.19
C LEU B 248 26.78 -9.31 8.63
N ASN B 249 27.21 -8.06 8.79
CA ASN B 249 27.33 -7.38 10.11
C ASN B 249 25.94 -7.05 10.67
N LYS B 250 24.99 -6.68 9.79
CA LYS B 250 23.73 -5.98 10.15
C LYS B 250 22.51 -6.91 10.01
N SER B 251 22.68 -8.08 9.39
CA SER B 251 21.56 -9.02 9.09
C SER B 251 21.42 -10.05 10.22
N ASP B 252 20.19 -10.49 10.45
CA ASP B 252 19.86 -11.57 11.42
C ASP B 252 19.72 -12.89 10.65
N PHE B 253 19.11 -12.83 9.47
CA PHE B 253 18.99 -13.97 8.51
C PHE B 253 19.72 -13.59 7.22
N VAL B 254 20.65 -14.44 6.80
CA VAL B 254 21.39 -14.30 5.51
C VAL B 254 20.93 -15.43 4.60
N THR B 255 20.44 -15.08 3.41
CA THR B 255 19.99 -16.04 2.37
C THR B 255 20.69 -15.70 1.05
N LEU B 256 21.14 -16.73 0.33
CA LEU B 256 21.87 -16.60 -0.94
C LEU B 256 20.91 -16.91 -2.10
N HIS B 257 20.93 -16.08 -3.12
CA HIS B 257 20.12 -16.23 -4.36
C HIS B 257 20.96 -15.80 -5.56
N VAL B 258 22.11 -16.46 -5.73
CA VAL B 258 23.17 -16.11 -6.72
C VAL B 258 23.36 -17.28 -7.66
N PRO B 259 23.84 -17.04 -8.92
CA PRO B 259 24.22 -18.13 -9.81
C PRO B 259 25.54 -18.77 -9.37
N ALA B 260 25.92 -19.89 -10.00
CA ALA B 260 27.20 -20.59 -9.80
C ALA B 260 28.26 -19.94 -10.70
N THR B 261 29.25 -19.30 -10.08
CA THR B 261 30.39 -18.63 -10.77
C THR B 261 31.62 -18.75 -9.89
N PRO B 262 32.83 -18.54 -10.44
CA PRO B 262 34.06 -18.58 -9.62
C PRO B 262 34.01 -17.60 -8.44
N GLU B 263 33.27 -16.49 -8.59
CA GLU B 263 33.13 -15.42 -7.55
C GLU B 263 32.27 -15.93 -6.38
N THR B 264 31.27 -16.78 -6.66
CA THR B 264 30.27 -17.26 -5.67
C THR B 264 30.77 -18.54 -4.99
N GLU B 265 31.64 -19.29 -5.65
CA GLU B 265 32.25 -20.54 -5.10
C GLU B 265 32.73 -20.27 -3.66
N LYS B 266 32.17 -21.01 -2.70
CA LYS B 266 32.55 -20.95 -1.25
C LYS B 266 32.67 -19.49 -0.79
N MET B 267 31.81 -18.59 -1.30
CA MET B 267 31.85 -17.13 -0.98
C MET B 267 31.46 -16.90 0.50
N LEU B 268 30.62 -17.77 1.07
CA LEU B 268 30.34 -17.81 2.55
C LEU B 268 31.22 -18.89 3.18
N SER B 269 32.27 -18.48 3.87
CA SER B 269 33.21 -19.37 4.61
C SER B 269 33.58 -18.72 5.96
N ALA B 270 34.46 -19.38 6.71
CA ALA B 270 34.86 -18.99 8.10
C ALA B 270 34.90 -17.47 8.24
N PRO B 271 35.64 -16.74 7.36
CA PRO B 271 35.75 -15.28 7.47
C PRO B 271 34.40 -14.54 7.43
N GLN B 272 33.48 -15.03 6.60
CA GLN B 272 32.11 -14.43 6.43
C GLN B 272 31.27 -14.71 7.68
N PHE B 273 31.26 -15.95 8.16
CA PHE B 273 30.54 -16.38 9.39
C PHE B 273 31.08 -15.60 10.60
N ALA B 274 32.37 -15.27 10.58
CA ALA B 274 33.07 -14.47 11.62
C ALA B 274 32.58 -13.02 11.58
N ALA B 275 32.14 -12.56 10.41
CA ALA B 275 31.65 -11.18 10.16
C ALA B 275 30.15 -11.08 10.47
N MET B 276 29.48 -12.22 10.62
CA MET B 276 28.01 -12.28 10.90
C MET B 276 27.75 -12.09 12.40
N LYS B 277 26.51 -11.74 12.77
CA LYS B 277 26.08 -11.49 14.17
C LYS B 277 26.11 -12.80 14.95
N ASP B 278 26.33 -12.72 16.25
CA ASP B 278 26.19 -13.86 17.18
C ASP B 278 24.73 -14.30 17.16
N GLY B 279 24.49 -15.57 16.84
CA GLY B 279 23.14 -16.19 16.85
C GLY B 279 22.36 -15.86 15.59
N ALA B 280 23.04 -15.51 14.51
CA ALA B 280 22.44 -15.24 13.18
C ALA B 280 22.16 -16.58 12.47
N TYR B 281 21.51 -16.53 11.31
CA TYR B 281 20.99 -17.71 10.57
C TYR B 281 21.43 -17.66 9.12
N VAL B 282 21.81 -18.81 8.56
CA VAL B 282 22.27 -18.94 7.14
C VAL B 282 21.29 -19.81 6.38
N ILE B 283 20.78 -19.32 5.27
CA ILE B 283 19.83 -20.03 4.37
C ILE B 283 20.42 -20.07 2.96
N ASN B 284 20.64 -21.26 2.43
CA ASN B 284 21.18 -21.44 1.06
C ASN B 284 20.25 -22.38 0.25
N ALA B 285 19.40 -21.79 -0.57
CA ALA B 285 18.60 -22.48 -1.60
C ALA B 285 19.04 -22.00 -2.98
N SER B 286 20.32 -21.59 -3.10
CA SER B 286 20.94 -21.09 -4.37
C SER B 286 21.63 -22.24 -5.09
N ARG B 287 22.89 -22.51 -4.73
CA ARG B 287 23.77 -23.52 -5.38
C ARG B 287 24.62 -24.25 -4.34
N GLY B 288 24.99 -25.50 -4.62
CA GLY B 288 25.66 -26.42 -3.66
C GLY B 288 27.09 -26.02 -3.37
N THR B 289 27.66 -25.12 -4.18
CA THR B 289 29.11 -24.76 -4.18
C THR B 289 29.33 -23.47 -3.40
N VAL B 290 28.27 -22.70 -3.15
CA VAL B 290 28.35 -21.27 -2.73
C VAL B 290 28.67 -21.17 -1.23
N VAL B 291 28.40 -22.23 -0.46
CA VAL B 291 28.62 -22.26 1.02
C VAL B 291 29.65 -23.33 1.34
N ASP B 292 30.59 -23.00 2.23
CA ASP B 292 31.59 -23.93 2.78
C ASP B 292 30.99 -24.63 3.99
N ILE B 293 30.45 -25.82 3.80
CA ILE B 293 29.67 -26.58 4.82
C ILE B 293 30.51 -26.78 6.08
N PRO B 294 31.81 -27.18 5.98
CA PRO B 294 32.62 -27.46 7.17
C PRO B 294 32.86 -26.20 8.01
N SER B 295 32.94 -25.03 7.37
CA SER B 295 33.03 -23.70 8.04
C SER B 295 31.73 -23.44 8.80
N LEU B 296 30.60 -23.61 8.12
CA LEU B 296 29.24 -23.47 8.70
C LEU B 296 29.14 -24.38 9.92
N ILE B 297 29.55 -25.64 9.78
CA ILE B 297 29.49 -26.68 10.84
C ILE B 297 30.28 -26.21 12.06
N GLN B 298 31.48 -25.67 11.84
CA GLN B 298 32.36 -25.13 12.93
C GLN B 298 31.65 -23.95 13.59
N ALA B 299 31.17 -23.00 12.80
CA ALA B 299 30.46 -21.77 13.25
C ALA B 299 29.25 -22.16 14.12
N VAL B 300 28.45 -23.14 13.67
CA VAL B 300 27.27 -23.67 14.41
C VAL B 300 27.76 -24.26 15.73
N LYS B 301 28.79 -25.12 15.68
CA LYS B 301 29.37 -25.82 16.87
C LYS B 301 29.95 -24.79 17.85
N ALA B 302 30.42 -23.65 17.34
CA ALA B 302 31.05 -22.57 18.13
C ALA B 302 29.96 -21.60 18.67
N ASN B 303 28.69 -21.96 18.49
CA ASN B 303 27.50 -21.19 18.99
C ASN B 303 27.47 -19.81 18.34
N LYS B 304 28.09 -19.67 17.17
CA LYS B 304 28.16 -18.39 16.40
C LYS B 304 26.90 -18.27 15.51
N ILE B 305 26.54 -19.36 14.85
CA ILE B 305 25.31 -19.45 14.00
C ILE B 305 24.26 -20.29 14.74
N ALA B 306 23.09 -19.69 14.97
CA ALA B 306 21.97 -20.25 15.78
C ALA B 306 21.23 -21.34 15.01
N GLY B 307 21.31 -21.30 13.68
CA GLY B 307 20.67 -22.29 12.80
C GLY B 307 20.88 -21.99 11.33
N ALA B 308 20.57 -22.95 10.48
CA ALA B 308 20.74 -22.87 9.02
C ALA B 308 19.76 -23.81 8.31
N ALA B 309 19.48 -23.53 7.05
CA ALA B 309 18.63 -24.34 6.17
C ALA B 309 19.30 -24.44 4.79
N LEU B 310 19.71 -25.65 4.40
CA LEU B 310 20.36 -25.94 3.10
C LEU B 310 19.42 -26.78 2.23
N ASP B 311 19.21 -26.35 0.98
CA ASP B 311 18.39 -27.07 -0.03
C ASP B 311 19.32 -27.69 -1.07
N VAL B 312 20.60 -27.29 -1.07
CA VAL B 312 21.59 -27.61 -2.12
C VAL B 312 22.94 -27.91 -1.46
N TYR B 313 23.70 -28.82 -2.06
CA TYR B 313 24.97 -29.36 -1.54
C TYR B 313 25.96 -29.55 -2.68
N PRO B 314 27.30 -29.55 -2.38
CA PRO B 314 28.32 -29.76 -3.41
C PRO B 314 28.10 -31.04 -4.23
N HIS B 315 27.69 -32.12 -3.58
CA HIS B 315 27.37 -33.43 -4.20
C HIS B 315 25.98 -33.89 -3.76
N GLU B 316 25.12 -34.23 -4.73
CA GLU B 316 23.72 -34.67 -4.49
C GLU B 316 23.47 -35.98 -5.22
N PRO B 317 22.63 -36.89 -4.67
CA PRO B 317 22.24 -38.11 -5.38
C PRO B 317 21.60 -37.77 -6.73
N ALA B 318 21.74 -38.66 -7.71
CA ALA B 318 21.19 -38.51 -9.08
C ALA B 318 19.77 -39.06 -9.12
N LYS B 319 19.41 -39.89 -8.13
CA LYS B 319 18.07 -40.50 -7.96
C LYS B 319 17.67 -40.43 -6.48
N ASN B 320 16.37 -40.46 -6.21
CA ASN B 320 15.82 -40.62 -4.84
C ASN B 320 16.17 -42.01 -4.33
N GLY B 321 16.69 -42.10 -3.11
CA GLY B 321 17.05 -43.37 -2.48
C GLY B 321 17.24 -43.24 -0.99
N GLU B 322 17.11 -44.37 -0.28
CA GLU B 322 17.45 -44.49 1.16
C GLU B 322 18.98 -44.58 1.28
N GLY B 323 19.56 -43.95 2.29
CA GLY B 323 21.01 -43.96 2.56
C GLY B 323 21.81 -43.31 1.43
N SER B 324 21.15 -42.53 0.57
CA SER B 324 21.79 -41.77 -0.56
C SER B 324 22.62 -40.60 0.02
N PHE B 325 22.15 -40.01 1.13
CA PHE B 325 22.76 -38.82 1.80
C PHE B 325 23.64 -39.29 2.95
N ASN B 326 24.93 -39.49 2.67
CA ASN B 326 25.89 -40.17 3.58
C ASN B 326 27.30 -39.60 3.37
N ASP B 327 28.27 -40.11 4.15
CA ASP B 327 29.67 -39.61 4.20
C ASP B 327 30.38 -39.91 2.87
N GLU B 328 29.89 -40.91 2.12
CA GLU B 328 30.44 -41.28 0.79
C GLU B 328 30.16 -40.14 -0.20
N LEU B 329 29.00 -39.49 -0.08
CA LEU B 329 28.53 -38.40 -0.98
C LEU B 329 29.15 -37.07 -0.55
N ASN B 330 29.08 -36.78 0.75
CA ASN B 330 29.71 -35.59 1.39
C ASN B 330 30.34 -36.03 2.70
N SER B 331 31.65 -35.82 2.85
CA SER B 331 32.47 -36.33 3.99
C SER B 331 31.83 -35.94 5.34
N TRP B 332 31.11 -34.81 5.39
CA TRP B 332 30.69 -34.12 6.64
C TRP B 332 29.22 -34.42 7.01
N THR B 333 28.48 -35.13 6.16
CA THR B 333 27.00 -35.38 6.35
C THR B 333 26.73 -35.78 7.80
N SER B 334 27.35 -36.87 8.27
CA SER B 334 27.12 -37.48 9.61
C SER B 334 27.39 -36.45 10.73
N GLU B 335 28.31 -35.51 10.49
CA GLU B 335 28.65 -34.41 11.44
C GLU B 335 27.57 -33.33 11.35
N LEU B 336 27.14 -32.99 10.13
CA LEU B 336 26.11 -31.95 9.83
C LEU B 336 24.77 -32.33 10.47
N VAL B 337 24.33 -33.58 10.27
CA VAL B 337 23.00 -34.09 10.75
C VAL B 337 23.03 -34.27 12.28
N SER B 338 24.19 -34.03 12.92
CA SER B 338 24.39 -34.14 14.39
C SER B 338 24.02 -32.81 15.07
N LEU B 339 23.86 -31.75 14.28
CA LEU B 339 23.74 -30.36 14.79
C LEU B 339 22.28 -30.00 15.02
N PRO B 340 21.98 -29.16 16.04
CA PRO B 340 20.64 -28.68 16.28
C PRO B 340 20.27 -27.49 15.38
N ASN B 341 18.98 -27.39 15.05
CA ASN B 341 18.34 -26.24 14.34
C ASN B 341 18.96 -26.09 12.95
N ILE B 342 19.26 -27.20 12.29
CA ILE B 342 19.70 -27.22 10.87
C ILE B 342 18.63 -27.94 10.03
N ILE B 343 17.92 -27.19 9.19
CA ILE B 343 16.90 -27.72 8.23
C ILE B 343 17.63 -28.17 6.96
N LEU B 344 17.49 -29.44 6.60
CA LEU B 344 18.09 -30.01 5.37
C LEU B 344 16.99 -30.47 4.46
N THR B 345 17.05 -30.10 3.19
CA THR B 345 16.05 -30.43 2.16
C THR B 345 16.76 -30.92 0.91
N PRO B 346 16.19 -31.92 0.21
CA PRO B 346 16.79 -32.46 -0.99
C PRO B 346 16.44 -31.67 -2.25
N HIS B 347 16.89 -30.43 -2.33
CA HIS B 347 16.80 -29.57 -3.54
C HIS B 347 15.33 -29.48 -3.97
N ILE B 348 14.46 -29.02 -3.07
CA ILE B 348 12.97 -28.97 -3.29
C ILE B 348 12.51 -27.52 -3.49
N GLY B 349 13.46 -26.59 -3.58
CA GLY B 349 13.19 -25.15 -3.78
C GLY B 349 12.06 -24.88 -4.77
N GLY B 350 12.03 -25.61 -5.88
CA GLY B 350 11.03 -25.45 -6.97
C GLY B 350 10.13 -26.66 -7.07
N SER B 351 10.12 -27.52 -6.06
CA SER B 351 9.37 -28.81 -6.03
C SER B 351 7.94 -28.56 -5.53
N THR B 352 7.10 -27.96 -6.39
CA THR B 352 5.67 -27.70 -6.14
C THR B 352 4.86 -27.96 -7.41
N GLU B 353 3.57 -28.27 -7.25
CA GLU B 353 2.61 -28.51 -8.36
C GLU B 353 2.51 -27.24 -9.20
N GLU B 354 2.50 -26.08 -8.55
CA GLU B 354 2.45 -24.75 -9.22
C GLU B 354 3.63 -24.64 -10.20
N ALA B 355 4.84 -24.76 -9.68
CA ALA B 355 6.12 -24.61 -10.44
C ALA B 355 6.10 -25.52 -11.66
N GLN B 356 5.88 -26.83 -11.45
CA GLN B 356 5.87 -27.86 -12.54
C GLN B 356 4.79 -27.50 -13.57
N SER B 357 3.64 -27.03 -13.10
CA SER B 357 2.48 -26.64 -13.92
C SER B 357 2.89 -25.51 -14.88
N SER B 358 3.42 -24.41 -14.34
CA SER B 358 3.82 -23.19 -15.10
C SER B 358 5.04 -23.51 -15.99
N ILE B 359 5.92 -24.42 -15.56
CA ILE B 359 7.04 -24.94 -16.42
C ILE B 359 6.43 -25.62 -17.64
N GLY B 360 5.41 -26.46 -17.41
CA GLY B 360 4.68 -27.16 -18.48
C GLY B 360 4.08 -26.18 -19.48
N ILE B 361 3.47 -25.11 -18.99
CA ILE B 361 2.81 -24.07 -19.84
C ILE B 361 3.90 -23.30 -20.59
N GLU B 362 4.83 -22.70 -19.86
CA GLU B 362 5.91 -21.83 -20.43
C GLU B 362 6.56 -22.53 -21.62
N VAL B 363 7.00 -23.76 -21.43
CA VAL B 363 7.86 -24.51 -22.41
C VAL B 363 6.99 -25.07 -23.54
N ALA B 364 5.89 -25.74 -23.21
CA ALA B 364 4.92 -26.29 -24.20
C ALA B 364 4.48 -25.16 -25.14
N THR B 365 4.15 -24.00 -24.57
CA THR B 365 3.80 -22.78 -25.33
C THR B 365 4.98 -22.40 -26.24
N ALA B 366 6.19 -22.34 -25.68
CA ALA B 366 7.43 -21.96 -26.41
C ALA B 366 7.59 -22.84 -27.66
N LEU B 367 7.50 -24.15 -27.48
CA LEU B 367 7.64 -25.16 -28.57
C LEU B 367 6.53 -24.95 -29.60
N SER B 368 5.30 -24.77 -29.13
CA SER B 368 4.10 -24.58 -29.96
C SER B 368 4.28 -23.36 -30.86
N LYS B 369 4.72 -22.25 -30.29
CA LYS B 369 4.91 -20.96 -31.01
C LYS B 369 6.08 -21.10 -32.00
N TYR B 370 7.10 -21.90 -31.66
CA TYR B 370 8.23 -22.17 -32.58
C TYR B 370 7.74 -23.04 -33.75
N ILE B 371 6.99 -24.08 -33.43
CA ILE B 371 6.44 -25.05 -34.43
C ILE B 371 5.42 -24.33 -35.34
N ASN B 372 4.57 -23.47 -34.76
CA ASN B 372 3.38 -22.88 -35.45
C ASN B 372 3.74 -21.55 -36.14
N GLU B 373 4.73 -20.82 -35.61
CA GLU B 373 5.04 -19.41 -36.05
C GLU B 373 6.55 -19.23 -36.29
N GLY B 374 7.37 -20.24 -35.97
CA GLY B 374 8.84 -20.19 -36.13
C GLY B 374 9.50 -19.30 -35.10
N ASN B 375 8.73 -18.85 -34.09
CA ASN B 375 9.19 -17.94 -33.01
C ASN B 375 10.27 -18.65 -32.19
N SER B 376 11.50 -18.15 -32.26
CA SER B 376 12.69 -18.76 -31.60
C SER B 376 13.17 -17.87 -30.45
N VAL B 377 12.37 -16.89 -30.05
CA VAL B 377 12.68 -15.98 -28.90
C VAL B 377 12.66 -16.81 -27.62
N GLY B 378 13.72 -16.70 -26.82
CA GLY B 378 13.87 -17.42 -25.54
C GLY B 378 14.65 -18.71 -25.73
N SER B 379 15.01 -19.02 -26.96
CA SER B 379 15.85 -20.20 -27.31
C SER B 379 17.28 -19.98 -26.75
N VAL B 380 17.92 -21.04 -26.29
CA VAL B 380 19.20 -20.98 -25.54
C VAL B 380 20.37 -21.27 -26.49
N ASN B 381 20.09 -21.82 -27.69
CA ASN B 381 21.14 -22.35 -28.63
C ASN B 381 20.95 -21.79 -30.03
N PHE B 382 20.05 -20.84 -30.21
CA PHE B 382 19.50 -20.45 -31.53
C PHE B 382 19.51 -18.93 -31.66
N PRO B 383 19.46 -18.40 -32.90
CA PRO B 383 19.15 -17.00 -33.10
C PRO B 383 17.71 -16.76 -32.63
N GLU B 384 17.49 -15.68 -31.87
CA GLU B 384 16.15 -15.28 -31.38
C GLU B 384 15.50 -14.43 -32.47
N VAL B 385 14.42 -14.95 -33.05
CA VAL B 385 13.79 -14.41 -34.29
C VAL B 385 12.29 -14.64 -34.21
N SER B 386 11.51 -13.64 -34.57
CA SER B 386 10.02 -13.69 -34.59
C SER B 386 9.48 -12.59 -35.49
N LEU B 387 8.21 -12.71 -35.88
CA LEU B 387 7.47 -11.71 -36.69
C LEU B 387 6.04 -11.63 -36.17
N LYS B 388 5.44 -10.45 -36.19
CA LYS B 388 4.02 -10.27 -35.82
C LYS B 388 3.21 -11.30 -36.62
N SER B 389 2.21 -11.91 -35.99
CA SER B 389 1.29 -12.87 -36.63
C SER B 389 0.64 -12.21 -37.84
N LEU B 390 0.13 -13.01 -38.77
CA LEU B 390 -0.64 -12.54 -39.95
C LEU B 390 -2.13 -12.59 -39.61
N ASP B 391 -2.89 -11.61 -40.08
CA ASP B 391 -4.37 -11.54 -39.89
C ASP B 391 -5.00 -12.74 -40.63
N TYR B 392 -6.23 -13.08 -40.26
CA TYR B 392 -7.07 -14.10 -40.96
C TYR B 392 -7.28 -13.67 -42.42
N ASP B 393 -7.34 -12.35 -42.65
CA ASP B 393 -7.67 -11.71 -43.96
C ASP B 393 -6.48 -11.82 -44.94
N GLN B 394 -5.29 -12.16 -44.45
CA GLN B 394 -4.05 -12.27 -45.28
C GLN B 394 -4.00 -13.65 -45.93
N GLU B 395 -5.02 -13.99 -46.72
CA GLU B 395 -5.08 -15.23 -47.54
C GLU B 395 -3.90 -15.22 -48.53
N ASN B 396 -3.36 -16.41 -48.83
CA ASN B 396 -2.25 -16.61 -49.80
C ASN B 396 -1.02 -15.83 -49.35
N THR B 397 -0.58 -16.09 -48.11
CA THR B 397 0.70 -15.61 -47.55
C THR B 397 1.38 -16.80 -46.87
N VAL B 398 2.59 -17.13 -47.33
CA VAL B 398 3.39 -18.27 -46.80
C VAL B 398 4.53 -17.68 -45.94
N ARG B 399 4.86 -18.35 -44.85
CA ARG B 399 5.99 -17.99 -43.97
C ARG B 399 7.14 -18.96 -44.21
N VAL B 400 8.26 -18.45 -44.70
CA VAL B 400 9.51 -19.22 -44.96
C VAL B 400 10.36 -19.22 -43.70
N LEU B 401 10.59 -20.39 -43.12
CA LEU B 401 11.56 -20.60 -42.00
C LEU B 401 12.78 -21.32 -42.55
N TYR B 402 13.89 -20.61 -42.67
CA TYR B 402 15.12 -21.08 -43.38
C TYR B 402 16.33 -20.96 -42.46
N ILE B 403 16.60 -22.02 -41.67
CA ILE B 403 17.87 -22.15 -40.89
C ILE B 403 18.96 -22.54 -41.90
N HIS B 404 20.11 -21.87 -41.82
CA HIS B 404 21.18 -21.97 -42.82
C HIS B 404 22.54 -21.69 -42.17
N ARG B 405 23.62 -22.06 -42.85
CA ARG B 405 25.01 -21.75 -42.44
C ARG B 405 25.23 -20.24 -42.56
N ASN B 406 25.89 -19.64 -41.57
CA ASN B 406 26.12 -18.18 -41.49
C ASN B 406 27.33 -17.82 -42.35
N VAL B 407 27.14 -17.83 -43.66
CA VAL B 407 28.21 -17.50 -44.66
C VAL B 407 27.64 -16.54 -45.67
N PRO B 408 28.48 -15.71 -46.32
CA PRO B 408 27.99 -14.71 -47.27
C PRO B 408 27.18 -15.34 -48.42
N GLY B 409 26.28 -14.55 -49.00
CA GLY B 409 25.59 -14.85 -50.27
C GLY B 409 24.32 -15.69 -50.09
N VAL B 410 24.00 -16.10 -48.87
CA VAL B 410 22.83 -17.00 -48.60
C VAL B 410 21.53 -16.22 -48.83
N LEU B 411 21.44 -15.00 -48.32
CA LEU B 411 20.23 -14.15 -48.49
C LEU B 411 20.07 -13.79 -49.98
N LYS B 412 21.19 -13.49 -50.64
CA LYS B 412 21.26 -13.29 -52.12
C LYS B 412 20.49 -14.42 -52.82
N THR B 413 20.82 -15.66 -52.50
CA THR B 413 20.20 -16.89 -53.06
C THR B 413 18.70 -16.89 -52.74
N VAL B 414 18.37 -16.79 -51.44
CA VAL B 414 16.97 -16.95 -50.91
C VAL B 414 16.08 -15.86 -51.52
N ASN B 415 16.52 -14.62 -51.49
CA ASN B 415 15.73 -13.44 -51.93
C ASN B 415 15.59 -13.48 -53.46
N ASP B 416 16.57 -14.08 -54.15
CA ASP B 416 16.51 -14.40 -55.60
C ASP B 416 15.37 -15.41 -55.83
N ILE B 417 15.36 -16.49 -55.05
CA ILE B 417 14.38 -17.62 -55.18
C ILE B 417 12.96 -17.11 -54.93
N LEU B 418 12.81 -16.06 -54.12
CA LEU B 418 11.48 -15.51 -53.69
C LEU B 418 11.12 -14.27 -54.52
N SER B 419 12.02 -13.84 -55.41
CA SER B 419 11.94 -12.58 -56.23
C SER B 419 10.57 -12.45 -56.92
N ASP B 420 9.93 -13.57 -57.23
CA ASP B 420 8.65 -13.65 -58.01
C ASP B 420 7.49 -13.15 -57.14
N HIS B 421 7.70 -13.07 -55.83
CA HIS B 421 6.67 -12.66 -54.84
C HIS B 421 7.15 -11.45 -54.04
N ASN B 422 6.21 -10.66 -53.55
CA ASN B 422 6.48 -9.52 -52.65
C ASN B 422 6.78 -10.06 -51.26
N ILE B 423 7.92 -9.69 -50.70
CA ILE B 423 8.28 -9.96 -49.28
C ILE B 423 7.71 -8.83 -48.42
N GLU B 424 6.62 -9.11 -47.69
CA GLU B 424 5.96 -8.15 -46.78
C GLU B 424 6.98 -7.70 -45.73
N LYS B 425 7.66 -8.67 -45.11
CA LYS B 425 8.70 -8.45 -44.07
C LYS B 425 9.57 -9.72 -43.97
N GLN B 426 10.88 -9.57 -43.66
CA GLN B 426 11.75 -10.73 -43.32
C GLN B 426 12.75 -10.32 -42.25
N PHE B 427 13.17 -11.29 -41.45
CA PHE B 427 14.13 -11.14 -40.35
C PHE B 427 15.11 -12.31 -40.41
N SER B 428 16.39 -11.99 -40.44
CA SER B 428 17.50 -12.96 -40.36
C SER B 428 18.45 -12.51 -39.26
N ASP B 429 18.78 -13.42 -38.34
CA ASP B 429 19.80 -13.22 -37.29
C ASP B 429 20.72 -14.44 -37.28
N SER B 430 21.94 -14.27 -36.80
CA SER B 430 23.00 -15.31 -36.78
C SER B 430 23.41 -15.61 -35.34
N HIS B 431 23.71 -16.88 -35.06
CA HIS B 431 24.25 -17.36 -33.76
C HIS B 431 25.50 -18.19 -34.02
N GLY B 432 26.64 -17.53 -34.21
CA GLY B 432 27.92 -18.17 -34.53
C GLY B 432 27.92 -18.78 -35.91
N GLU B 433 27.97 -20.11 -35.99
CA GLU B 433 28.11 -20.88 -37.27
C GLU B 433 26.76 -20.94 -37.99
N ILE B 434 25.66 -20.83 -37.24
CA ILE B 434 24.28 -21.01 -37.77
C ILE B 434 23.54 -19.68 -37.79
N ALA B 435 22.50 -19.59 -38.62
CA ALA B 435 21.65 -18.39 -38.82
C ALA B 435 20.24 -18.81 -39.20
N TYR B 436 19.27 -17.93 -38.99
CA TYR B 436 17.82 -18.21 -39.10
C TYR B 436 17.13 -17.03 -39.78
N LEU B 437 16.44 -17.30 -40.90
CA LEU B 437 15.67 -16.31 -41.68
C LEU B 437 14.19 -16.67 -41.64
N MET B 438 13.37 -15.75 -41.13
CA MET B 438 11.90 -15.77 -41.26
C MET B 438 11.53 -14.73 -42.30
N ALA B 439 10.67 -15.10 -43.24
CA ALA B 439 10.17 -14.22 -44.30
C ALA B 439 8.70 -14.50 -44.56
N ASP B 440 7.88 -13.44 -44.59
CA ASP B 440 6.46 -13.48 -45.00
C ASP B 440 6.37 -13.03 -46.46
N ILE B 441 5.91 -13.92 -47.34
CA ILE B 441 5.76 -13.66 -48.80
C ILE B 441 4.27 -13.76 -49.16
N SER B 442 3.79 -12.85 -50.00
CA SER B 442 2.35 -12.68 -50.34
C SER B 442 2.08 -13.22 -51.74
N SER B 443 0.82 -13.59 -52.00
CA SER B 443 0.30 -13.97 -53.34
C SER B 443 0.94 -15.29 -53.81
N VAL B 444 0.86 -16.34 -52.98
CA VAL B 444 1.32 -17.72 -53.33
C VAL B 444 0.13 -18.67 -53.24
N ASN B 445 -0.13 -19.44 -54.30
CA ASN B 445 -1.16 -20.51 -54.35
C ASN B 445 -0.49 -21.87 -54.12
N GLN B 446 -1.27 -22.87 -53.70
CA GLN B 446 -0.79 -24.26 -53.39
C GLN B 446 0.28 -24.67 -54.41
N SER B 447 0.09 -24.33 -55.69
CA SER B 447 1.00 -24.65 -56.82
C SER B 447 2.45 -24.23 -56.51
N GLU B 448 2.64 -22.95 -56.15
CA GLU B 448 3.97 -22.29 -56.09
C GLU B 448 4.72 -22.65 -54.79
N ILE B 449 3.98 -23.11 -53.76
CA ILE B 449 4.58 -23.55 -52.45
C ILE B 449 5.56 -24.69 -52.73
N LYS B 450 5.07 -25.79 -53.31
CA LYS B 450 5.85 -27.01 -53.65
C LYS B 450 7.15 -26.60 -54.35
N ASP B 451 7.06 -25.67 -55.30
CA ASP B 451 8.21 -25.16 -56.11
C ASP B 451 9.21 -24.47 -55.17
N ILE B 452 8.76 -23.44 -54.44
CA ILE B 452 9.62 -22.60 -53.55
C ILE B 452 10.33 -23.48 -52.52
N TYR B 453 9.61 -24.46 -51.95
CA TYR B 453 10.16 -25.42 -50.96
C TYR B 453 11.33 -26.16 -51.57
N GLU B 454 11.09 -26.82 -52.71
CA GLU B 454 12.07 -27.67 -53.43
C GLU B 454 13.34 -26.85 -53.71
N LYS B 455 13.18 -25.64 -54.27
CA LYS B 455 14.31 -24.74 -54.67
C LYS B 455 15.17 -24.41 -53.44
N LEU B 456 14.53 -24.09 -52.33
CA LEU B 456 15.19 -23.70 -51.05
C LEU B 456 15.90 -24.91 -50.44
N ASN B 457 15.32 -26.10 -50.61
CA ASN B 457 15.84 -27.38 -50.04
C ASN B 457 17.15 -27.76 -50.74
N GLN B 458 17.32 -27.34 -52.00
CA GLN B 458 18.46 -27.74 -52.88
C GLN B 458 19.62 -26.73 -52.72
N THR B 459 19.43 -25.68 -51.91
CA THR B 459 20.43 -24.58 -51.71
C THR B 459 21.65 -25.11 -50.95
N SER B 460 22.81 -24.50 -51.18
CA SER B 460 24.14 -24.91 -50.65
C SER B 460 24.17 -24.78 -49.13
N ALA B 461 23.65 -23.67 -48.60
CA ALA B 461 23.80 -23.24 -47.19
C ALA B 461 22.70 -23.86 -46.31
N LYS B 462 21.65 -24.40 -46.92
CA LYS B 462 20.44 -24.93 -46.21
C LYS B 462 20.87 -25.90 -45.10
N VAL B 463 20.32 -25.71 -43.90
CA VAL B 463 20.48 -26.63 -42.73
C VAL B 463 19.12 -27.25 -42.40
N SER B 464 18.03 -26.48 -42.54
CA SER B 464 16.62 -26.99 -42.51
C SER B 464 15.65 -25.92 -42.98
N ILE B 465 14.55 -26.36 -43.61
CA ILE B 465 13.48 -25.48 -44.18
C ILE B 465 12.13 -26.00 -43.73
N ARG B 466 11.24 -25.09 -43.41
CA ARG B 466 9.81 -25.34 -43.17
C ARG B 466 9.03 -24.22 -43.81
N LEU B 467 7.89 -24.53 -44.40
CA LEU B 467 6.97 -23.52 -44.97
C LEU B 467 5.63 -23.60 -44.26
N LEU B 468 5.20 -22.49 -43.68
CA LEU B 468 3.90 -22.34 -42.99
C LEU B 468 2.94 -21.59 -43.91
N TYR B 469 1.78 -22.18 -44.20
CA TYR B 469 0.70 -21.59 -45.02
C TYR B 469 -0.63 -21.71 -44.26
N GLY C 24 27.86 -7.53 15.84
CA GLY C 24 26.91 -7.43 16.97
C GLY C 24 26.39 -8.79 17.38
N ALA C 25 25.14 -8.85 17.84
CA ALA C 25 24.42 -10.09 18.24
C ALA C 25 22.93 -9.94 17.96
N VAL C 26 22.26 -11.02 17.57
CA VAL C 26 20.78 -11.05 17.34
C VAL C 26 20.10 -10.82 18.67
N SER C 27 19.31 -9.75 18.78
CA SER C 27 18.64 -9.29 20.02
C SER C 27 17.15 -9.12 19.78
N THR C 28 16.36 -9.21 20.85
CA THR C 28 14.88 -9.05 20.84
C THR C 28 14.52 -7.81 20.02
N SER C 29 13.67 -7.96 19.01
CA SER C 29 13.19 -6.85 18.14
C SER C 29 12.34 -5.91 18.97
N PRO C 30 12.23 -4.61 18.59
CA PRO C 30 11.54 -3.62 19.41
C PRO C 30 10.05 -3.92 19.61
N THR C 31 9.55 -3.70 20.83
CA THR C 31 8.12 -3.83 21.22
C THR C 31 7.29 -2.82 20.39
N GLN C 32 6.15 -3.27 19.85
CA GLN C 32 5.19 -2.43 19.09
C GLN C 32 4.24 -1.74 20.08
N LYS C 46 -25.40 -5.63 26.49
CA LYS C 46 -26.67 -5.61 27.27
C LYS C 46 -27.38 -4.26 27.05
N GLN C 47 -28.44 -4.25 26.23
CA GLN C 47 -29.26 -3.03 25.90
C GLN C 47 -29.29 -2.12 27.13
N PRO C 48 -28.99 -0.81 26.98
CA PRO C 48 -28.88 0.09 28.13
C PRO C 48 -30.24 0.61 28.61
N LYS C 49 -30.32 1.02 29.89
CA LYS C 49 -31.54 1.56 30.52
C LYS C 49 -31.75 3.02 30.08
N ALA C 50 -32.91 3.32 29.51
CA ALA C 50 -33.33 4.67 29.07
C ALA C 50 -33.74 5.50 30.30
N LEU C 51 -32.94 6.51 30.64
CA LEU C 51 -33.12 7.39 31.83
C LEU C 51 -34.12 8.52 31.51
N LYS C 52 -35.00 8.84 32.46
CA LYS C 52 -36.04 9.92 32.36
C LYS C 52 -35.82 10.94 33.47
N PRO C 53 -36.03 12.25 33.19
CA PRO C 53 -35.76 13.29 34.18
C PRO C 53 -37.03 13.77 34.90
N ASP C 58 -41.64 17.20 29.01
CA ASP C 58 -41.05 17.40 27.66
C ASP C 58 -39.73 18.18 27.80
N MET C 59 -38.75 17.88 26.94
CA MET C 59 -37.45 18.61 26.84
C MET C 59 -37.52 19.62 25.70
N ASN C 60 -37.01 20.85 25.93
CA ASN C 60 -37.08 21.99 24.99
C ASN C 60 -35.67 22.30 24.46
N ILE C 61 -35.45 22.09 23.15
CA ILE C 61 -34.17 22.44 22.46
C ILE C 61 -34.44 23.65 21.56
N LEU C 62 -33.65 24.72 21.73
CA LEU C 62 -33.63 25.92 20.85
C LEU C 62 -32.31 25.93 20.07
N LEU C 63 -32.39 25.92 18.73
CA LEU C 63 -31.21 25.93 17.82
C LEU C 63 -31.22 27.22 16.99
N LEU C 64 -30.11 27.95 16.99
CA LEU C 64 -29.93 29.24 16.26
C LEU C 64 -28.84 29.07 15.19
N GLU C 65 -28.73 30.05 14.29
CA GLU C 65 -27.61 30.25 13.33
C GLU C 65 -27.52 29.07 12.35
N ASN C 66 -28.66 28.44 12.05
CA ASN C 66 -28.79 27.43 10.98
C ASN C 66 -27.88 26.24 11.29
N VAL C 67 -28.08 25.64 12.46
CA VAL C 67 -27.41 24.36 12.84
C VAL C 67 -27.86 23.29 11.86
N ASN C 68 -26.93 22.44 11.44
CA ASN C 68 -27.16 21.38 10.43
C ASN C 68 -28.37 20.51 10.83
N ALA C 69 -29.04 19.90 9.85
CA ALA C 69 -30.28 19.09 10.02
C ALA C 69 -29.98 17.86 10.88
N THR C 70 -28.76 17.31 10.76
CA THR C 70 -28.29 16.10 11.51
C THR C 70 -28.55 16.29 13.01
N ALA C 71 -28.26 17.49 13.53
CA ALA C 71 -28.47 17.89 14.93
C ALA C 71 -29.97 17.81 15.26
N ILE C 72 -30.79 18.40 14.39
CA ILE C 72 -32.28 18.46 14.54
C ILE C 72 -32.83 17.04 14.63
N LYS C 73 -32.40 16.15 13.73
CA LYS C 73 -32.91 14.75 13.66
C LYS C 73 -32.54 13.99 14.95
N ILE C 74 -31.29 14.14 15.42
CA ILE C 74 -30.78 13.48 16.65
C ILE C 74 -31.69 13.82 17.84
N PHE C 75 -32.02 15.11 18.00
CA PHE C 75 -32.80 15.65 19.14
C PHE C 75 -34.25 15.15 19.08
N LYS C 76 -34.88 15.23 17.89
CA LYS C 76 -36.30 14.84 17.66
C LYS C 76 -36.47 13.35 17.92
N ASP C 77 -35.51 12.52 17.48
CA ASP C 77 -35.54 11.03 17.60
C ASP C 77 -35.51 10.63 19.08
N GLN C 78 -35.08 11.53 19.97
CA GLN C 78 -35.00 11.30 21.43
C GLN C 78 -36.26 11.82 22.12
N GLY C 79 -37.17 12.41 21.35
CA GLY C 79 -38.49 12.88 21.83
C GLY C 79 -38.50 14.38 22.07
N TYR C 80 -37.32 14.99 22.24
CA TYR C 80 -37.18 16.45 22.57
C TYR C 80 -37.98 17.28 21.57
N GLN C 81 -38.61 18.35 22.04
CA GLN C 81 -39.30 19.37 21.21
C GLN C 81 -38.26 20.40 20.76
N VAL C 82 -38.08 20.54 19.44
CA VAL C 82 -36.98 21.33 18.81
C VAL C 82 -37.55 22.60 18.18
N GLU C 83 -37.01 23.76 18.56
CA GLU C 83 -37.26 25.06 17.88
C GLU C 83 -36.01 25.44 17.07
N PHE C 84 -36.17 25.58 15.75
CA PHE C 84 -35.07 25.86 14.78
C PHE C 84 -35.17 27.30 14.26
N HIS C 85 -34.02 27.94 13.99
CA HIS C 85 -33.89 29.30 13.38
C HIS C 85 -32.63 29.38 12.50
N LYS C 86 -32.75 29.94 11.29
CA LYS C 86 -31.65 30.05 10.29
C LYS C 86 -30.67 31.15 10.71
N SER C 87 -31.12 32.08 11.54
CA SER C 87 -30.35 33.28 11.98
C SER C 87 -30.32 33.34 13.50
N SER C 88 -29.53 34.26 14.04
CA SER C 88 -29.48 34.60 15.49
C SER C 88 -30.79 35.25 15.90
N LEU C 89 -30.95 35.58 17.19
CA LEU C 89 -32.10 36.37 17.73
C LEU C 89 -31.57 37.66 18.35
N PRO C 90 -32.37 38.75 18.39
CA PRO C 90 -32.00 39.94 19.16
C PRO C 90 -32.15 39.66 20.66
N GLU C 91 -31.36 40.36 21.49
CA GLU C 91 -31.28 40.15 22.98
C GLU C 91 -32.71 40.13 23.57
N ASP C 92 -33.66 40.81 22.93
CA ASP C 92 -35.08 40.92 23.39
C ASP C 92 -35.80 39.57 23.14
N GLU C 93 -35.94 39.18 21.87
CA GLU C 93 -36.68 37.96 21.44
C GLU C 93 -36.08 36.72 22.13
N LEU C 94 -34.77 36.74 22.39
CA LEU C 94 -34.00 35.59 22.96
C LEU C 94 -34.42 35.35 24.42
N ILE C 95 -34.28 36.36 25.27
CA ILE C 95 -34.57 36.29 26.74
C ILE C 95 -35.96 35.64 26.95
N GLU C 96 -36.93 35.97 26.10
CA GLU C 96 -38.32 35.44 26.20
C GLU C 96 -38.31 33.92 25.93
N LYS C 97 -37.43 33.46 25.04
CA LYS C 97 -37.38 32.04 24.56
C LYS C 97 -36.51 31.19 25.51
N ILE C 98 -35.42 31.76 26.07
CA ILE C 98 -34.42 31.02 26.89
C ILE C 98 -34.97 30.76 28.31
N LYS C 99 -36.15 31.30 28.62
CA LYS C 99 -36.83 31.12 29.94
C LYS C 99 -37.16 29.63 30.12
N ASP C 100 -37.72 28.99 29.09
CA ASP C 100 -38.29 27.60 29.14
C ASP C 100 -37.29 26.58 28.58
N VAL C 101 -36.23 27.06 27.90
CA VAL C 101 -35.29 26.20 27.10
C VAL C 101 -34.45 25.34 28.05
N HIS C 102 -34.34 24.04 27.74
CA HIS C 102 -33.55 23.02 28.49
C HIS C 102 -32.13 22.92 27.91
N ALA C 103 -32.00 23.14 26.60
CA ALA C 103 -30.70 23.10 25.87
C ALA C 103 -30.74 24.07 24.68
N ILE C 104 -29.74 24.94 24.58
CA ILE C 104 -29.58 25.90 23.45
C ILE C 104 -28.37 25.49 22.60
N GLY C 105 -28.56 25.45 21.29
CA GLY C 105 -27.48 25.29 20.30
C GLY C 105 -27.23 26.58 19.55
N ILE C 106 -26.02 27.12 19.63
CA ILE C 106 -25.61 28.39 18.99
C ILE C 106 -24.42 28.12 18.08
N ARG C 107 -23.96 29.15 17.37
CA ARG C 107 -22.66 29.20 16.67
C ARG C 107 -21.94 30.47 17.14
N SER C 108 -21.10 31.08 16.30
CA SER C 108 -20.15 32.15 16.71
C SER C 108 -20.87 33.50 16.91
N LYS C 109 -21.99 33.74 16.21
CA LYS C 109 -22.70 35.07 16.19
C LYS C 109 -23.40 35.32 17.54
N THR C 110 -24.33 34.45 17.92
CA THR C 110 -25.12 34.56 19.19
C THR C 110 -24.16 34.69 20.38
N ARG C 111 -24.16 35.84 21.03
CA ARG C 111 -23.36 36.09 22.27
C ARG C 111 -24.22 35.76 23.50
N LEU C 112 -23.78 34.80 24.32
CA LEU C 112 -24.48 34.39 25.58
C LEU C 112 -23.71 34.95 26.79
N THR C 113 -24.04 36.17 27.19
CA THR C 113 -23.41 36.89 28.34
C THR C 113 -24.20 36.61 29.63
N GLU C 114 -23.62 36.96 30.77
CA GLU C 114 -24.27 36.92 32.10
C GLU C 114 -25.67 37.53 31.98
N LYS C 115 -25.77 38.66 31.26
CA LYS C 115 -27.03 39.45 31.07
C LYS C 115 -28.17 38.52 30.61
N ILE C 116 -27.92 37.72 29.56
CA ILE C 116 -28.98 36.93 28.85
C ILE C 116 -29.08 35.51 29.47
N LEU C 117 -28.04 35.05 30.17
CA LEU C 117 -27.98 33.67 30.76
C LEU C 117 -28.69 33.64 32.12
N GLN C 118 -28.84 34.79 32.79
CA GLN C 118 -29.39 34.89 34.16
C GLN C 118 -30.90 34.59 34.15
N HIS C 119 -31.54 34.74 32.99
CA HIS C 119 -33.01 34.51 32.80
C HIS C 119 -33.27 33.04 32.47
N ALA C 120 -32.21 32.28 32.22
CA ALA C 120 -32.25 30.83 31.86
C ALA C 120 -32.64 30.01 33.08
N ARG C 121 -33.92 29.64 33.19
CA ARG C 121 -34.48 28.91 34.35
C ARG C 121 -34.06 27.43 34.29
N ASN C 122 -34.28 26.77 33.15
CA ASN C 122 -34.22 25.29 33.02
C ASN C 122 -32.99 24.85 32.21
N LEU C 123 -32.11 25.79 31.83
CA LEU C 123 -30.99 25.52 30.89
C LEU C 123 -30.00 24.51 31.50
N VAL C 124 -29.88 23.33 30.87
CA VAL C 124 -29.02 22.18 31.32
C VAL C 124 -27.63 22.32 30.70
N CYS C 125 -27.54 22.62 29.40
CA CYS C 125 -26.27 22.64 28.61
C CYS C 125 -26.39 23.57 27.39
N ILE C 126 -25.25 24.10 26.95
CA ILE C 126 -25.11 24.94 25.72
C ILE C 126 -24.26 24.17 24.70
N GLY C 127 -24.72 24.11 23.46
CA GLY C 127 -23.97 23.53 22.33
C GLY C 127 -23.42 24.61 21.42
N CYS C 128 -22.10 24.76 21.38
CA CYS C 128 -21.37 25.59 20.38
C CYS C 128 -21.08 24.74 19.13
N PHE C 129 -21.98 24.78 18.14
CA PHE C 129 -21.89 24.02 16.86
C PHE C 129 -20.85 24.70 15.97
N CYS C 130 -19.62 24.77 16.48
CA CYS C 130 -18.48 25.52 15.92
C CYS C 130 -17.28 25.36 16.84
N ILE C 131 -16.12 25.88 16.45
CA ILE C 131 -14.84 25.75 17.22
C ILE C 131 -14.87 26.73 18.41
N GLY C 132 -15.15 28.01 18.15
CA GLY C 132 -15.09 29.10 19.14
C GLY C 132 -16.13 28.97 20.24
N THR C 133 -15.79 29.43 21.45
CA THR C 133 -16.68 29.48 22.66
C THR C 133 -16.62 30.87 23.32
N ASN C 134 -15.84 31.79 22.76
CA ASN C 134 -15.65 33.17 23.28
C ASN C 134 -17.01 33.89 23.34
N GLN C 135 -17.95 33.49 22.49
CA GLN C 135 -19.30 34.09 22.40
C GLN C 135 -20.13 33.71 23.64
N VAL C 136 -19.57 32.88 24.54
CA VAL C 136 -20.27 32.41 25.77
C VAL C 136 -19.44 32.77 27.01
N ASP C 137 -20.09 33.33 28.03
CA ASP C 137 -19.51 33.54 29.39
C ASP C 137 -19.43 32.16 30.07
N LEU C 138 -18.30 31.48 29.89
CA LEU C 138 -18.06 30.10 30.41
C LEU C 138 -18.07 30.14 31.94
N LYS C 139 -17.23 31.00 32.54
CA LYS C 139 -17.13 31.18 34.02
C LYS C 139 -18.53 31.27 34.62
N TYR C 140 -19.39 32.16 34.10
CA TYR C 140 -20.77 32.38 34.61
C TYR C 140 -21.60 31.13 34.37
N ALA C 141 -21.66 30.65 33.12
CA ALA C 141 -22.42 29.45 32.71
C ALA C 141 -22.11 28.30 33.67
N ALA C 142 -20.84 28.16 34.06
CA ALA C 142 -20.33 27.14 35.01
C ALA C 142 -21.01 27.34 36.36
N SER C 143 -20.91 28.54 36.92
CA SER C 143 -21.42 28.93 38.27
C SER C 143 -22.92 28.61 38.40
N LYS C 144 -23.67 28.65 37.29
CA LYS C 144 -25.13 28.33 37.26
C LYS C 144 -25.32 26.83 37.02
N GLY C 145 -24.23 26.11 36.78
CA GLY C 145 -24.23 24.64 36.55
C GLY C 145 -24.59 24.28 35.11
N ILE C 146 -24.27 25.16 34.16
CA ILE C 146 -24.53 24.94 32.70
C ILE C 146 -23.25 24.47 32.03
N ALA C 147 -23.26 23.25 31.50
CA ALA C 147 -22.13 22.63 30.76
C ALA C 147 -22.15 23.11 29.30
N VAL C 148 -21.01 23.58 28.80
CA VAL C 148 -20.84 24.08 27.40
C VAL C 148 -20.01 23.06 26.62
N PHE C 149 -20.46 22.72 25.41
CA PHE C 149 -19.80 21.77 24.48
C PHE C 149 -19.57 22.46 23.14
N ASN C 150 -18.50 22.06 22.43
CA ASN C 150 -18.14 22.61 21.11
C ASN C 150 -17.61 21.48 20.21
N SER C 151 -17.18 21.82 18.99
CA SER C 151 -16.62 20.88 17.97
C SER C 151 -15.29 21.43 17.46
N PRO C 152 -14.17 21.15 18.14
CA PRO C 152 -12.88 21.76 17.79
C PRO C 152 -12.22 21.26 16.49
N PHE C 153 -12.43 19.99 16.11
CA PHE C 153 -11.60 19.28 15.07
C PHE C 153 -12.45 18.72 13.92
N SER C 154 -13.69 19.17 13.78
CA SER C 154 -14.67 18.67 12.79
C SER C 154 -14.31 19.14 11.36
N ASN C 155 -13.39 20.10 11.22
CA ASN C 155 -13.12 20.83 9.94
C ASN C 155 -11.77 20.42 9.35
N SER C 156 -11.04 19.52 10.00
CA SER C 156 -9.65 19.11 9.62
C SER C 156 -9.60 18.74 8.13
N ARG C 157 -10.39 17.74 7.73
CA ARG C 157 -10.44 17.20 6.35
C ARG C 157 -10.69 18.34 5.35
N SER C 158 -11.67 19.21 5.65
CA SER C 158 -12.14 20.30 4.76
C SER C 158 -11.00 21.28 4.46
N VAL C 159 -10.17 21.58 5.46
CA VAL C 159 -9.01 22.52 5.31
C VAL C 159 -7.90 21.81 4.51
N ALA C 160 -7.67 20.52 4.77
CA ALA C 160 -6.64 19.70 4.09
C ALA C 160 -6.94 19.65 2.57
N GLU C 161 -8.17 19.28 2.21
CA GLU C 161 -8.64 19.22 0.80
C GLU C 161 -8.44 20.57 0.12
N LEU C 162 -8.87 21.65 0.77
CA LEU C 162 -8.74 23.03 0.24
C LEU C 162 -7.28 23.26 -0.16
N VAL C 163 -6.34 22.86 0.68
CA VAL C 163 -4.89 23.13 0.50
C VAL C 163 -4.38 22.35 -0.72
N ILE C 164 -4.77 21.08 -0.86
CA ILE C 164 -4.42 20.25 -2.05
C ILE C 164 -4.87 21.02 -3.29
N GLY C 165 -6.16 21.39 -3.33
CA GLY C 165 -6.76 22.19 -4.40
C GLY C 165 -5.94 23.44 -4.70
N GLU C 166 -5.59 24.19 -3.66
CA GLU C 166 -4.89 25.49 -3.78
C GLU C 166 -3.45 25.24 -4.27
N ILE C 167 -2.81 24.17 -3.82
CA ILE C 167 -1.42 23.80 -4.25
C ILE C 167 -1.43 23.64 -5.77
N ILE C 168 -2.32 22.78 -6.28
CA ILE C 168 -2.46 22.48 -7.73
C ILE C 168 -2.80 23.78 -8.47
N SER C 169 -3.75 24.54 -7.95
CA SER C 169 -4.28 25.77 -8.57
C SER C 169 -3.16 26.79 -8.76
N LEU C 170 -2.35 27.02 -7.72
CA LEU C 170 -1.19 27.96 -7.74
C LEU C 170 -0.11 27.41 -8.69
N ALA C 171 0.17 26.12 -8.58
CA ALA C 171 1.16 25.40 -9.39
C ALA C 171 0.91 25.61 -10.89
N ARG C 172 -0.37 25.77 -11.27
CA ARG C 172 -0.83 25.80 -12.68
C ARG C 172 -1.41 27.17 -13.03
N GLN C 173 -1.62 28.01 -12.03
CA GLN C 173 -2.22 29.37 -12.17
C GLN C 173 -3.64 29.26 -12.77
N LEU C 174 -4.46 28.34 -12.25
CA LEU C 174 -5.86 28.11 -12.69
C LEU C 174 -6.64 29.42 -12.58
N GLY C 175 -6.71 30.00 -11.38
CA GLY C 175 -7.41 31.26 -11.10
C GLY C 175 -7.19 32.26 -12.22
N ASP C 176 -5.92 32.57 -12.52
CA ASP C 176 -5.50 33.56 -13.55
C ASP C 176 -6.07 33.13 -14.90
N ARG C 177 -5.78 31.90 -15.31
CA ARG C 177 -6.19 31.32 -16.63
C ARG C 177 -7.69 31.49 -16.83
N SER C 178 -8.49 31.15 -15.83
CA SER C 178 -9.98 31.14 -15.87
C SER C 178 -10.49 32.58 -15.92
N ILE C 179 -9.83 33.49 -15.22
CA ILE C 179 -10.18 34.95 -15.18
C ILE C 179 -9.90 35.54 -16.57
N GLU C 180 -8.75 35.21 -17.16
CA GLU C 180 -8.35 35.66 -18.51
C GLU C 180 -9.45 35.29 -19.53
N LEU C 181 -9.80 34.00 -19.59
CA LEU C 181 -10.77 33.44 -20.58
C LEU C 181 -12.16 34.06 -20.37
N HIS C 182 -12.51 34.37 -19.14
CA HIS C 182 -13.81 34.98 -18.77
C HIS C 182 -13.89 36.40 -19.33
N THR C 183 -12.75 37.11 -19.37
CA THR C 183 -12.60 38.48 -19.96
C THR C 183 -12.27 38.36 -21.45
N GLY C 184 -12.22 37.13 -21.97
CA GLY C 184 -12.09 36.83 -23.42
C GLY C 184 -10.65 36.61 -23.85
N THR C 185 -9.70 36.65 -22.90
CA THR C 185 -8.23 36.50 -23.18
C THR C 185 -7.83 35.02 -23.14
N TRP C 186 -7.12 34.58 -24.16
CA TRP C 186 -6.58 33.20 -24.31
C TRP C 186 -5.07 33.24 -24.09
N ASN C 187 -4.61 32.79 -22.93
CA ASN C 187 -3.18 32.87 -22.52
C ASN C 187 -2.68 31.47 -22.12
N LYS C 188 -2.43 30.62 -23.11
CA LYS C 188 -1.89 29.25 -22.91
C LYS C 188 -0.42 29.36 -22.49
N VAL C 189 -0.13 29.09 -21.22
CA VAL C 189 1.22 29.28 -20.60
C VAL C 189 1.60 28.02 -19.84
N ALA C 190 2.81 27.50 -20.11
CA ALA C 190 3.42 26.34 -19.43
C ALA C 190 4.64 26.78 -18.61
N ALA C 191 5.13 28.00 -18.85
CA ALA C 191 6.32 28.59 -18.19
C ALA C 191 6.06 28.70 -16.69
N ARG C 192 6.93 28.11 -15.88
CA ARG C 192 6.89 28.16 -14.39
C ARG C 192 5.50 27.73 -13.92
N CYS C 193 4.88 26.80 -14.66
CA CYS C 193 3.70 25.99 -14.24
C CYS C 193 4.15 24.54 -14.04
N TRP C 194 3.79 23.92 -12.92
CA TRP C 194 4.43 22.66 -12.43
C TRP C 194 3.40 21.56 -12.19
N GLU C 195 3.81 20.33 -12.43
CA GLU C 195 3.25 19.14 -11.76
C GLU C 195 3.65 19.23 -10.29
N VAL C 196 2.73 18.93 -9.38
CA VAL C 196 3.01 18.95 -7.92
C VAL C 196 3.86 17.73 -7.56
N ARG C 197 3.77 16.65 -8.33
CA ARG C 197 4.57 15.41 -8.13
C ARG C 197 6.05 15.78 -8.17
N GLY C 198 6.81 15.37 -7.15
CA GLY C 198 8.27 15.59 -7.08
C GLY C 198 8.61 16.92 -6.44
N LYS C 199 7.60 17.71 -6.11
CA LYS C 199 7.75 19.00 -5.38
C LYS C 199 7.73 18.72 -3.88
N THR C 200 8.20 19.67 -3.08
CA THR C 200 8.27 19.55 -1.60
C THR C 200 7.25 20.49 -0.96
N LEU C 201 6.41 19.93 -0.10
CA LEU C 201 5.43 20.67 0.74
C LEU C 201 6.04 20.86 2.13
N GLY C 202 6.15 22.09 2.59
CA GLY C 202 6.55 22.45 3.96
C GLY C 202 5.34 22.73 4.84
N ILE C 203 5.00 21.79 5.73
CA ILE C 203 3.84 21.90 6.67
C ILE C 203 4.33 22.48 7.99
N ILE C 204 4.02 23.75 8.25
CA ILE C 204 4.28 24.43 9.54
C ILE C 204 3.12 24.14 10.49
N GLY C 205 3.33 23.25 11.45
CA GLY C 205 2.29 22.82 12.42
C GLY C 205 1.65 21.52 11.98
N TYR C 206 2.10 20.41 12.58
CA TYR C 206 1.72 19.02 12.21
C TYR C 206 0.65 18.50 13.18
N GLY C 207 -0.44 19.27 13.32
CA GLY C 207 -1.58 18.93 14.20
C GLY C 207 -2.60 18.02 13.52
N HIS C 208 -3.88 18.20 13.84
CA HIS C 208 -5.04 17.47 13.22
C HIS C 208 -5.05 17.69 11.70
N ILE C 209 -4.96 18.96 11.28
CA ILE C 209 -5.05 19.38 9.86
C ILE C 209 -3.72 19.08 9.16
N GLY C 210 -2.62 19.51 9.76
CA GLY C 210 -1.27 19.34 9.20
C GLY C 210 -0.98 17.89 8.84
N SER C 211 -1.39 16.97 9.71
CA SER C 211 -1.13 15.52 9.59
C SER C 211 -2.03 14.88 8.51
N GLN C 212 -3.31 15.27 8.46
CA GLN C 212 -4.26 14.83 7.39
C GLN C 212 -3.73 15.31 6.04
N LEU C 213 -3.28 16.57 5.99
CA LEU C 213 -2.69 17.17 4.77
C LEU C 213 -1.47 16.37 4.32
N SER C 214 -0.66 15.91 5.28
CA SER C 214 0.59 15.16 5.03
C SER C 214 0.30 13.94 4.16
N VAL C 215 -0.70 13.15 4.54
CA VAL C 215 -1.09 11.88 3.86
C VAL C 215 -1.52 12.22 2.42
N LEU C 216 -2.50 13.11 2.27
CA LEU C 216 -3.03 13.55 0.93
C LEU C 216 -1.87 14.01 0.06
N ALA C 217 -0.99 14.86 0.59
CA ALA C 217 0.14 15.49 -0.14
C ALA C 217 1.11 14.42 -0.67
N GLU C 218 1.34 13.35 0.11
CA GLU C 218 2.19 12.21 -0.32
C GLU C 218 1.47 11.47 -1.43
N ALA C 219 0.18 11.19 -1.24
CA ALA C 219 -0.73 10.55 -2.22
C ALA C 219 -0.66 11.30 -3.57
N MET C 220 -0.56 12.64 -3.53
CA MET C 220 -0.45 13.50 -4.75
C MET C 220 1.01 13.59 -5.21
N GLY C 221 1.91 12.84 -4.55
CA GLY C 221 3.32 12.64 -5.00
C GLY C 221 4.25 13.76 -4.52
N LEU C 222 3.87 14.47 -3.46
CA LEU C 222 4.71 15.54 -2.86
C LEU C 222 5.60 14.93 -1.77
N HIS C 223 6.83 15.40 -1.68
CA HIS C 223 7.72 15.23 -0.50
C HIS C 223 7.20 16.14 0.61
N VAL C 224 7.09 15.64 1.85
CA VAL C 224 6.51 16.39 2.99
C VAL C 224 7.57 16.57 4.08
N LEU C 225 8.14 17.77 4.17
CA LEU C 225 8.85 18.29 5.36
C LEU C 225 7.81 18.94 6.27
N TYR C 226 8.03 18.91 7.59
CA TYR C 226 7.18 19.64 8.58
C TYR C 226 8.03 20.10 9.75
N TYR C 227 7.91 21.38 10.08
CA TYR C 227 8.46 22.02 11.29
C TYR C 227 7.34 22.17 12.33
N ASP C 228 7.61 21.73 13.54
CA ASP C 228 6.72 21.91 14.71
C ASP C 228 7.62 22.21 15.92
N ILE C 229 7.08 22.89 16.93
CA ILE C 229 7.82 23.25 18.19
C ILE C 229 7.87 22.01 19.09
N VAL C 230 7.02 21.04 18.81
CA VAL C 230 6.97 19.73 19.50
C VAL C 230 7.44 18.65 18.53
N THR C 231 8.21 17.68 19.01
CA THR C 231 8.60 16.47 18.26
C THR C 231 7.37 15.58 18.13
N ILE C 232 7.00 15.23 16.89
CA ILE C 232 5.75 14.50 16.56
C ILE C 232 6.08 13.33 15.64
N MET C 233 5.44 12.18 15.90
CA MET C 233 5.56 10.94 15.08
C MET C 233 5.01 11.23 13.67
N ALA C 234 5.87 11.17 12.67
CA ALA C 234 5.53 11.39 11.23
C ALA C 234 4.49 10.34 10.79
N LEU C 235 3.58 10.73 9.90
CA LEU C 235 2.68 9.81 9.15
C LEU C 235 3.32 9.52 7.79
N GLY C 236 3.01 8.37 7.20
CA GLY C 236 3.62 7.89 5.95
C GLY C 236 5.13 8.04 6.00
N THR C 237 5.72 8.73 5.02
CA THR C 237 7.19 8.92 4.87
C THR C 237 7.56 10.40 4.97
N ALA C 238 6.85 11.14 5.81
CA ALA C 238 7.10 12.58 6.10
C ALA C 238 8.31 12.70 7.04
N ARG C 239 9.02 13.82 6.98
CA ARG C 239 10.28 14.06 7.73
C ARG C 239 10.17 15.35 8.52
N GLN C 240 10.20 15.26 9.86
CA GLN C 240 10.25 16.44 10.77
C GLN C 240 11.62 17.09 10.65
N VAL C 241 11.65 18.42 10.64
CA VAL C 241 12.86 19.25 10.45
C VAL C 241 13.06 20.12 11.70
N SER C 242 14.32 20.39 12.04
CA SER C 242 14.75 21.03 13.31
C SER C 242 14.36 22.52 13.32
N THR C 243 14.63 23.24 12.24
CA THR C 243 14.42 24.72 12.13
C THR C 243 13.41 25.03 11.03
N LEU C 244 12.55 26.02 11.26
CA LEU C 244 11.66 26.62 10.23
C LEU C 244 12.52 27.02 9.01
N ASP C 245 13.70 27.60 9.27
CA ASP C 245 14.63 28.10 8.22
C ASP C 245 14.99 26.96 7.25
N GLU C 246 15.21 25.75 7.76
CA GLU C 246 15.52 24.55 6.91
C GLU C 246 14.32 24.28 6.00
N LEU C 247 13.13 24.18 6.58
CA LEU C 247 11.85 23.93 5.85
C LEU C 247 11.72 24.96 4.71
N LEU C 248 11.85 26.25 5.03
CA LEU C 248 11.69 27.38 4.07
C LEU C 248 12.71 27.27 2.92
N ASN C 249 13.91 26.75 3.21
CA ASN C 249 15.03 26.61 2.24
C ASN C 249 14.72 25.52 1.22
N LYS C 250 14.06 24.44 1.66
CA LYS C 250 13.97 23.16 0.92
C LYS C 250 12.56 22.93 0.34
N SER C 251 11.59 23.75 0.74
CA SER C 251 10.15 23.57 0.35
C SER C 251 9.83 24.39 -0.90
N ASP C 252 8.90 23.88 -1.70
CA ASP C 252 8.34 24.57 -2.89
C ASP C 252 7.02 25.24 -2.49
N PHE C 253 6.21 24.55 -1.68
CA PHE C 253 4.94 25.05 -1.11
C PHE C 253 5.05 25.07 0.41
N VAL C 254 4.79 26.22 1.02
CA VAL C 254 4.76 26.39 2.50
C VAL C 254 3.32 26.68 2.91
N THR C 255 2.78 25.87 3.81
CA THR C 255 1.41 26.01 4.36
C THR C 255 1.47 26.00 5.89
N LEU C 256 0.68 26.86 6.52
CA LEU C 256 0.64 27.06 7.98
C LEU C 256 -0.60 26.38 8.54
N HIS C 257 -0.44 25.64 9.63
CA HIS C 257 -1.54 24.93 10.35
C HIS C 257 -1.27 24.99 11.86
N VAL C 258 -1.16 26.21 12.37
CA VAL C 258 -0.76 26.55 13.76
C VAL C 258 -1.88 27.35 14.42
N PRO C 259 -2.02 27.30 15.77
CA PRO C 259 -2.94 28.18 16.47
C PRO C 259 -2.37 29.60 16.58
N ALA C 260 -3.16 30.53 17.11
CA ALA C 260 -2.78 31.94 17.35
C ALA C 260 -2.07 32.03 18.71
N THR C 261 -0.79 32.40 18.69
CA THR C 261 0.06 32.64 19.88
C THR C 261 1.05 33.74 19.56
N PRO C 262 1.69 34.37 20.57
CA PRO C 262 2.72 35.38 20.31
C PRO C 262 3.87 34.86 19.43
N GLU C 263 4.15 33.55 19.48
CA GLU C 263 5.23 32.89 18.69
C GLU C 263 4.85 32.84 17.21
N THR C 264 3.55 32.67 16.90
CA THR C 264 3.03 32.48 15.52
C THR C 264 2.72 33.83 14.87
N GLU C 265 2.42 34.85 15.68
CA GLU C 265 2.14 36.24 15.20
C GLU C 265 3.21 36.65 14.17
N LYS C 266 2.78 36.95 12.95
CA LYS C 266 3.64 37.41 11.82
C LYS C 266 4.93 36.59 11.77
N MET C 267 4.84 35.27 12.02
CA MET C 267 6.02 34.34 12.04
C MET C 267 6.59 34.20 10.62
N LEU C 268 5.75 34.34 9.59
CA LEU C 268 6.19 34.46 8.16
C LEU C 268 6.22 35.93 7.78
N SER C 269 7.42 36.51 7.68
CA SER C 269 7.67 37.91 7.30
C SER C 269 8.90 38.00 6.40
N ALA C 270 9.28 39.21 6.01
CA ALA C 270 10.37 39.50 5.03
C ALA C 270 11.52 38.49 5.19
N PRO C 271 12.08 38.31 6.42
CA PRO C 271 13.21 37.40 6.63
C PRO C 271 12.91 35.94 6.21
N GLN C 272 11.69 35.48 6.45
CA GLN C 272 11.23 34.08 6.12
C GLN C 272 11.10 33.94 4.60
N PHE C 273 10.43 34.89 3.96
CA PHE C 273 10.23 34.94 2.48
C PHE C 273 11.60 34.99 1.78
N ALA C 274 12.56 35.67 2.41
CA ALA C 274 13.96 35.81 1.92
C ALA C 274 14.68 34.44 2.00
N ALA C 275 14.26 33.59 2.95
CA ALA C 275 14.84 32.26 3.23
C ALA C 275 14.19 31.20 2.33
N MET C 276 13.06 31.53 1.70
CA MET C 276 12.29 30.59 0.82
C MET C 276 12.90 30.59 -0.58
N LYS C 277 12.60 29.54 -1.37
CA LYS C 277 13.13 29.34 -2.74
C LYS C 277 12.55 30.40 -3.67
N ASP C 278 13.28 30.76 -4.72
CA ASP C 278 12.79 31.62 -5.81
C ASP C 278 11.61 30.92 -6.48
N GLY C 279 10.46 31.57 -6.53
CA GLY C 279 9.25 31.08 -7.20
C GLY C 279 8.49 30.07 -6.37
N ALA C 280 8.68 30.09 -5.04
CA ALA C 280 7.96 29.24 -4.06
C ALA C 280 6.57 29.83 -3.80
N TYR C 281 5.74 29.13 -3.03
CA TYR C 281 4.29 29.43 -2.84
C TYR C 281 3.96 29.40 -1.34
N VAL C 282 3.14 30.36 -0.90
CA VAL C 282 2.72 30.51 0.54
C VAL C 282 1.22 30.30 0.64
N ILE C 283 0.79 29.39 1.53
CA ILE C 283 -0.64 29.05 1.78
C ILE C 283 -0.93 29.20 3.26
N ASN C 284 -1.88 30.06 3.62
CA ASN C 284 -2.29 30.29 5.03
C ASN C 284 -3.80 30.13 5.16
N ALA C 285 -4.24 28.98 5.66
CA ALA C 285 -5.62 28.69 6.07
C ALA C 285 -5.67 28.47 7.58
N SER C 286 -4.67 28.99 8.30
CA SER C 286 -4.50 28.83 9.78
C SER C 286 -5.21 29.98 10.53
N ARG C 287 -4.52 31.11 10.70
CA ARG C 287 -4.99 32.30 11.46
C ARG C 287 -4.57 33.60 10.76
N GLY C 288 -5.35 34.66 10.94
CA GLY C 288 -5.23 35.94 10.20
C GLY C 288 -3.98 36.71 10.57
N THR C 289 -3.35 36.35 11.69
CA THR C 289 -2.26 37.13 12.35
C THR C 289 -0.89 36.54 11.98
N VAL C 290 -0.86 35.31 11.45
CA VAL C 290 0.35 34.44 11.37
C VAL C 290 1.23 34.87 10.19
N VAL C 291 0.67 35.56 9.20
CA VAL C 291 1.43 36.03 8.00
C VAL C 291 1.43 37.56 7.98
N ASP C 292 2.59 38.15 7.67
CA ASP C 292 2.75 39.60 7.45
C ASP C 292 2.43 39.91 5.99
N ILE C 293 1.20 40.32 5.73
CA ILE C 293 0.64 40.50 4.35
C ILE C 293 1.52 41.46 3.55
N PRO C 294 1.95 42.62 4.12
CA PRO C 294 2.73 43.60 3.37
C PRO C 294 4.10 43.06 2.94
N SER C 295 4.70 42.18 3.76
CA SER C 295 5.96 41.46 3.43
C SER C 295 5.72 40.52 2.25
N LEU C 296 4.65 39.71 2.34
CA LEU C 296 4.20 38.78 1.28
C LEU C 296 4.02 39.57 -0.01
N ILE C 297 3.31 40.70 0.07
CA ILE C 297 2.97 41.58 -1.09
C ILE C 297 4.27 42.04 -1.76
N GLN C 298 5.27 42.46 -0.97
CA GLN C 298 6.59 42.91 -1.48
C GLN C 298 7.30 41.74 -2.15
N ALA C 299 7.36 40.59 -1.46
CA ALA C 299 7.98 39.32 -1.94
C ALA C 299 7.37 38.93 -3.31
N VAL C 300 6.04 38.96 -3.42
CA VAL C 300 5.29 38.65 -4.67
C VAL C 300 5.71 39.65 -5.75
N LYS C 301 5.68 40.95 -5.42
CA LYS C 301 6.02 42.06 -6.35
C LYS C 301 7.49 41.94 -6.81
N ALA C 302 8.35 41.37 -5.95
CA ALA C 302 9.80 41.20 -6.20
C ALA C 302 10.07 39.90 -6.98
N ASN C 303 8.99 39.20 -7.41
CA ASN C 303 9.07 37.93 -8.19
C ASN C 303 9.77 36.85 -7.37
N LYS C 304 9.76 36.98 -6.04
CA LYS C 304 10.39 36.01 -5.10
C LYS C 304 9.39 34.87 -4.80
N ILE C 305 8.14 35.24 -4.57
CA ILE C 305 7.01 34.29 -4.35
C ILE C 305 6.14 34.28 -5.61
N ALA C 306 5.96 33.10 -6.21
CA ALA C 306 5.28 32.88 -7.51
C ALA C 306 3.76 32.97 -7.32
N GLY C 307 3.27 32.75 -6.10
CA GLY C 307 1.84 32.83 -5.79
C GLY C 307 1.55 32.48 -4.34
N ALA C 308 0.33 32.77 -3.88
CA ALA C 308 -0.13 32.53 -2.49
C ALA C 308 -1.65 32.37 -2.45
N ALA C 309 -2.14 31.74 -1.39
CA ALA C 309 -3.57 31.54 -1.12
C ALA C 309 -3.85 31.79 0.36
N LEU C 310 -4.65 32.82 0.65
CA LEU C 310 -5.02 33.25 2.02
C LEU C 310 -6.51 32.98 2.23
N ASP C 311 -6.86 32.30 3.33
CA ASP C 311 -8.26 32.02 3.74
C ASP C 311 -8.61 32.90 4.94
N VAL C 312 -7.59 33.52 5.55
CA VAL C 312 -7.70 34.22 6.86
C VAL C 312 -6.85 35.51 6.79
N TYR C 313 -7.31 36.54 7.49
CA TYR C 313 -6.74 37.90 7.46
C TYR C 313 -6.79 38.51 8.86
N PRO C 314 -5.91 39.49 9.18
CA PRO C 314 -5.91 40.12 10.51
C PRO C 314 -7.28 40.68 10.91
N HIS C 315 -8.00 41.28 9.96
CA HIS C 315 -9.36 41.85 10.14
C HIS C 315 -10.29 41.29 9.07
N GLU C 316 -11.45 40.75 9.50
CA GLU C 316 -12.45 40.10 8.64
C GLU C 316 -13.83 40.71 8.90
N PRO C 317 -14.69 40.82 7.87
CA PRO C 317 -16.08 41.23 8.07
C PRO C 317 -16.80 40.33 9.08
N ALA C 318 -17.79 40.88 9.78
CA ALA C 318 -18.60 40.18 10.80
C ALA C 318 -19.77 39.46 10.12
N LYS C 319 -20.14 39.90 8.92
CA LYS C 319 -21.26 39.36 8.10
C LYS C 319 -20.83 39.32 6.63
N ASN C 320 -21.51 38.52 5.81
CA ASN C 320 -21.38 38.53 4.33
C ASN C 320 -21.90 39.88 3.81
N GLY C 321 -21.14 40.54 2.94
CA GLY C 321 -21.50 41.87 2.41
C GLY C 321 -20.69 42.23 1.19
N GLU C 322 -21.18 43.20 0.41
CA GLU C 322 -20.76 43.48 -1.00
C GLU C 322 -19.43 44.25 -1.05
N GLY C 323 -19.26 45.25 -0.19
CA GLY C 323 -18.05 46.10 -0.16
C GLY C 323 -17.26 45.90 1.12
N SER C 324 -17.37 44.70 1.71
CA SER C 324 -16.88 44.35 3.07
C SER C 324 -15.35 44.25 3.09
N PHE C 325 -14.75 43.75 2.01
CA PHE C 325 -13.29 43.48 1.88
C PHE C 325 -12.63 44.65 1.15
N ASN C 326 -12.10 45.62 1.91
CA ASN C 326 -11.65 46.94 1.40
C ASN C 326 -10.52 47.49 2.28
N ASP C 327 -10.01 48.67 1.92
CA ASP C 327 -8.84 49.33 2.55
C ASP C 327 -9.20 49.78 3.98
N GLU C 328 -10.49 49.97 4.25
CA GLU C 328 -11.01 50.36 5.59
C GLU C 328 -10.79 49.20 6.56
N LEU C 329 -10.93 47.96 6.07
CA LEU C 329 -10.80 46.70 6.86
C LEU C 329 -9.32 46.31 7.00
N ASN C 330 -8.60 46.33 5.88
CA ASN C 330 -7.14 46.07 5.81
C ASN C 330 -6.53 47.08 4.81
N SER C 331 -5.58 47.88 5.27
CA SER C 331 -4.99 49.02 4.50
C SER C 331 -4.50 48.57 3.12
N TRP C 332 -4.10 47.29 2.99
CA TRP C 332 -3.33 46.77 1.82
C TRP C 332 -4.23 46.01 0.82
N THR C 333 -5.53 45.81 1.13
CA THR C 333 -6.46 44.99 0.28
C THR C 333 -6.29 45.36 -1.20
N SER C 334 -6.49 46.64 -1.53
CA SER C 334 -6.50 47.17 -2.92
C SER C 334 -5.15 46.87 -3.61
N GLU C 335 -4.06 46.83 -2.84
CA GLU C 335 -2.69 46.50 -3.33
C GLU C 335 -2.59 44.97 -3.54
N LEU C 336 -3.11 44.20 -2.57
CA LEU C 336 -3.10 42.70 -2.57
C LEU C 336 -3.86 42.16 -3.79
N VAL C 337 -5.08 42.67 -4.03
CA VAL C 337 -6.00 42.18 -5.10
C VAL C 337 -5.46 42.62 -6.47
N SER C 338 -4.37 43.40 -6.50
CA SER C 338 -3.71 43.91 -7.74
C SER C 338 -2.73 42.87 -8.27
N LEU C 339 -2.37 41.87 -7.45
CA LEU C 339 -1.26 40.93 -7.71
C LEU C 339 -1.77 39.70 -8.46
N PRO C 340 -0.94 39.12 -9.35
CA PRO C 340 -1.31 37.89 -10.05
C PRO C 340 -1.02 36.63 -9.21
N ASN C 341 -1.81 35.58 -9.46
CA ASN C 341 -1.64 34.21 -8.88
C ASN C 341 -1.77 34.27 -7.35
N ILE C 342 -2.67 35.10 -6.85
CA ILE C 342 -3.03 35.15 -5.40
C ILE C 342 -4.49 34.72 -5.24
N ILE C 343 -4.72 33.56 -4.64
CA ILE C 343 -6.08 33.03 -4.32
C ILE C 343 -6.51 33.61 -2.98
N LEU C 344 -7.64 34.29 -2.94
CA LEU C 344 -8.23 34.87 -1.71
C LEU C 344 -9.57 34.20 -1.45
N THR C 345 -9.80 33.75 -0.23
CA THR C 345 -11.04 33.07 0.19
C THR C 345 -11.53 33.67 1.51
N PRO C 346 -12.85 33.81 1.69
CA PRO C 346 -13.41 34.38 2.90
C PRO C 346 -13.58 33.37 4.02
N HIS C 347 -12.46 32.83 4.53
CA HIS C 347 -12.44 31.94 5.71
C HIS C 347 -13.39 30.75 5.48
N ILE C 348 -13.18 30.00 4.40
CA ILE C 348 -14.08 28.88 3.97
C ILE C 348 -13.41 27.53 4.25
N GLY C 349 -12.24 27.54 4.90
CA GLY C 349 -11.46 26.33 5.23
C GLY C 349 -12.36 25.17 5.69
N GLY C 350 -13.35 25.45 6.53
CA GLY C 350 -14.26 24.43 7.08
C GLY C 350 -15.68 24.59 6.58
N SER C 351 -15.86 25.35 5.50
CA SER C 351 -17.18 25.68 4.91
C SER C 351 -17.61 24.59 3.94
N THR C 352 -18.03 23.43 4.45
CA THR C 352 -18.54 22.26 3.66
C THR C 352 -19.72 21.61 4.37
N GLU C 353 -20.60 20.96 3.60
CA GLU C 353 -21.80 20.24 4.11
C GLU C 353 -21.33 19.11 5.04
N GLU C 354 -20.24 18.44 4.68
CA GLU C 354 -19.62 17.36 5.51
C GLU C 354 -19.31 17.91 6.90
N ALA C 355 -18.48 18.94 6.96
CA ALA C 355 -18.02 19.61 8.21
C ALA C 355 -19.21 19.96 9.10
N GLN C 356 -20.16 20.72 8.57
CA GLN C 356 -21.38 21.19 9.31
C GLN C 356 -22.18 19.98 9.78
N SER C 357 -22.27 18.95 8.96
CA SER C 357 -23.01 17.69 9.23
C SER C 357 -22.41 17.00 10.48
N SER C 358 -21.09 16.76 10.46
CA SER C 358 -20.36 16.06 11.55
C SER C 358 -20.31 16.95 12.82
N ILE C 359 -20.28 18.28 12.64
CA ILE C 359 -20.41 19.26 13.78
C ILE C 359 -21.77 19.03 14.43
N GLY C 360 -22.82 18.93 13.62
CA GLY C 360 -24.19 18.66 14.07
C GLY C 360 -24.27 17.38 14.87
N ILE C 361 -23.63 16.31 14.40
CA ILE C 361 -23.63 14.97 15.06
C ILE C 361 -22.83 15.08 16.37
N GLU C 362 -21.56 15.48 16.27
CA GLU C 362 -20.61 15.55 17.41
C GLU C 362 -21.29 16.23 18.60
N VAL C 363 -21.83 17.43 18.38
CA VAL C 363 -22.32 18.34 19.46
C VAL C 363 -23.71 17.86 19.94
N ALA C 364 -24.64 17.62 19.02
CA ALA C 364 -26.00 17.10 19.33
C ALA C 364 -25.86 15.84 20.19
N THR C 365 -24.98 14.93 19.80
CA THR C 365 -24.64 13.70 20.55
C THR C 365 -24.15 14.08 21.95
N ALA C 366 -23.19 15.02 22.03
CA ALA C 366 -22.56 15.47 23.29
C ALA C 366 -23.66 15.94 24.26
N LEU C 367 -24.55 16.82 23.80
CA LEU C 367 -25.67 17.38 24.61
C LEU C 367 -26.59 16.24 25.05
N SER C 368 -26.93 15.36 24.12
CA SER C 368 -27.86 14.22 24.34
C SER C 368 -27.32 13.33 25.46
N LYS C 369 -26.04 12.99 25.40
CA LYS C 369 -25.37 12.10 26.36
C LYS C 369 -25.26 12.81 27.71
N TYR C 370 -25.08 14.14 27.71
CA TYR C 370 -25.05 14.95 28.96
C TYR C 370 -26.45 14.96 29.59
N ILE C 371 -27.47 15.21 28.78
CA ILE C 371 -28.89 15.29 29.21
C ILE C 371 -29.37 13.91 29.70
N ASN C 372 -28.99 12.84 28.99
CA ASN C 372 -29.55 11.47 29.20
C ASN C 372 -28.73 10.68 30.24
N GLU C 373 -27.44 10.98 30.37
CA GLU C 373 -26.48 10.15 31.18
C GLU C 373 -25.62 11.04 32.08
N GLY C 374 -25.69 12.36 31.92
CA GLY C 374 -24.90 13.32 32.72
C GLY C 374 -23.44 13.36 32.27
N ASN C 375 -23.11 12.71 31.15
CA ASN C 375 -21.74 12.62 30.59
C ASN C 375 -21.27 14.03 30.19
N SER C 376 -20.25 14.54 30.88
CA SER C 376 -19.71 15.93 30.72
C SER C 376 -18.32 15.88 30.10
N VAL C 377 -17.90 14.72 29.59
CA VAL C 377 -16.57 14.54 28.94
C VAL C 377 -16.55 15.36 27.65
N GLY C 378 -15.50 16.16 27.46
CA GLY C 378 -15.33 17.02 26.28
C GLY C 378 -15.86 18.42 26.51
N SER C 379 -16.48 18.66 27.66
CA SER C 379 -17.00 19.99 28.08
C SER C 379 -15.81 20.93 28.29
N VAL C 380 -15.98 22.20 27.92
CA VAL C 380 -14.88 23.22 27.84
C VAL C 380 -14.88 24.08 29.11
N ASN C 381 -15.96 24.03 29.92
CA ASN C 381 -16.16 24.92 31.11
C ASN C 381 -16.49 24.11 32.36
N PHE C 382 -16.42 22.79 32.30
CA PHE C 382 -17.03 21.86 33.29
C PHE C 382 -16.02 20.79 33.69
N PRO C 383 -16.22 20.15 34.87
CA PRO C 383 -15.50 18.93 35.18
C PRO C 383 -15.94 17.84 34.20
N GLU C 384 -14.98 17.08 33.66
CA GLU C 384 -15.24 15.95 32.73
C GLU C 384 -15.51 14.70 33.56
N VAL C 385 -16.74 14.20 33.51
CA VAL C 385 -17.27 13.15 34.40
C VAL C 385 -18.25 12.28 33.63
N SER C 386 -18.17 10.97 33.81
CA SER C 386 -19.05 9.96 33.15
C SER C 386 -19.00 8.64 33.92
N LEU C 387 -19.98 7.77 33.67
CA LEU C 387 -20.07 6.39 34.25
C LEU C 387 -20.63 5.45 33.19
N LYS C 388 -20.17 4.19 33.17
CA LYS C 388 -20.74 3.15 32.29
C LYS C 388 -22.26 3.18 32.42
N SER C 389 -22.99 3.06 31.31
CA SER C 389 -24.48 3.02 31.29
C SER C 389 -24.95 1.88 32.20
N LEU C 390 -26.19 1.95 32.65
CA LEU C 390 -26.84 0.88 33.45
C LEU C 390 -27.61 -0.05 32.50
N ASP C 391 -27.60 -1.36 32.79
CA ASP C 391 -28.34 -2.38 32.02
C ASP C 391 -29.85 -2.10 32.17
N TYR C 392 -30.66 -2.58 31.24
CA TYR C 392 -32.14 -2.53 31.29
C TYR C 392 -32.61 -3.30 32.54
N ASP C 393 -31.88 -4.36 32.91
CA ASP C 393 -32.25 -5.35 33.96
C ASP C 393 -32.00 -4.75 35.36
N GLN C 394 -31.28 -3.62 35.45
CA GLN C 394 -31.01 -2.91 36.73
C GLN C 394 -32.22 -2.04 37.09
N GLU C 395 -33.38 -2.67 37.30
CA GLU C 395 -34.64 -1.98 37.73
C GLU C 395 -34.40 -1.34 39.10
N ASN C 396 -35.05 -0.20 39.36
CA ASN C 396 -34.97 0.55 40.63
C ASN C 396 -33.53 0.98 40.89
N THR C 397 -32.92 1.68 39.94
CA THR C 397 -31.59 2.32 40.09
C THR C 397 -31.68 3.75 39.55
N VAL C 398 -31.40 4.73 40.40
CA VAL C 398 -31.46 6.18 40.05
C VAL C 398 -30.03 6.72 39.93
N ARG C 399 -29.82 7.63 38.99
CA ARG C 399 -28.53 8.33 38.80
C ARG C 399 -28.66 9.75 39.33
N VAL C 400 -27.88 10.09 40.34
CA VAL C 400 -27.83 11.43 40.97
C VAL C 400 -26.77 12.27 40.26
N LEU C 401 -27.18 13.35 39.61
CA LEU C 401 -26.28 14.37 39.00
C LEU C 401 -26.32 15.62 39.86
N TYR C 402 -25.24 15.89 40.58
CA TYR C 402 -25.17 16.93 41.65
C TYR C 402 -23.99 17.87 41.38
N ILE C 403 -24.23 18.93 40.61
CA ILE C 403 -23.26 20.05 40.44
C ILE C 403 -23.33 20.91 41.70
N HIS C 404 -22.17 21.25 42.27
CA HIS C 404 -22.05 21.88 43.61
C HIS C 404 -20.80 22.75 43.67
N ARG C 405 -20.73 23.64 44.65
CA ARG C 405 -19.54 24.47 44.90
C ARG C 405 -18.43 23.56 45.44
N ASN C 406 -17.20 23.78 44.97
CA ASN C 406 -16.01 22.94 45.30
C ASN C 406 -15.47 23.37 46.67
N VAL C 407 -16.14 22.97 47.73
CA VAL C 407 -15.74 23.25 49.14
C VAL C 407 -15.84 21.97 49.95
N PRO C 408 -15.05 21.84 51.03
CA PRO C 408 -15.07 20.64 51.86
C PRO C 408 -16.47 20.28 52.38
N GLY C 409 -16.70 18.99 52.65
CA GLY C 409 -17.85 18.48 53.42
C GLY C 409 -19.08 18.22 52.57
N VAL C 410 -19.03 18.52 51.27
CA VAL C 410 -20.22 18.40 50.36
C VAL C 410 -20.55 16.92 50.15
N LEU C 411 -19.55 16.10 49.91
CA LEU C 411 -19.73 14.65 49.67
C LEU C 411 -20.21 13.99 50.97
N LYS C 412 -19.64 14.41 52.10
CA LYS C 412 -20.09 14.03 53.48
C LYS C 412 -21.63 14.16 53.55
N THR C 413 -22.14 15.34 53.20
CA THR C 413 -23.60 15.66 53.20
C THR C 413 -24.34 14.69 52.26
N VAL C 414 -23.91 14.64 50.99
CA VAL C 414 -24.61 13.92 49.89
C VAL C 414 -24.65 12.43 50.21
N ASN C 415 -23.53 11.86 50.62
CA ASN C 415 -23.40 10.40 50.86
C ASN C 415 -24.15 10.03 52.15
N ASP C 416 -24.30 10.99 53.08
CA ASP C 416 -25.21 10.85 54.26
C ASP C 416 -26.65 10.75 53.75
N ILE C 417 -27.04 11.67 52.86
CA ILE C 417 -28.44 11.76 52.30
C ILE C 417 -28.79 10.47 51.55
N LEU C 418 -27.79 9.80 50.96
CA LEU C 418 -27.97 8.59 50.11
C LEU C 418 -27.73 7.30 50.91
N SER C 419 -27.29 7.44 52.18
CA SER C 419 -26.81 6.34 53.08
C SER C 419 -27.80 5.16 53.11
N ASP C 420 -29.09 5.42 52.91
CA ASP C 420 -30.18 4.41 53.04
C ASP C 420 -30.14 3.46 51.84
N HIS C 421 -29.41 3.82 50.80
CA HIS C 421 -29.31 3.03 49.54
C HIS C 421 -27.85 2.67 49.26
N ASN C 422 -27.62 1.54 48.61
CA ASN C 422 -26.27 1.09 48.19
C ASN C 422 -25.84 1.92 46.98
N ILE C 423 -24.68 2.58 47.08
CA ILE C 423 -24.03 3.30 45.96
C ILE C 423 -23.18 2.29 45.19
N GLU C 424 -23.67 1.88 44.01
CA GLU C 424 -22.98 0.92 43.11
C GLU C 424 -21.62 1.52 42.72
N LYS C 425 -21.63 2.79 42.30
CA LYS C 425 -20.41 3.55 41.88
C LYS C 425 -20.73 5.04 41.90
N GLN C 426 -19.73 5.91 42.17
CA GLN C 426 -19.88 7.38 42.03
C GLN C 426 -18.56 8.01 41.62
N PHE C 427 -18.64 9.17 40.99
CA PHE C 427 -17.50 9.95 40.48
C PHE C 427 -17.77 11.42 40.75
N SER C 428 -16.82 12.09 41.37
CA SER C 428 -16.83 13.56 41.59
C SER C 428 -15.49 14.12 41.15
N ASP C 429 -15.52 15.16 40.31
CA ASP C 429 -14.33 15.93 39.88
C ASP C 429 -14.65 17.42 40.05
N SER C 430 -13.62 18.25 40.17
CA SER C 430 -13.72 19.70 40.40
C SER C 430 -13.06 20.46 39.26
N HIS C 431 -13.64 21.60 38.87
CA HIS C 431 -13.08 22.55 37.87
C HIS C 431 -13.08 23.95 38.49
N GLY C 432 -12.04 24.26 39.26
CA GLY C 432 -11.90 25.53 39.99
C GLY C 432 -12.94 25.66 41.08
N GLU C 433 -13.87 26.61 40.94
CA GLU C 433 -14.88 26.96 41.97
C GLU C 433 -16.03 25.97 41.95
N ILE C 434 -16.25 25.28 40.82
CA ILE C 434 -17.41 24.35 40.63
C ILE C 434 -16.90 22.89 40.62
N ALA C 435 -17.81 21.96 40.93
CA ALA C 435 -17.55 20.50 40.99
C ALA C 435 -18.82 19.73 40.64
N TYR C 436 -18.66 18.48 40.19
CA TYR C 436 -19.74 17.64 39.61
C TYR C 436 -19.62 16.22 40.15
N LEU C 437 -20.71 15.72 40.76
CA LEU C 437 -20.79 14.34 41.32
C LEU C 437 -21.88 13.56 40.57
N MET C 438 -21.48 12.45 39.97
CA MET C 438 -22.39 11.41 39.45
C MET C 438 -22.36 10.23 40.40
N ALA C 439 -23.53 9.71 40.77
CA ALA C 439 -23.66 8.54 41.67
C ALA C 439 -24.83 7.68 41.22
N ASP C 440 -24.58 6.37 41.10
CA ASP C 440 -25.61 5.34 40.82
C ASP C 440 -26.01 4.67 42.12
N ILE C 441 -27.28 4.77 42.51
CA ILE C 441 -27.83 4.20 43.76
C ILE C 441 -28.91 3.19 43.40
N SER C 442 -28.98 2.06 44.12
CA SER C 442 -29.87 0.91 43.84
C SER C 442 -31.02 0.84 44.84
N SER C 443 -32.11 0.19 44.46
CA SER C 443 -33.28 -0.15 45.31
C SER C 443 -34.02 1.12 45.74
N VAL C 444 -34.41 1.96 44.78
CA VAL C 444 -35.26 3.18 45.00
C VAL C 444 -36.57 3.03 44.22
N ASN C 445 -37.71 3.19 44.89
CA ASN C 445 -39.08 3.17 44.29
C ASN C 445 -39.55 4.62 44.10
N GLN C 446 -40.54 4.84 43.21
CA GLN C 446 -41.10 6.17 42.87
C GLN C 446 -41.19 7.04 44.14
N SER C 447 -41.62 6.43 45.25
CA SER C 447 -41.82 7.09 46.57
C SER C 447 -40.56 7.86 47.01
N GLU C 448 -39.41 7.17 47.01
CA GLU C 448 -38.14 7.65 47.66
C GLU C 448 -37.41 8.66 46.76
N ILE C 449 -37.71 8.68 45.47
CA ILE C 449 -37.10 9.64 44.48
C ILE C 449 -37.41 11.07 44.94
N LYS C 450 -38.70 11.40 45.04
CA LYS C 450 -39.23 12.74 45.46
C LYS C 450 -38.48 13.19 46.73
N ASP C 451 -38.31 12.29 47.69
CA ASP C 451 -37.64 12.56 48.99
C ASP C 451 -36.16 12.92 48.75
N ILE C 452 -35.41 12.04 48.08
CA ILE C 452 -33.94 12.19 47.83
C ILE C 452 -33.69 13.50 47.08
N TYR C 453 -34.53 13.83 46.10
CA TYR C 453 -34.43 15.06 45.29
C TYR C 453 -34.51 16.27 46.22
N GLU C 454 -35.60 16.34 46.99
CA GLU C 454 -35.91 17.47 47.91
C GLU C 454 -34.72 17.70 48.85
N LYS C 455 -34.23 16.62 49.49
CA LYS C 455 -33.13 16.68 50.51
C LYS C 455 -31.87 17.27 49.87
N LEU C 456 -31.55 16.85 48.65
CA LEU C 456 -30.34 17.28 47.89
C LEU C 456 -30.49 18.74 47.46
N ASN C 457 -31.73 19.15 47.15
CA ASN C 457 -32.05 20.51 46.66
C ASN C 457 -31.86 21.53 47.79
N GLN C 458 -32.02 21.09 49.05
CA GLN C 458 -31.99 21.95 50.27
C GLN C 458 -30.54 22.11 50.79
N THR C 459 -29.59 21.40 50.18
CA THR C 459 -28.17 21.35 50.63
C THR C 459 -27.48 22.71 50.40
N SER C 460 -26.47 23.02 51.22
CA SER C 460 -25.75 24.32 51.28
C SER C 460 -25.01 24.59 49.96
N ALA C 461 -24.31 23.57 49.45
CA ALA C 461 -23.31 23.70 48.35
C ALA C 461 -24.00 23.55 46.98
N LYS C 462 -25.23 23.06 46.96
CA LYS C 462 -26.01 22.74 45.72
C LYS C 462 -25.96 23.93 44.75
N VAL C 463 -25.62 23.67 43.47
CA VAL C 463 -25.74 24.67 42.35
C VAL C 463 -26.82 24.18 41.37
N SER C 464 -26.95 22.86 41.18
CA SER C 464 -28.07 22.23 40.43
C SER C 464 -28.07 20.71 40.62
N ILE C 465 -29.27 20.13 40.60
CA ILE C 465 -29.52 18.68 40.80
C ILE C 465 -30.46 18.19 39.71
N ARG C 466 -30.20 16.99 39.21
CA ARG C 466 -31.10 16.23 38.32
C ARG C 466 -31.07 14.79 38.79
N LEU C 467 -32.19 14.11 38.76
CA LEU C 467 -32.28 12.67 39.05
C LEU C 467 -32.78 11.94 37.81
N LEU C 468 -32.00 10.99 37.33
CA LEU C 468 -32.34 10.12 36.19
C LEU C 468 -32.77 8.75 36.73
N TYR C 469 -34.02 8.36 36.46
CA TYR C 469 -34.63 7.06 36.89
C TYR C 469 -35.09 6.29 35.65
N PRO D 23 -32.93 11.39 -11.21
CA PRO D 23 -32.20 10.13 -11.04
C PRO D 23 -31.65 10.02 -9.61
N GLY D 24 -31.17 11.15 -9.09
CA GLY D 24 -30.60 11.27 -7.74
C GLY D 24 -30.15 12.69 -7.48
N ALA D 25 -29.48 12.92 -6.36
CA ALA D 25 -28.92 14.24 -5.98
C ALA D 25 -27.58 14.04 -5.27
N VAL D 26 -26.62 14.93 -5.53
CA VAL D 26 -25.34 15.03 -4.78
C VAL D 26 -25.70 15.41 -3.35
N SER D 27 -25.33 14.56 -2.39
CA SER D 27 -25.69 14.70 -0.96
C SER D 27 -24.44 14.67 -0.08
N THR D 28 -24.53 15.23 1.12
CA THR D 28 -23.49 15.16 2.16
C THR D 28 -23.01 13.72 2.27
N SER D 29 -21.69 13.51 2.19
CA SER D 29 -21.03 12.19 2.29
C SER D 29 -21.33 11.58 3.66
N PRO D 30 -21.32 10.22 3.79
CA PRO D 30 -21.55 9.57 5.07
C PRO D 30 -20.45 9.91 6.10
N THR D 31 -20.83 10.06 7.36
CA THR D 31 -19.95 10.41 8.51
C THR D 31 -18.84 9.35 8.63
N GLN D 32 -17.59 9.80 8.81
CA GLN D 32 -16.34 9.00 8.64
C GLN D 32 -16.38 7.71 9.48
N SER D 33 -16.00 6.58 8.85
CA SER D 33 -15.86 5.24 9.47
C SER D 33 -14.45 5.07 10.04
N GLN D 47 5.39 17.37 34.12
CA GLN D 47 5.90 16.21 34.90
C GLN D 47 4.89 15.85 35.98
N PRO D 48 4.59 14.53 36.18
CA PRO D 48 3.58 14.12 37.13
C PRO D 48 4.27 13.96 38.50
N LYS D 49 3.51 14.06 39.58
CA LYS D 49 4.02 13.94 40.98
C LYS D 49 4.27 12.46 41.28
N ALA D 50 5.50 12.12 41.69
CA ALA D 50 5.90 10.77 42.14
C ALA D 50 5.35 10.53 43.56
N LEU D 51 4.31 9.72 43.69
CA LEU D 51 3.64 9.41 44.98
C LEU D 51 4.32 8.20 45.62
N LYS D 52 4.50 8.23 46.94
CA LYS D 52 5.17 7.16 47.74
C LYS D 52 4.21 6.68 48.84
N PRO D 53 4.25 5.38 49.21
CA PRO D 53 3.37 4.89 50.29
C PRO D 53 3.71 5.53 51.66
N PHE D 54 2.68 5.78 52.48
CA PHE D 54 2.78 6.53 53.77
C PHE D 54 2.71 5.56 54.96
N ASP D 58 11.21 0.01 52.32
CA ASP D 58 11.55 -0.71 51.06
C ASP D 58 10.29 -1.44 50.55
N MET D 59 10.11 -1.48 49.22
CA MET D 59 9.05 -2.27 48.53
C MET D 59 9.65 -3.60 48.06
N ASN D 60 8.95 -4.71 48.32
CA ASN D 60 9.46 -6.10 48.09
C ASN D 60 8.70 -6.75 46.94
N ILE D 61 9.40 -7.03 45.83
CA ILE D 61 8.85 -7.77 44.65
C ILE D 61 9.46 -9.15 44.61
N LEU D 62 8.63 -10.19 44.57
CA LEU D 62 9.02 -11.60 44.35
C LEU D 62 8.54 -12.03 42.96
N LEU D 63 9.47 -12.47 42.10
CA LEU D 63 9.18 -12.95 40.72
C LEU D 63 9.58 -14.42 40.60
N LEU D 64 8.63 -15.26 40.16
CA LEU D 64 8.83 -16.73 40.00
C LEU D 64 8.70 -17.12 38.52
N GLU D 65 9.09 -18.36 38.20
CA GLU D 65 8.83 -19.04 36.89
C GLU D 65 9.53 -18.29 35.74
N ASN D 66 10.65 -17.63 36.04
CA ASN D 66 11.57 -17.05 35.03
C ASN D 66 10.83 -15.96 34.24
N VAL D 67 10.27 -14.97 34.94
CA VAL D 67 9.66 -13.77 34.33
C VAL D 67 10.74 -13.01 33.56
N ASN D 68 10.41 -12.50 32.39
CA ASN D 68 11.34 -11.78 31.46
C ASN D 68 12.08 -10.67 32.24
N ALA D 69 13.28 -10.32 31.78
CA ALA D 69 14.19 -9.32 32.41
C ALA D 69 13.54 -7.93 32.39
N THR D 70 12.78 -7.62 31.34
CA THR D 70 12.06 -6.33 31.16
C THR D 70 11.28 -5.98 32.42
N ALA D 71 10.59 -6.96 33.00
CA ALA D 71 9.80 -6.84 34.25
C ALA D 71 10.75 -6.45 35.40
N ILE D 72 11.86 -7.18 35.53
CA ILE D 72 12.91 -6.98 36.57
C ILE D 72 13.43 -5.54 36.50
N LYS D 73 13.76 -5.06 35.32
CA LYS D 73 14.37 -3.72 35.13
C LYS D 73 13.36 -2.64 35.51
N ILE D 74 12.09 -2.79 35.10
CA ILE D 74 10.98 -1.82 35.40
C ILE D 74 10.88 -1.63 36.91
N PHE D 75 10.89 -2.73 37.67
CA PHE D 75 10.69 -2.77 39.15
C PHE D 75 11.91 -2.12 39.86
N LYS D 76 13.12 -2.50 39.46
CA LYS D 76 14.40 -2.01 40.07
C LYS D 76 14.51 -0.49 39.85
N ASP D 77 14.17 0.00 38.66
CA ASP D 77 14.27 1.44 38.27
C ASP D 77 13.35 2.29 39.14
N GLN D 78 12.35 1.68 39.78
CA GLN D 78 11.37 2.36 40.66
C GLN D 78 11.84 2.26 42.12
N GLY D 79 12.98 1.61 42.36
CA GLY D 79 13.62 1.51 43.68
C GLY D 79 13.33 0.19 44.38
N TYR D 80 12.24 -0.49 43.99
CA TYR D 80 11.76 -1.75 44.61
C TYR D 80 12.92 -2.75 44.71
N GLN D 81 12.98 -3.50 45.81
CA GLN D 81 13.91 -4.64 46.01
C GLN D 81 13.28 -5.88 45.37
N VAL D 82 13.98 -6.47 44.38
CA VAL D 82 13.46 -7.56 43.52
C VAL D 82 14.14 -8.88 43.88
N GLU D 83 13.35 -9.90 44.21
CA GLU D 83 13.82 -11.31 44.35
C GLU D 83 13.35 -12.10 43.12
N PHE D 84 14.29 -12.66 42.36
CA PHE D 84 14.06 -13.40 41.09
C PHE D 84 14.31 -14.90 41.30
N HIS D 85 13.54 -15.74 40.60
CA HIS D 85 13.66 -17.23 40.59
C HIS D 85 13.27 -17.77 39.21
N LYS D 86 14.09 -18.67 38.64
CA LYS D 86 13.89 -19.26 37.29
C LYS D 86 12.76 -20.31 37.35
N SER D 87 12.49 -20.83 38.55
CA SER D 87 11.50 -21.90 38.80
C SER D 87 10.47 -21.44 39.83
N SER D 88 9.43 -22.24 40.04
CA SER D 88 8.42 -22.06 41.11
C SER D 88 9.08 -22.33 42.46
N LEU D 89 8.33 -22.19 43.56
CA LEU D 89 8.76 -22.57 44.93
C LEU D 89 7.80 -23.63 45.47
N PRO D 90 8.25 -24.52 46.39
CA PRO D 90 7.34 -25.43 47.09
C PRO D 90 6.50 -24.64 48.11
N GLU D 91 5.28 -25.12 48.40
CA GLU D 91 4.27 -24.40 49.23
C GLU D 91 4.91 -23.98 50.58
N ASP D 92 5.94 -24.70 51.02
CA ASP D 92 6.63 -24.43 52.32
C ASP D 92 7.54 -23.20 52.16
N GLU D 93 8.54 -23.26 51.27
CA GLU D 93 9.55 -22.17 51.04
C GLU D 93 8.82 -20.87 50.66
N LEU D 94 7.67 -20.97 49.98
CA LEU D 94 6.86 -19.82 49.47
C LEU D 94 6.25 -19.04 50.64
N ILE D 95 5.46 -19.70 51.48
CA ILE D 95 4.72 -19.10 52.63
C ILE D 95 5.70 -18.25 53.47
N GLU D 96 6.93 -18.71 53.65
CA GLU D 96 7.98 -18.01 54.43
C GLU D 96 8.34 -16.67 53.73
N LYS D 97 8.33 -16.65 52.39
CA LYS D 97 8.77 -15.50 51.56
C LYS D 97 7.61 -14.52 51.35
N ILE D 98 6.37 -15.01 51.20
CA ILE D 98 5.16 -14.18 50.85
C ILE D 98 4.68 -13.40 52.08
N LYS D 99 5.30 -13.63 53.24
CA LYS D 99 4.98 -12.91 54.52
C LYS D 99 5.28 -11.42 54.33
N ASP D 100 6.45 -11.09 53.76
CA ASP D 100 7.00 -9.71 53.67
C ASP D 100 6.75 -9.11 52.28
N VAL D 101 6.33 -9.93 51.31
CA VAL D 101 6.24 -9.54 49.87
C VAL D 101 5.08 -8.55 49.67
N HIS D 102 5.35 -7.47 48.93
CA HIS D 102 4.38 -6.37 48.60
C HIS D 102 3.69 -6.68 47.27
N ALA D 103 4.39 -7.33 46.34
CA ALA D 103 3.88 -7.72 45.01
C ALA D 103 4.58 -8.98 44.53
N ILE D 104 3.80 -9.97 44.10
CA ILE D 104 4.30 -11.26 43.56
C ILE D 104 3.98 -11.33 42.06
N GLY D 105 4.97 -11.71 41.26
CA GLY D 105 4.81 -12.04 39.84
C GLY D 105 4.98 -13.53 39.61
N ILE D 106 3.95 -14.18 39.10
CA ILE D 106 3.91 -15.65 38.85
C ILE D 106 3.60 -15.89 37.38
N ARG D 107 3.61 -17.15 36.98
CA ARG D 107 3.06 -17.64 35.69
C ARG D 107 2.07 -18.76 36.02
N SER D 108 1.91 -19.73 35.13
CA SER D 108 0.80 -20.74 35.19
C SER D 108 1.04 -21.80 36.30
N LYS D 109 2.30 -22.10 36.63
CA LYS D 109 2.66 -23.25 37.51
C LYS D 109 2.35 -22.90 38.99
N THR D 110 2.92 -21.82 39.51
CA THR D 110 2.72 -21.36 40.92
C THR D 110 1.22 -21.21 41.19
N ARG D 111 0.66 -22.06 42.06
CA ARG D 111 -0.76 -21.99 42.47
C ARG D 111 -0.87 -21.16 43.76
N LEU D 112 -1.63 -20.07 43.71
CA LEU D 112 -1.87 -19.16 44.88
C LEU D 112 -3.28 -19.39 45.40
N THR D 113 -3.44 -20.36 46.31
CA THR D 113 -4.73 -20.76 46.94
C THR D 113 -4.96 -19.94 48.21
N GLU D 114 -6.18 -20.00 48.75
CA GLU D 114 -6.55 -19.41 50.06
C GLU D 114 -5.49 -19.80 51.09
N LYS D 115 -5.05 -21.07 51.06
CA LYS D 115 -4.07 -21.67 52.01
C LYS D 115 -2.82 -20.78 52.10
N ILE D 116 -2.24 -20.41 50.96
CA ILE D 116 -0.91 -19.74 50.88
C ILE D 116 -1.07 -18.21 50.86
N LEU D 117 -2.27 -17.72 50.51
CA LEU D 117 -2.55 -16.25 50.39
C LEU D 117 -2.91 -15.66 51.76
N GLN D 118 -3.35 -16.48 52.71
CA GLN D 118 -3.85 -16.03 54.04
C GLN D 118 -2.66 -15.54 54.90
N HIS D 119 -1.44 -15.98 54.58
CA HIS D 119 -0.19 -15.60 55.29
C HIS D 119 0.40 -14.33 54.69
N ALA D 120 -0.15 -13.87 53.56
CA ALA D 120 0.30 -12.67 52.82
C ALA D 120 -0.10 -11.41 53.61
N ARG D 121 0.85 -10.85 54.36
CA ARG D 121 0.62 -9.70 55.27
C ARG D 121 0.53 -8.41 54.45
N ASN D 122 1.51 -8.16 53.57
CA ASN D 122 1.74 -6.85 52.91
C ASN D 122 1.37 -6.90 51.43
N LEU D 123 0.84 -8.02 50.94
CA LEU D 123 0.60 -8.27 49.49
C LEU D 123 -0.43 -7.26 48.95
N VAL D 124 0.01 -6.39 48.02
CA VAL D 124 -0.80 -5.32 47.38
C VAL D 124 -1.50 -5.86 46.12
N CYS D 125 -0.76 -6.59 45.28
CA CYS D 125 -1.22 -7.05 43.93
C CYS D 125 -0.46 -8.30 43.47
N ILE D 126 -1.09 -9.10 42.63
CA ILE D 126 -0.49 -10.30 41.97
C ILE D 126 -0.39 -10.03 40.47
N GLY D 127 0.77 -10.32 39.88
CA GLY D 127 1.00 -10.26 38.43
C GLY D 127 1.05 -11.64 37.82
N CYS D 128 0.08 -11.99 36.99
CA CYS D 128 0.07 -13.20 36.14
C CYS D 128 0.76 -12.88 34.79
N PHE D 129 2.06 -13.11 34.69
CA PHE D 129 2.90 -12.85 33.48
C PHE D 129 2.61 -13.93 32.46
N CYS D 130 1.35 -14.00 32.04
CA CYS D 130 0.76 -15.08 31.21
C CYS D 130 -0.73 -14.81 31.06
N ILE D 131 -1.42 -15.61 30.24
CA ILE D 131 -2.85 -15.44 29.91
C ILE D 131 -3.71 -15.93 31.10
N GLY D 132 -3.47 -17.16 31.56
CA GLY D 132 -4.30 -17.84 32.59
C GLY D 132 -4.18 -17.18 33.97
N THR D 133 -5.26 -17.25 34.76
CA THR D 133 -5.34 -16.75 36.17
C THR D 133 -5.96 -17.83 37.09
N ASN D 134 -6.31 -19.00 36.52
CA ASN D 134 -6.93 -20.14 37.25
C ASN D 134 -6.01 -20.58 38.40
N GLN D 135 -4.71 -20.34 38.27
CA GLN D 135 -3.68 -20.72 39.28
C GLN D 135 -3.82 -19.83 40.53
N VAL D 136 -4.74 -18.86 40.51
CA VAL D 136 -4.96 -17.90 41.63
C VAL D 136 -6.43 -17.97 42.05
N ASP D 137 -6.66 -18.05 43.36
CA ASP D 137 -8.01 -17.89 43.98
C ASP D 137 -8.38 -16.42 43.92
N LEU D 138 -9.03 -16.01 42.83
CA LEU D 138 -9.42 -14.60 42.56
C LEU D 138 -10.41 -14.13 43.63
N LYS D 139 -11.52 -14.87 43.81
CA LYS D 139 -12.59 -14.57 44.80
C LYS D 139 -11.92 -14.23 46.15
N TYR D 140 -11.04 -15.10 46.66
CA TYR D 140 -10.35 -14.92 47.96
C TYR D 140 -9.43 -13.69 47.89
N ALA D 141 -8.53 -13.66 46.89
CA ALA D 141 -7.56 -12.56 46.66
C ALA D 141 -8.30 -11.22 46.72
N ALA D 142 -9.50 -11.16 46.12
CA ALA D 142 -10.39 -9.98 46.10
C ALA D 142 -10.78 -9.60 47.53
N SER D 143 -11.35 -10.56 48.28
CA SER D 143 -11.87 -10.38 49.66
C SER D 143 -10.80 -9.82 50.60
N LYS D 144 -9.52 -10.10 50.34
CA LYS D 144 -8.35 -9.59 51.14
C LYS D 144 -7.89 -8.26 50.56
N GLY D 145 -8.47 -7.83 49.43
CA GLY D 145 -8.17 -6.55 48.75
C GLY D 145 -6.92 -6.65 47.89
N ILE D 146 -6.65 -7.82 47.32
CA ILE D 146 -5.47 -8.07 46.42
C ILE D 146 -5.95 -8.05 44.97
N ALA D 147 -5.45 -7.09 44.19
CA ALA D 147 -5.77 -6.92 42.75
C ALA D 147 -4.86 -7.84 41.94
N VAL D 148 -5.45 -8.61 41.02
CA VAL D 148 -4.72 -9.56 40.12
C VAL D 148 -4.74 -9.01 38.70
N PHE D 149 -3.58 -9.02 38.03
CA PHE D 149 -3.37 -8.54 36.64
C PHE D 149 -2.76 -9.65 35.80
N ASN D 150 -3.04 -9.67 34.49
CA ASN D 150 -2.52 -10.68 33.54
C ASN D 150 -2.21 -10.00 32.19
N SER D 151 -1.78 -10.80 31.20
CA SER D 151 -1.47 -10.37 29.81
C SER D 151 -2.19 -11.27 28.82
N PRO D 152 -3.47 -10.97 28.48
CA PRO D 152 -4.28 -11.88 27.67
C PRO D 152 -3.90 -11.97 26.18
N PHE D 153 -3.41 -10.88 25.57
CA PHE D 153 -3.30 -10.72 24.08
C PHE D 153 -1.85 -10.40 23.65
N SER D 154 -0.88 -10.61 24.53
CA SER D 154 0.56 -10.31 24.32
C SER D 154 1.19 -11.30 23.31
N ASN D 155 0.51 -12.40 22.98
CA ASN D 155 1.09 -13.55 22.22
C ASN D 155 0.50 -13.62 20.81
N SER D 156 -0.39 -12.71 20.44
CA SER D 156 -1.15 -12.74 19.16
C SER D 156 -0.18 -12.90 17.97
N ARG D 157 0.76 -11.97 17.82
CA ARG D 157 1.74 -11.94 16.69
C ARG D 157 2.47 -13.29 16.60
N SER D 158 2.96 -13.79 17.75
CA SER D 158 3.80 -15.00 17.86
C SER D 158 3.04 -16.23 17.35
N VAL D 159 1.75 -16.32 17.63
CA VAL D 159 0.88 -17.46 17.18
C VAL D 159 0.61 -17.30 15.68
N ALA D 160 0.36 -16.08 15.22
CA ALA D 160 0.08 -15.76 13.79
C ALA D 160 1.28 -16.19 12.93
N GLU D 161 2.49 -15.74 13.29
CA GLU D 161 3.75 -16.08 12.59
C GLU D 161 3.93 -17.59 12.54
N LEU D 162 3.77 -18.26 13.68
CA LEU D 162 3.91 -19.73 13.77
C LEU D 162 3.03 -20.39 12.71
N VAL D 163 1.80 -19.92 12.55
CA VAL D 163 0.78 -20.54 11.64
C VAL D 163 1.22 -20.34 10.19
N ILE D 164 1.71 -19.14 9.83
CA ILE D 164 2.27 -18.87 8.47
C ILE D 164 3.36 -19.91 8.21
N GLY D 165 4.32 -20.00 9.13
CA GLY D 165 5.42 -20.99 9.09
C GLY D 165 4.89 -22.40 8.87
N GLU D 166 3.90 -22.80 9.66
CA GLU D 166 3.34 -24.18 9.66
C GLU D 166 2.57 -24.41 8.34
N ILE D 167 1.87 -23.40 7.84
CA ILE D 167 1.13 -23.49 6.54
C ILE D 167 2.14 -23.86 5.44
N ILE D 168 3.20 -23.08 5.31
CA ILE D 168 4.27 -23.29 4.28
C ILE D 168 4.91 -24.66 4.51
N SER D 169 5.22 -24.99 5.76
CA SER D 169 5.92 -26.24 6.16
C SER D 169 5.11 -27.45 5.73
N LEU D 170 3.80 -27.46 6.04
CA LEU D 170 2.87 -28.56 5.69
C LEU D 170 2.69 -28.60 4.17
N ALA D 171 2.52 -27.44 3.56
CA ALA D 171 2.33 -27.25 2.11
C ALA D 171 3.47 -27.92 1.33
N ARG D 172 4.67 -27.94 1.90
CA ARG D 172 5.93 -28.38 1.23
C ARG D 172 6.48 -29.63 1.89
N GLN D 173 5.94 -30.01 3.06
CA GLN D 173 6.38 -31.19 3.85
C GLN D 173 7.85 -31.02 4.26
N LEU D 174 8.21 -29.84 4.80
CA LEU D 174 9.59 -29.52 5.25
C LEU D 174 10.02 -30.51 6.31
N GLY D 175 9.24 -30.61 7.40
CA GLY D 175 9.49 -31.53 8.52
C GLY D 175 9.94 -32.89 8.02
N ASP D 176 9.12 -33.51 7.15
CA ASP D 176 9.36 -34.86 6.59
C ASP D 176 10.69 -34.87 5.83
N ARG D 177 10.86 -33.94 4.89
CA ARG D 177 12.06 -33.81 4.02
C ARG D 177 13.32 -33.78 4.87
N SER D 178 13.34 -32.94 5.90
CA SER D 178 14.51 -32.69 6.78
C SER D 178 14.79 -33.93 7.64
N ILE D 179 13.74 -34.62 8.08
CA ILE D 179 13.85 -35.87 8.89
C ILE D 179 14.45 -36.98 8.02
N GLU D 180 13.96 -37.10 6.78
CA GLU D 180 14.45 -38.09 5.79
C GLU D 180 15.97 -37.93 5.61
N LEU D 181 16.43 -36.72 5.29
CA LEU D 181 17.85 -36.41 4.97
C LEU D 181 18.73 -36.64 6.20
N HIS D 182 18.19 -36.40 7.39
CA HIS D 182 18.90 -36.58 8.68
C HIS D 182 19.17 -38.08 8.91
N THR D 183 18.25 -38.93 8.46
CA THR D 183 18.37 -40.43 8.52
C THR D 183 19.03 -40.93 7.23
N GLY D 184 19.44 -40.02 6.35
CA GLY D 184 20.26 -40.32 5.16
C GLY D 184 19.44 -40.51 3.89
N THR D 185 18.11 -40.36 3.97
CA THR D 185 17.18 -40.57 2.81
C THR D 185 17.00 -39.26 2.02
N TRP D 186 17.14 -39.34 0.71
CA TRP D 186 16.97 -38.22 -0.26
C TRP D 186 15.68 -38.44 -1.03
N ASN D 187 14.62 -37.70 -0.70
CA ASN D 187 13.27 -37.88 -1.28
C ASN D 187 12.77 -36.55 -1.84
N LYS D 188 13.28 -36.17 -3.02
CA LYS D 188 12.86 -34.94 -3.74
C LYS D 188 11.46 -35.17 -4.32
N VAL D 189 10.45 -34.53 -3.73
CA VAL D 189 9.01 -34.73 -4.05
C VAL D 189 8.33 -33.38 -4.29
N ALA D 190 7.63 -33.27 -5.40
CA ALA D 190 6.82 -32.09 -5.79
C ALA D 190 5.32 -32.46 -5.79
N ALA D 191 5.01 -33.76 -5.79
CA ALA D 191 3.64 -34.31 -5.81
C ALA D 191 2.87 -33.84 -4.56
N ARG D 192 1.74 -33.18 -4.77
CA ARG D 192 0.85 -32.67 -3.70
C ARG D 192 1.66 -31.84 -2.70
N CYS D 193 2.68 -31.14 -3.20
CA CYS D 193 3.40 -30.03 -2.51
C CYS D 193 3.06 -28.71 -3.23
N TRP D 194 2.69 -27.67 -2.48
CA TRP D 194 2.00 -26.47 -3.03
C TRP D 194 2.73 -25.18 -2.67
N GLU D 195 2.69 -24.21 -3.58
CA GLU D 195 2.77 -22.77 -3.26
C GLU D 195 1.51 -22.41 -2.48
N VAL D 196 1.64 -21.62 -1.43
CA VAL D 196 0.50 -21.19 -0.59
C VAL D 196 -0.29 -20.12 -1.36
N ARG D 197 0.36 -19.37 -2.25
CA ARG D 197 -0.30 -18.33 -3.09
C ARG D 197 -1.42 -18.99 -3.90
N GLY D 198 -2.62 -18.42 -3.83
CA GLY D 198 -3.81 -18.90 -4.57
C GLY D 198 -4.57 -19.96 -3.81
N LYS D 199 -4.06 -20.40 -2.66
CA LYS D 199 -4.73 -21.37 -1.76
C LYS D 199 -5.67 -20.61 -0.82
N THR D 200 -6.61 -21.32 -0.19
CA THR D 200 -7.61 -20.74 0.72
C THR D 200 -7.32 -21.17 2.16
N LEU D 201 -7.19 -20.19 3.05
CA LEU D 201 -7.06 -20.38 4.50
C LEU D 201 -8.44 -20.19 5.15
N GLY D 202 -8.90 -21.20 5.88
CA GLY D 202 -10.13 -21.14 6.71
C GLY D 202 -9.81 -20.83 8.17
N ILE D 203 -10.08 -19.61 8.60
CA ILE D 203 -9.83 -19.15 10.00
C ILE D 203 -11.10 -19.35 10.82
N ILE D 204 -11.11 -20.35 11.69
CA ILE D 204 -12.19 -20.60 12.68
C ILE D 204 -11.89 -19.76 13.93
N GLY D 205 -12.63 -18.67 14.10
CA GLY D 205 -12.45 -17.73 15.22
C GLY D 205 -11.60 -16.54 14.81
N TYR D 206 -12.26 -15.42 14.48
CA TYR D 206 -11.65 -14.20 13.89
C TYR D 206 -11.38 -13.17 15.00
N GLY D 207 -10.66 -13.57 16.05
CA GLY D 207 -10.34 -12.72 17.22
C GLY D 207 -9.06 -11.89 17.00
N HIS D 208 -8.31 -11.66 18.08
CA HIS D 208 -6.99 -10.96 18.07
C HIS D 208 -6.01 -11.68 17.16
N ILE D 209 -5.88 -13.00 17.33
CA ILE D 209 -4.91 -13.86 16.59
C ILE D 209 -5.45 -14.13 15.18
N GLY D 210 -6.71 -14.56 15.09
CA GLY D 210 -7.37 -14.88 13.81
C GLY D 210 -7.24 -13.73 12.81
N SER D 211 -7.42 -12.50 13.28
CA SER D 211 -7.45 -11.27 12.44
C SER D 211 -6.03 -10.87 12.03
N GLN D 212 -5.04 -10.97 12.94
CA GLN D 212 -3.60 -10.73 12.62
C GLN D 212 -3.16 -11.76 11.58
N LEU D 213 -3.55 -13.01 11.75
CA LEU D 213 -3.25 -14.12 10.83
C LEU D 213 -3.83 -13.80 9.44
N SER D 214 -5.04 -13.23 9.41
CA SER D 214 -5.77 -12.88 8.16
C SER D 214 -4.90 -12.00 7.28
N VAL D 215 -4.34 -10.94 7.86
CA VAL D 215 -3.52 -9.91 7.15
C VAL D 215 -2.26 -10.59 6.57
N LEU D 216 -1.48 -11.27 7.42
CA LEU D 216 -0.23 -12.00 7.02
C LEU D 216 -0.57 -12.96 5.88
N ALA D 217 -1.64 -13.75 6.02
CA ALA D 217 -2.06 -14.81 5.07
C ALA D 217 -2.36 -14.19 3.70
N GLU D 218 -2.97 -13.02 3.67
CA GLU D 218 -3.27 -12.28 2.40
C GLU D 218 -1.95 -11.81 1.80
N ALA D 219 -1.10 -11.22 2.62
CA ALA D 219 0.29 -10.79 2.27
C ALA D 219 1.06 -11.95 1.59
N MET D 220 0.89 -13.18 2.08
CA MET D 220 1.54 -14.42 1.52
C MET D 220 0.69 -14.96 0.36
N GLY D 221 -0.36 -14.24 -0.03
CA GLY D 221 -1.14 -14.50 -1.28
C GLY D 221 -2.24 -15.54 -1.09
N LEU D 222 -2.69 -15.76 0.15
CA LEU D 222 -3.79 -16.72 0.47
C LEU D 222 -5.13 -15.98 0.45
N HIS D 223 -6.16 -16.64 -0.07
CA HIS D 223 -7.58 -16.27 0.12
C HIS D 223 -7.98 -16.65 1.55
N VAL D 224 -8.67 -15.75 2.25
CA VAL D 224 -9.04 -15.93 3.68
C VAL D 224 -10.56 -15.96 3.82
N LEU D 225 -11.13 -17.15 4.01
CA LEU D 225 -12.49 -17.37 4.56
C LEU D 225 -12.37 -17.45 6.07
N TYR D 226 -13.40 -17.05 6.81
CA TYR D 226 -13.46 -17.20 8.30
C TYR D 226 -14.90 -17.42 8.75
N TYR D 227 -15.10 -18.45 9.58
CA TYR D 227 -16.35 -18.73 10.30
C TYR D 227 -16.19 -18.28 11.75
N ASP D 228 -17.16 -17.54 12.24
CA ASP D 228 -17.28 -17.13 13.65
C ASP D 228 -18.76 -17.21 14.04
N ILE D 229 -19.05 -17.38 15.32
CA ILE D 229 -20.44 -17.47 15.87
C ILE D 229 -21.04 -16.06 15.93
N VAL D 230 -20.18 -15.05 15.85
CA VAL D 230 -20.58 -13.61 15.80
C VAL D 230 -20.23 -13.07 14.42
N THR D 231 -21.06 -12.20 13.86
CA THR D 231 -20.77 -11.45 12.60
C THR D 231 -19.72 -10.38 12.92
N ILE D 232 -18.59 -10.41 12.20
CA ILE D 232 -17.41 -9.54 12.49
C ILE D 232 -16.96 -8.86 11.19
N MET D 233 -16.57 -7.58 11.29
CA MET D 233 -15.99 -6.76 10.20
C MET D 233 -14.67 -7.39 9.75
N ALA D 234 -14.61 -7.86 8.51
CA ALA D 234 -13.41 -8.43 7.86
C ALA D 234 -12.28 -7.38 7.82
N LEU D 235 -11.03 -7.83 7.94
CA LEU D 235 -9.81 -7.03 7.63
C LEU D 235 -9.37 -7.34 6.20
N GLY D 236 -8.67 -6.42 5.54
CA GLY D 236 -8.27 -6.56 4.14
C GLY D 236 -9.43 -7.03 3.28
N THR D 237 -9.27 -8.13 2.55
CA THR D 237 -10.27 -8.68 1.58
C THR D 237 -10.70 -10.08 2.01
N ALA D 238 -10.78 -10.32 3.32
CA ALA D 238 -11.29 -11.59 3.92
C ALA D 238 -12.82 -11.61 3.84
N ARG D 239 -13.41 -12.81 3.78
CA ARG D 239 -14.87 -13.02 3.60
C ARG D 239 -15.41 -13.94 4.70
N GLN D 240 -16.33 -13.46 5.52
CA GLN D 240 -17.02 -14.26 6.56
C GLN D 240 -17.98 -15.24 5.87
N VAL D 241 -18.08 -16.45 6.39
CA VAL D 241 -18.92 -17.56 5.84
C VAL D 241 -19.95 -17.96 6.91
N SER D 242 -21.15 -18.35 6.49
CA SER D 242 -22.35 -18.53 7.37
C SER D 242 -22.19 -19.79 8.24
N THR D 243 -21.77 -20.89 7.64
CA THR D 243 -21.61 -22.22 8.31
C THR D 243 -20.14 -22.66 8.30
N LEU D 244 -19.71 -23.30 9.40
CA LEU D 244 -18.39 -23.99 9.48
C LEU D 244 -18.27 -24.93 8.30
N ASP D 245 -19.35 -25.64 7.97
CA ASP D 245 -19.44 -26.64 6.86
C ASP D 245 -18.98 -26.00 5.54
N GLU D 246 -19.39 -24.76 5.27
CA GLU D 246 -19.01 -24.03 4.04
C GLU D 246 -17.49 -23.81 4.04
N LEU D 247 -16.96 -23.26 5.14
CA LEU D 247 -15.51 -23.00 5.34
C LEU D 247 -14.73 -24.30 5.06
N LEU D 248 -15.13 -25.41 5.69
CA LEU D 248 -14.44 -26.74 5.59
C LEU D 248 -14.47 -27.24 4.13
N ASN D 249 -15.53 -26.91 3.39
CA ASN D 249 -15.74 -27.36 1.97
C ASN D 249 -14.76 -26.62 1.05
N LYS D 250 -14.49 -25.35 1.33
CA LYS D 250 -13.87 -24.39 0.36
C LYS D 250 -12.43 -24.05 0.76
N SER D 251 -11.99 -24.44 1.95
CA SER D 251 -10.64 -24.12 2.49
C SER D 251 -9.65 -25.24 2.15
N ASP D 252 -8.37 -24.88 2.00
CA ASP D 252 -7.23 -25.79 1.79
C ASP D 252 -6.52 -26.01 3.14
N PHE D 253 -6.37 -24.91 3.90
CA PHE D 253 -5.81 -24.92 5.29
C PHE D 253 -6.88 -24.42 6.26
N VAL D 254 -7.16 -25.21 7.29
CA VAL D 254 -8.10 -24.85 8.38
C VAL D 254 -7.29 -24.66 9.65
N THR D 255 -7.42 -23.50 10.29
CA THR D 255 -6.74 -23.16 11.57
C THR D 255 -7.78 -22.66 12.56
N LEU D 256 -7.66 -23.08 13.82
CA LEU D 256 -8.59 -22.74 14.92
C LEU D 256 -7.96 -21.67 15.80
N HIS D 257 -8.73 -20.66 16.15
CA HIS D 257 -8.32 -19.54 17.03
C HIS D 257 -9.51 -19.14 17.90
N VAL D 258 -10.01 -20.12 18.67
CA VAL D 258 -11.26 -20.04 19.49
C VAL D 258 -10.90 -20.29 20.95
N PRO D 259 -11.69 -19.76 21.92
CA PRO D 259 -11.50 -20.10 23.32
C PRO D 259 -12.01 -21.53 23.62
N ALA D 260 -11.78 -22.01 24.84
CA ALA D 260 -12.30 -23.30 25.35
C ALA D 260 -13.71 -23.09 25.90
N THR D 261 -14.69 -23.70 25.27
CA THR D 261 -16.13 -23.70 25.69
C THR D 261 -16.73 -25.04 25.33
N PRO D 262 -17.90 -25.42 25.91
CA PRO D 262 -18.57 -26.67 25.54
C PRO D 262 -18.88 -26.75 24.03
N GLU D 263 -19.06 -25.60 23.37
CA GLU D 263 -19.38 -25.50 21.92
C GLU D 263 -18.14 -25.85 21.08
N THR D 264 -16.94 -25.51 21.57
CA THR D 264 -15.63 -25.69 20.84
C THR D 264 -15.05 -27.08 21.12
N GLU D 265 -15.39 -27.68 22.27
CA GLU D 265 -14.95 -29.04 22.66
C GLU D 265 -15.14 -29.99 21.47
N LYS D 266 -14.05 -30.59 21.00
CA LYS D 266 -14.02 -31.59 19.88
C LYS D 266 -14.93 -31.11 18.73
N MET D 267 -14.95 -29.79 18.44
CA MET D 267 -15.81 -29.19 17.38
C MET D 267 -15.34 -29.65 15.99
N LEU D 268 -14.04 -29.96 15.84
CA LEU D 268 -13.47 -30.63 14.64
C LEU D 268 -13.35 -32.13 14.93
N SER D 269 -14.26 -32.91 14.37
CA SER D 269 -14.30 -34.39 14.51
C SER D 269 -14.68 -35.03 13.18
N ALA D 270 -14.82 -36.36 13.17
CA ALA D 270 -15.04 -37.19 11.95
C ALA D 270 -15.93 -36.45 10.94
N PRO D 271 -17.13 -35.97 11.36
CA PRO D 271 -18.05 -35.29 10.44
C PRO D 271 -17.44 -34.05 9.75
N GLN D 272 -16.63 -33.28 10.48
CA GLN D 272 -15.98 -32.04 9.99
C GLN D 272 -14.88 -32.41 8.98
N PHE D 273 -14.03 -33.37 9.34
CA PHE D 273 -12.93 -33.88 8.47
C PHE D 273 -13.51 -34.46 7.19
N ALA D 274 -14.71 -35.05 7.28
CA ALA D 274 -15.46 -35.64 6.15
C ALA D 274 -15.96 -34.51 5.22
N ALA D 275 -16.19 -33.31 5.79
CA ALA D 275 -16.70 -32.11 5.08
C ALA D 275 -15.54 -31.33 4.44
N MET D 276 -14.30 -31.62 4.84
CA MET D 276 -13.08 -30.92 4.34
C MET D 276 -12.66 -31.51 3.00
N LYS D 277 -11.85 -30.75 2.22
CA LYS D 277 -11.36 -31.15 0.89
C LYS D 277 -10.39 -32.32 1.03
N ASP D 278 -10.29 -33.15 0.01
CA ASP D 278 -9.26 -34.22 -0.09
C ASP D 278 -7.88 -33.56 -0.09
N GLY D 279 -7.03 -33.92 0.86
CA GLY D 279 -5.64 -33.45 0.95
C GLY D 279 -5.55 -32.06 1.58
N ALA D 280 -6.55 -31.67 2.36
CA ALA D 280 -6.58 -30.39 3.14
C ALA D 280 -5.73 -30.55 4.41
N TYR D 281 -5.53 -29.46 5.15
CA TYR D 281 -4.57 -29.38 6.29
C TYR D 281 -5.26 -28.77 7.51
N VAL D 282 -5.00 -29.31 8.69
CA VAL D 282 -5.60 -28.86 9.99
C VAL D 282 -4.49 -28.30 10.88
N ILE D 283 -4.67 -27.08 11.37
CA ILE D 283 -3.71 -26.37 12.27
C ILE D 283 -4.47 -25.94 13.52
N ASN D 284 -4.02 -26.38 14.69
CA ASN D 284 -4.64 -26.04 16.00
C ASN D 284 -3.56 -25.53 16.96
N ALA D 285 -3.47 -24.21 17.10
CA ALA D 285 -2.68 -23.53 18.14
C ALA D 285 -3.61 -22.79 19.09
N SER D 286 -4.87 -23.25 19.19
CA SER D 286 -5.94 -22.64 20.03
C SER D 286 -5.97 -23.29 21.41
N ARG D 287 -6.66 -24.43 21.55
CA ARG D 287 -6.87 -25.14 22.84
C ARG D 287 -6.82 -26.66 22.63
N GLY D 288 -6.39 -27.40 23.66
CA GLY D 288 -6.10 -28.84 23.60
C GLY D 288 -7.36 -29.69 23.41
N THR D 289 -8.53 -29.12 23.63
CA THR D 289 -9.84 -29.84 23.72
C THR D 289 -10.59 -29.74 22.39
N VAL D 290 -10.20 -28.80 21.53
CA VAL D 290 -11.02 -28.29 20.39
C VAL D 290 -10.98 -29.27 19.21
N VAL D 291 -9.95 -30.13 19.15
CA VAL D 291 -9.80 -31.13 18.05
C VAL D 291 -9.91 -32.54 18.65
N ASP D 292 -10.67 -33.42 17.99
CA ASP D 292 -10.76 -34.85 18.31
C ASP D 292 -9.60 -35.57 17.63
N ILE D 293 -8.52 -35.79 18.38
CA ILE D 293 -7.22 -36.33 17.86
C ILE D 293 -7.45 -37.66 17.15
N PRO D 294 -8.24 -38.60 17.73
CA PRO D 294 -8.43 -39.93 17.13
C PRO D 294 -9.16 -39.87 15.78
N SER D 295 -10.07 -38.89 15.63
CA SER D 295 -10.76 -38.59 14.34
C SER D 295 -9.75 -38.07 13.31
N LEU D 296 -8.94 -37.09 13.71
CA LEU D 296 -7.84 -36.53 12.89
C LEU D 296 -6.93 -37.66 12.45
N ILE D 297 -6.53 -38.53 13.38
CA ILE D 297 -5.61 -39.67 13.14
C ILE D 297 -6.20 -40.58 12.05
N GLN D 298 -7.50 -40.89 12.15
CA GLN D 298 -8.22 -41.74 11.17
C GLN D 298 -8.23 -41.04 9.82
N ALA D 299 -8.64 -39.76 9.79
CA ALA D 299 -8.71 -38.90 8.58
C ALA D 299 -7.35 -38.89 7.87
N VAL D 300 -6.26 -38.68 8.62
CA VAL D 300 -4.86 -38.67 8.09
C VAL D 300 -4.56 -40.05 7.50
N LYS D 301 -4.85 -41.12 8.25
CA LYS D 301 -4.59 -42.54 7.83
C LYS D 301 -5.42 -42.88 6.58
N ALA D 302 -6.58 -42.24 6.41
CA ALA D 302 -7.53 -42.47 5.29
C ALA D 302 -7.14 -41.59 4.08
N ASN D 303 -5.99 -40.91 4.16
CA ASN D 303 -5.44 -40.04 3.08
C ASN D 303 -6.39 -38.88 2.80
N LYS D 304 -7.22 -38.53 3.77
CA LYS D 304 -8.24 -37.44 3.65
C LYS D 304 -7.58 -36.10 4.01
N ILE D 305 -6.81 -36.09 5.09
CA ILE D 305 -6.02 -34.91 5.55
C ILE D 305 -4.53 -35.14 5.22
N ALA D 306 -3.95 -34.23 4.44
CA ALA D 306 -2.57 -34.34 3.88
C ALA D 306 -1.55 -34.03 4.97
N GLY D 307 -1.94 -33.29 6.00
CA GLY D 307 -1.05 -32.96 7.14
C GLY D 307 -1.74 -32.09 8.16
N ALA D 308 -1.11 -31.92 9.33
CA ALA D 308 -1.63 -31.14 10.47
C ALA D 308 -0.48 -30.66 11.34
N ALA D 309 -0.73 -29.62 12.12
CA ALA D 309 0.20 -29.04 13.09
C ALA D 309 -0.57 -28.72 14.38
N LEU D 310 -0.24 -29.41 15.47
CA LEU D 310 -0.85 -29.23 16.82
C LEU D 310 0.17 -28.61 17.76
N ASP D 311 -0.21 -27.55 18.46
CA ASP D 311 0.62 -26.86 19.48
C ASP D 311 0.07 -27.18 20.88
N VAL D 312 -1.14 -27.74 20.92
CA VAL D 312 -1.96 -27.90 22.16
C VAL D 312 -2.65 -29.26 22.12
N TYR D 313 -2.81 -29.87 23.30
CA TYR D 313 -3.32 -31.26 23.48
C TYR D 313 -4.21 -31.32 24.72
N PRO D 314 -5.16 -32.29 24.78
CA PRO D 314 -6.05 -32.43 25.93
C PRO D 314 -5.29 -32.52 27.28
N HIS D 315 -4.17 -33.24 27.29
CA HIS D 315 -3.27 -33.40 28.47
C HIS D 315 -1.84 -33.06 28.06
N GLU D 316 -1.19 -32.17 28.82
CA GLU D 316 0.19 -31.67 28.56
C GLU D 316 1.03 -31.85 29.82
N PRO D 317 2.34 -32.14 29.69
CA PRO D 317 3.23 -32.21 30.84
C PRO D 317 3.21 -30.90 31.63
N ALA D 318 3.43 -30.99 32.95
CA ALA D 318 3.48 -29.84 33.88
C ALA D 318 4.90 -29.26 33.90
N LYS D 319 5.88 -30.06 33.48
CA LYS D 319 7.32 -29.67 33.39
C LYS D 319 7.90 -30.18 32.07
N ASN D 320 8.93 -29.52 31.57
CA ASN D 320 9.75 -29.98 30.43
C ASN D 320 10.50 -31.24 30.85
N GLY D 321 10.46 -32.30 30.02
CA GLY D 321 11.12 -33.57 30.34
C GLY D 321 11.17 -34.50 29.15
N GLU D 322 12.10 -35.44 29.19
CA GLU D 322 12.21 -36.56 28.22
C GLU D 322 11.13 -37.59 28.57
N GLY D 323 10.51 -38.19 27.56
CA GLY D 323 9.45 -39.21 27.73
C GLY D 323 8.23 -38.68 28.47
N SER D 324 8.09 -37.35 28.57
CA SER D 324 6.89 -36.66 29.17
C SER D 324 5.66 -36.83 28.27
N PHE D 325 5.89 -36.85 26.95
CA PHE D 325 4.85 -36.93 25.89
C PHE D 325 4.73 -38.38 25.42
N ASN D 326 3.79 -39.13 26.01
CA ASN D 326 3.69 -40.61 25.89
C ASN D 326 2.23 -41.05 26.05
N ASP D 327 1.99 -42.36 25.95
CA ASP D 327 0.64 -42.99 25.96
C ASP D 327 0.00 -42.84 27.35
N GLU D 328 0.80 -42.63 28.39
CA GLU D 328 0.33 -42.40 29.79
C GLU D 328 -0.38 -41.03 29.84
N LEU D 329 0.12 -40.05 29.09
CA LEU D 329 -0.40 -38.66 29.04
C LEU D 329 -1.59 -38.57 28.09
N ASN D 330 -1.45 -39.13 26.90
CA ASN D 330 -2.52 -39.23 25.87
C ASN D 330 -2.41 -40.62 25.23
N SER D 331 -3.49 -41.40 25.29
CA SER D 331 -3.55 -42.83 24.87
C SER D 331 -3.01 -42.99 23.43
N TRP D 332 -3.15 -41.96 22.58
CA TRP D 332 -2.97 -42.05 21.10
C TRP D 332 -1.60 -41.52 20.65
N THR D 333 -0.79 -40.95 21.56
CA THR D 333 0.52 -40.30 21.22
C THR D 333 1.31 -41.18 20.24
N SER D 334 1.61 -42.42 20.64
CA SER D 334 2.46 -43.38 19.88
C SER D 334 1.89 -43.62 18.48
N GLU D 335 0.56 -43.55 18.32
CA GLU D 335 -0.15 -43.70 17.03
C GLU D 335 -0.01 -42.40 16.22
N LEU D 336 -0.18 -41.26 16.89
CA LEU D 336 -0.10 -39.89 16.31
C LEU D 336 1.31 -39.65 15.72
N VAL D 337 2.35 -39.94 16.49
CA VAL D 337 3.78 -39.67 16.12
C VAL D 337 4.23 -40.67 15.02
N SER D 338 3.35 -41.60 14.64
CA SER D 338 3.60 -42.63 13.59
C SER D 338 3.25 -42.07 12.21
N LEU D 339 2.53 -40.95 12.17
CA LEU D 339 1.90 -40.40 10.94
C LEU D 339 2.83 -39.44 10.23
N PRO D 340 2.79 -39.39 8.87
CA PRO D 340 3.60 -38.46 8.11
C PRO D 340 2.96 -37.06 8.02
N ASN D 341 3.81 -36.03 7.90
CA ASN D 341 3.45 -34.61 7.67
C ASN D 341 2.59 -34.09 8.82
N ILE D 342 2.89 -34.49 10.04
CA ILE D 342 2.25 -33.95 11.27
C ILE D 342 3.30 -33.21 12.10
N ILE D 343 3.18 -31.88 12.18
CA ILE D 343 4.05 -31.01 13.04
C ILE D 343 3.46 -30.99 14.44
N LEU D 344 4.24 -31.38 15.43
CA LEU D 344 3.86 -31.35 16.87
C LEU D 344 4.78 -30.39 17.58
N THR D 345 4.22 -29.50 18.39
CA THR D 345 4.96 -28.48 19.15
C THR D 345 4.45 -28.47 20.58
N PRO D 346 5.34 -28.27 21.57
CA PRO D 346 4.95 -28.27 22.97
C PRO D 346 4.43 -26.90 23.44
N HIS D 347 3.30 -26.47 22.90
CA HIS D 347 2.58 -25.25 23.33
C HIS D 347 3.54 -24.05 23.29
N ILE D 348 4.12 -23.78 22.12
CA ILE D 348 5.16 -22.73 21.91
C ILE D 348 4.56 -21.54 21.14
N GLY D 349 3.26 -21.56 20.90
CA GLY D 349 2.52 -20.50 20.18
C GLY D 349 2.99 -19.10 20.56
N GLY D 350 3.23 -18.84 21.84
CA GLY D 350 3.67 -17.53 22.37
C GLY D 350 5.08 -17.58 22.91
N SER D 351 5.83 -18.63 22.59
CA SER D 351 7.20 -18.89 23.11
C SER D 351 8.23 -18.18 22.23
N THR D 352 8.32 -16.87 22.36
CA THR D 352 9.30 -15.99 21.69
C THR D 352 9.79 -14.93 22.66
N GLU D 353 11.00 -14.42 22.45
CA GLU D 353 11.62 -13.35 23.27
C GLU D 353 10.73 -12.11 23.23
N GLU D 354 10.17 -11.79 22.06
CA GLU D 354 9.25 -10.63 21.85
C GLU D 354 8.07 -10.76 22.82
N ALA D 355 7.31 -11.85 22.72
CA ALA D 355 6.08 -12.14 23.50
C ALA D 355 6.38 -12.00 25.00
N GLN D 356 7.39 -12.73 25.49
CA GLN D 356 7.77 -12.74 26.93
C GLN D 356 8.17 -11.34 27.36
N SER D 357 8.88 -10.62 26.49
CA SER D 357 9.37 -9.24 26.73
C SER D 357 8.18 -8.30 26.98
N SER D 358 7.22 -8.27 26.04
CA SER D 358 6.03 -7.39 26.09
C SER D 358 5.09 -7.82 27.23
N ILE D 359 5.03 -9.12 27.56
CA ILE D 359 4.30 -9.64 28.75
C ILE D 359 4.93 -9.01 30.00
N GLY D 360 6.25 -9.03 30.07
CA GLY D 360 7.02 -8.43 31.16
C GLY D 360 6.70 -6.97 31.33
N ILE D 361 6.66 -6.23 30.23
CA ILE D 361 6.37 -4.77 30.23
C ILE D 361 4.92 -4.55 30.65
N GLU D 362 3.97 -5.13 29.91
CA GLU D 362 2.50 -4.96 30.11
C GLU D 362 2.18 -5.11 31.60
N VAL D 363 2.60 -6.21 32.21
CA VAL D 363 2.18 -6.63 33.57
C VAL D 363 2.98 -5.83 34.62
N ALA D 364 4.30 -5.78 34.50
CA ALA D 364 5.18 -4.99 35.41
C ALA D 364 4.68 -3.54 35.48
N THR D 365 4.35 -2.97 34.34
CA THR D 365 3.74 -1.62 34.21
C THR D 365 2.42 -1.59 35.00
N ALA D 366 1.55 -2.57 34.77
CA ALA D 366 0.20 -2.67 35.39
C ALA D 366 0.35 -2.62 36.91
N LEU D 367 1.24 -3.45 37.46
CA LEU D 367 1.52 -3.55 38.92
C LEU D 367 2.05 -2.22 39.43
N SER D 368 3.00 -1.65 38.71
CA SER D 368 3.68 -0.38 39.06
C SER D 368 2.65 0.74 39.18
N LYS D 369 1.75 0.84 38.20
CA LYS D 369 0.71 1.89 38.14
C LYS D 369 -0.33 1.64 39.25
N TYR D 370 -0.60 0.38 39.59
CA TYR D 370 -1.52 0.04 40.71
C TYR D 370 -0.87 0.42 42.04
N ILE D 371 0.41 0.06 42.21
CA ILE D 371 1.20 0.33 43.45
C ILE D 371 1.40 1.84 43.62
N ASN D 372 1.69 2.55 42.52
CA ASN D 372 2.14 3.98 42.56
C ASN D 372 0.95 4.94 42.48
N GLU D 373 -0.16 4.53 41.84
CA GLU D 373 -1.31 5.43 41.53
C GLU D 373 -2.65 4.78 41.90
N GLY D 374 -2.65 3.51 42.30
CA GLY D 374 -3.86 2.77 42.68
C GLY D 374 -4.71 2.38 41.45
N ASN D 375 -4.15 2.55 40.24
CA ASN D 375 -4.83 2.25 38.95
C ASN D 375 -5.10 0.74 38.87
N SER D 376 -6.37 0.36 38.87
CA SER D 376 -6.84 -1.06 38.89
C SER D 376 -7.51 -1.42 37.56
N VAL D 377 -7.36 -0.57 36.55
CA VAL D 377 -7.94 -0.81 35.18
C VAL D 377 -7.23 -2.00 34.56
N GLY D 378 -7.99 -2.96 34.04
CA GLY D 378 -7.46 -4.18 33.40
C GLY D 378 -7.31 -5.32 34.39
N SER D 379 -7.62 -5.08 35.65
CA SER D 379 -7.65 -6.12 36.72
C SER D 379 -8.76 -7.13 36.44
N VAL D 380 -8.53 -8.40 36.74
CA VAL D 380 -9.42 -9.54 36.36
C VAL D 380 -10.37 -9.89 37.52
N ASN D 381 -10.09 -9.40 38.74
CA ASN D 381 -10.81 -9.81 40.00
C ASN D 381 -11.27 -8.58 40.80
N PHE D 382 -11.14 -7.38 40.25
CA PHE D 382 -11.21 -6.10 41.00
C PHE D 382 -12.12 -5.11 40.29
N PRO D 383 -12.66 -4.09 41.00
CA PRO D 383 -13.27 -2.95 40.35
C PRO D 383 -12.18 -2.19 39.57
N GLU D 384 -12.48 -1.81 38.33
CA GLU D 384 -11.55 -1.03 37.46
C GLU D 384 -11.73 0.45 37.76
N VAL D 385 -10.69 1.06 38.33
CA VAL D 385 -10.73 2.43 38.92
C VAL D 385 -9.39 3.10 38.71
N SER D 386 -9.40 4.37 38.33
CA SER D 386 -8.20 5.21 38.11
C SER D 386 -8.57 6.69 38.16
N LEU D 387 -7.57 7.56 38.31
CA LEU D 387 -7.71 9.04 38.29
C LEU D 387 -6.50 9.63 37.58
N LYS D 388 -6.68 10.73 36.85
CA LYS D 388 -5.57 11.47 36.21
C LYS D 388 -4.50 11.71 37.28
N SER D 389 -3.24 11.58 36.91
CA SER D 389 -2.07 11.85 37.78
C SER D 389 -2.17 13.28 38.32
N LEU D 390 -1.49 13.56 39.42
CA LEU D 390 -1.38 14.93 40.01
C LEU D 390 -0.09 15.58 39.46
N ASP D 391 -0.14 16.89 39.21
CA ASP D 391 1.04 17.69 38.75
C ASP D 391 2.08 17.69 39.87
N TYR D 392 3.35 17.94 39.53
CA TYR D 392 4.47 18.13 40.49
C TYR D 392 4.12 19.29 41.44
N ASP D 393 3.40 20.30 40.93
CA ASP D 393 3.10 21.59 41.63
C ASP D 393 2.02 21.39 42.71
N GLN D 394 1.32 20.24 42.71
CA GLN D 394 0.20 19.96 43.66
C GLN D 394 0.78 19.45 44.99
N GLU D 395 1.61 20.26 45.65
CA GLU D 395 2.22 19.96 46.98
C GLU D 395 1.09 19.78 48.01
N ASN D 396 1.30 18.88 48.98
CA ASN D 396 0.34 18.61 50.10
C ASN D 396 -0.99 18.12 49.53
N THR D 397 -0.94 17.06 48.73
CA THR D 397 -2.14 16.33 48.23
C THR D 397 -1.89 14.83 48.42
N VAL D 398 -2.77 14.17 49.17
CA VAL D 398 -2.69 12.72 49.49
C VAL D 398 -3.76 11.97 48.69
N ARG D 399 -3.44 10.77 48.23
CA ARG D 399 -4.39 9.89 47.51
C ARG D 399 -4.81 8.75 48.43
N VAL D 400 -6.10 8.69 48.75
CA VAL D 400 -6.71 7.65 49.62
C VAL D 400 -7.18 6.50 48.74
N LEU D 401 -6.59 5.33 48.92
CA LEU D 401 -7.01 4.06 48.27
C LEU D 401 -7.70 3.18 49.32
N TYR D 402 -9.01 3.03 49.21
CA TYR D 402 -9.87 2.42 50.25
C TYR D 402 -10.72 1.30 49.63
N ILE D 403 -10.19 0.09 49.60
CA ILE D 403 -10.98 -1.15 49.26
C ILE D 403 -11.83 -1.47 50.48
N HIS D 404 -13.11 -1.78 50.26
CA HIS D 404 -14.13 -1.93 51.33
C HIS D 404 -15.23 -2.88 50.87
N ARG D 405 -16.03 -3.38 51.81
CA ARG D 405 -17.21 -4.22 51.52
C ARG D 405 -18.27 -3.33 50.86
N ASN D 406 -18.94 -3.86 49.84
CA ASN D 406 -19.94 -3.13 49.01
C ASN D 406 -21.28 -3.14 49.74
N VAL D 407 -21.40 -2.33 50.79
CA VAL D 407 -22.64 -2.20 51.61
C VAL D 407 -22.93 -0.73 51.82
N PRO D 408 -24.21 -0.37 52.05
CA PRO D 408 -24.58 1.04 52.23
C PRO D 408 -23.81 1.73 53.37
N GLY D 409 -23.66 3.05 53.25
CA GLY D 409 -23.20 3.93 54.34
C GLY D 409 -21.69 4.08 54.41
N VAL D 410 -20.94 3.34 53.57
CA VAL D 410 -19.45 3.31 53.64
C VAL D 410 -18.88 4.67 53.20
N LEU D 411 -19.36 5.21 52.10
CA LEU D 411 -18.87 6.51 51.56
C LEU D 411 -19.26 7.62 52.54
N LYS D 412 -20.47 7.55 53.09
CA LYS D 412 -20.94 8.44 54.20
C LYS D 412 -19.84 8.56 55.26
N THR D 413 -19.38 7.41 55.76
CA THR D 413 -18.31 7.30 56.80
C THR D 413 -17.02 7.95 56.28
N VAL D 414 -16.55 7.50 55.11
CA VAL D 414 -15.23 7.88 54.53
C VAL D 414 -15.19 9.39 54.28
N ASN D 415 -16.22 9.92 53.63
CA ASN D 415 -16.30 11.34 53.21
C ASN D 415 -16.48 12.22 54.45
N ASP D 416 -17.10 11.67 55.51
CA ASP D 416 -17.17 12.28 56.86
C ASP D 416 -15.73 12.40 57.43
N ILE D 417 -14.98 11.31 57.40
CA ILE D 417 -13.60 11.20 57.95
C ILE D 417 -12.66 12.18 57.23
N LEU D 418 -12.94 12.48 55.96
CA LEU D 418 -12.08 13.34 55.09
C LEU D 418 -12.60 14.79 55.06
N SER D 419 -13.76 15.03 55.69
CA SER D 419 -14.54 16.31 55.64
C SER D 419 -13.65 17.54 55.91
N ASP D 420 -12.56 17.39 56.67
CA ASP D 420 -11.67 18.51 57.10
C ASP D 420 -10.86 19.01 55.91
N HIS D 421 -10.79 18.23 54.84
CA HIS D 421 -10.00 18.55 53.62
C HIS D 421 -10.90 18.58 52.41
N ASN D 422 -10.54 19.39 51.41
CA ASN D 422 -11.23 19.47 50.10
C ASN D 422 -10.87 18.23 49.29
N ILE D 423 -11.88 17.49 48.85
CA ILE D 423 -11.76 16.36 47.89
C ILE D 423 -11.79 16.95 46.48
N GLU D 424 -10.61 17.01 45.83
CA GLU D 424 -10.46 17.51 44.44
C GLU D 424 -11.32 16.66 43.52
N LYS D 425 -11.19 15.33 43.63
CA LYS D 425 -11.92 14.34 42.82
C LYS D 425 -11.89 12.99 43.54
N GLN D 426 -12.90 12.14 43.34
CA GLN D 426 -12.89 10.75 43.85
C GLN D 426 -13.72 9.84 42.96
N PHE D 427 -13.39 8.55 42.97
CA PHE D 427 -14.05 7.51 42.17
C PHE D 427 -14.21 6.26 43.03
N SER D 428 -15.41 5.74 43.09
CA SER D 428 -15.74 4.45 43.75
C SER D 428 -16.54 3.59 42.80
N ASP D 429 -16.11 2.34 42.60
CA ASP D 429 -16.83 1.32 41.80
C ASP D 429 -16.87 0.02 42.62
N SER D 430 -17.85 -0.84 42.34
CA SER D 430 -18.10 -2.09 43.08
C SER D 430 -17.96 -3.29 42.14
N HIS D 431 -17.42 -4.39 42.65
CA HIS D 431 -17.30 -5.69 41.93
C HIS D 431 -17.88 -6.79 42.82
N GLY D 432 -19.21 -6.96 42.79
CA GLY D 432 -19.96 -7.90 43.63
C GLY D 432 -19.89 -7.53 45.11
N GLU D 433 -19.23 -8.35 45.91
CA GLU D 433 -19.17 -8.20 47.40
C GLU D 433 -18.19 -7.11 47.79
N ILE D 434 -17.21 -6.80 46.93
CA ILE D 434 -16.10 -5.85 47.24
C ILE D 434 -16.26 -4.58 46.39
N ALA D 435 -15.60 -3.49 46.80
CA ALA D 435 -15.67 -2.15 46.17
C ALA D 435 -14.38 -1.37 46.47
N TYR D 436 -14.06 -0.39 45.64
CA TYR D 436 -12.76 0.34 45.63
C TYR D 436 -13.03 1.84 45.43
N LEU D 437 -12.54 2.66 46.37
CA LEU D 437 -12.65 4.14 46.33
C LEU D 437 -11.25 4.75 46.25
N MET D 438 -11.02 5.53 45.20
CA MET D 438 -9.84 6.43 45.07
C MET D 438 -10.33 7.84 45.29
N ALA D 439 -9.60 8.61 46.10
CA ALA D 439 -9.92 10.02 46.43
C ALA D 439 -8.64 10.83 46.56
N ASP D 440 -8.59 11.98 45.88
CA ASP D 440 -7.50 12.98 46.00
C ASP D 440 -7.98 14.09 46.94
N ILE D 441 -7.26 14.29 48.05
CA ILE D 441 -7.56 15.33 49.07
C ILE D 441 -6.38 16.30 49.14
N SER D 442 -6.66 17.59 49.27
CA SER D 442 -5.66 18.70 49.22
C SER D 442 -5.41 19.26 50.62
N SER D 443 -4.26 19.89 50.82
CA SER D 443 -3.88 20.66 52.04
C SER D 443 -3.74 19.72 53.24
N VAL D 444 -2.92 18.68 53.12
CA VAL D 444 -2.57 17.73 54.22
C VAL D 444 -1.07 17.79 54.49
N ASN D 445 -0.70 18.04 55.75
CA ASN D 445 0.72 18.05 56.23
C ASN D 445 1.02 16.71 56.91
N GLN D 446 2.30 16.35 57.02
CA GLN D 446 2.80 15.06 57.59
C GLN D 446 1.92 14.67 58.80
N SER D 447 1.58 15.66 59.63
CA SER D 447 0.80 15.51 60.89
C SER D 447 -0.51 14.75 60.62
N GLU D 448 -1.30 15.23 59.66
CA GLU D 448 -2.73 14.84 59.44
C GLU D 448 -2.82 13.48 58.70
N ILE D 449 -1.75 13.08 58.00
CA ILE D 449 -1.70 11.78 57.25
C ILE D 449 -1.91 10.63 58.25
N LYS D 450 -1.02 10.54 59.25
CA LYS D 450 -1.04 9.49 60.32
C LYS D 450 -2.46 9.38 60.89
N ASP D 451 -3.11 10.51 61.15
CA ASP D 451 -4.47 10.60 61.73
C ASP D 451 -5.48 9.97 60.77
N ILE D 452 -5.54 10.48 59.53
CA ILE D 452 -6.52 10.06 58.48
C ILE D 452 -6.39 8.56 58.25
N TYR D 453 -5.16 8.04 58.19
CA TYR D 453 -4.88 6.60 57.98
C TYR D 453 -5.55 5.80 59.09
N GLU D 454 -5.22 6.12 60.34
CA GLU D 454 -5.69 5.43 61.56
C GLU D 454 -7.23 5.38 61.56
N LYS D 455 -7.87 6.53 61.32
CA LYS D 455 -9.36 6.68 61.36
C LYS D 455 -10.00 5.74 60.31
N LEU D 456 -9.43 5.69 59.11
CA LEU D 456 -9.93 4.87 57.97
C LEU D 456 -9.71 3.39 58.26
N ASN D 457 -8.62 3.06 58.97
CA ASN D 457 -8.23 1.66 59.30
C ASN D 457 -9.22 1.08 60.32
N GLN D 458 -9.84 1.93 61.14
CA GLN D 458 -10.75 1.53 62.25
C GLN D 458 -12.20 1.37 61.75
N THR D 459 -12.46 1.69 60.47
CA THR D 459 -13.83 1.72 59.87
C THR D 459 -14.37 0.28 59.74
N SER D 460 -15.70 0.13 59.81
CA SER D 460 -16.43 -1.17 59.85
C SER D 460 -16.23 -1.94 58.54
N ALA D 461 -16.33 -1.26 57.41
CA ALA D 461 -16.41 -1.86 56.04
C ALA D 461 -15.01 -2.10 55.47
N LYS D 462 -13.97 -1.48 56.07
CA LYS D 462 -12.57 -1.51 55.57
C LYS D 462 -12.13 -2.94 55.26
N VAL D 463 -11.55 -3.16 54.08
CA VAL D 463 -10.92 -4.44 53.66
C VAL D 463 -9.40 -4.22 53.51
N SER D 464 -9.00 -3.04 53.01
CA SER D 464 -7.57 -2.60 52.99
C SER D 464 -7.48 -1.12 52.61
N ILE D 465 -6.46 -0.45 53.14
CA ILE D 465 -6.20 1.01 52.97
C ILE D 465 -4.75 1.21 52.63
N ARG D 466 -4.48 2.13 51.73
CA ARG D 466 -3.14 2.67 51.45
C ARG D 466 -3.28 4.17 51.28
N LEU D 467 -2.30 4.94 51.73
CA LEU D 467 -2.25 6.39 51.51
C LEU D 467 -0.99 6.72 50.74
N LEU D 468 -1.15 7.34 49.57
CA LEU D 468 -0.05 7.80 48.70
C LEU D 468 0.11 9.31 48.89
N TYR D 469 1.32 9.70 49.30
CA TYR D 469 1.67 11.06 49.81
C TYR D 469 2.73 11.69 48.92
PA NAD E . -6.00 7.10 -24.48
O1A NAD E . -5.93 6.68 -25.85
O2A NAD E . -4.92 6.57 -23.54
O5B NAD E . -7.41 6.84 -23.76
C5B NAD E . -8.65 6.79 -24.46
C4B NAD E . -9.56 5.82 -23.76
O4B NAD E . -10.94 6.09 -24.12
C3B NAD E . -9.33 4.34 -24.08
O3B NAD E . -9.44 3.57 -22.89
C2B NAD E . -10.45 4.03 -25.08
O2B NAD E . -10.82 2.66 -25.09
C1B NAD E . -11.55 4.89 -24.52
N9A NAD E . -12.62 5.21 -25.45
C8A NAD E . -12.50 5.41 -26.80
N7A NAD E . -13.62 5.78 -27.38
C5A NAD E . -14.52 5.83 -26.34
C6A NAD E . -15.89 6.19 -26.28
N6A NAD E . -16.59 6.58 -27.34
N1A NAD E . -16.50 6.14 -25.08
C2A NAD E . -15.78 5.77 -24.00
N3A NAD E . -14.50 5.41 -23.95
C4A NAD E . -13.92 5.46 -25.14
O3 NAD E . -5.98 8.68 -24.41
PN NAD E . -5.12 9.62 -23.46
O1N NAD E . -3.74 9.71 -24.02
O2N NAD E . -5.33 9.21 -22.05
O5D NAD E . -5.86 11.00 -23.68
C5D NAD E . -7.26 11.15 -23.36
C4D NAD E . -7.80 12.24 -24.23
O4D NAD E . -7.34 13.52 -23.74
C3D NAD E . -7.37 12.18 -25.70
O3D NAD E . -8.44 12.62 -26.55
C2D NAD E . -6.19 13.17 -25.74
O2D NAD E . -6.01 13.72 -27.04
C1D NAD E . -6.68 14.22 -24.75
N1N NAD E . -5.56 15.04 -24.12
C2N NAD E . -5.83 16.32 -23.79
C3N NAD E . -4.83 17.13 -23.29
C7N NAD E . -5.13 18.54 -22.94
O7N NAD E . -4.25 19.40 -23.10
N7N NAD E . -6.35 18.83 -22.47
C4N NAD E . -3.56 16.60 -23.15
C5N NAD E . -3.31 15.28 -23.48
C6N NAD E . -4.34 14.50 -23.98
C2 HPV F . 0.10 19.30 -27.97
O4P HPV F . 1.39 24.06 -28.61
P HPV F . 1.62 22.61 -28.92
O2P HPV F . 2.89 22.06 -28.28
O3P HPV F . 1.69 22.34 -30.40
O1P HPV F . 0.36 21.67 -28.29
C3 HPV F . -0.08 20.47 -28.93
O3 HPV F . -0.28 18.18 -28.27
C1 HPV F . 0.79 19.54 -26.61
O1 HPV F . 0.67 20.77 -26.06
O2 HPV F . 1.41 18.61 -26.06
C1 GOL G . 10.31 -5.27 -50.42
O1 GOL G . 10.54 -5.14 -49.01
C2 GOL G . 10.15 -6.73 -50.83
O2 GOL G . 8.86 -6.93 -51.39
C3 GOL G . 11.21 -7.20 -51.80
O3 GOL G . 10.87 -8.44 -52.40
PA NAD H . 18.92 -14.38 -11.19
O1A NAD H . 19.74 -14.53 -12.37
O2A NAD H . 17.48 -13.83 -11.47
O5B NAD H . 19.55 -13.48 -10.01
C5B NAD H . 20.86 -13.75 -9.46
C4B NAD H . 21.39 -12.47 -8.86
O4B NAD H . 22.70 -12.70 -8.29
C3B NAD H . 21.55 -11.28 -9.83
O3B NAD H . 20.92 -10.12 -9.29
C2B NAD H . 23.08 -11.11 -9.94
O2B NAD H . 23.43 -9.75 -10.14
C1B NAD H . 23.51 -11.57 -8.57
N9A NAD H . 24.92 -11.97 -8.47
C8A NAD H . 25.66 -12.69 -9.36
N7A NAD H . 26.85 -13.03 -8.92
C5A NAD H . 26.89 -12.49 -7.64
C6A NAD H . 27.87 -12.51 -6.63
N6A NAD H . 29.07 -13.12 -6.75
N1A NAD H . 27.59 -11.88 -5.48
C2A NAD H . 26.41 -11.26 -5.35
N3A NAD H . 25.42 -11.18 -6.23
C4A NAD H . 25.72 -11.82 -7.36
O3 NAD H . 18.76 -15.80 -10.48
PN NAD H . 17.46 -16.50 -9.88
O1N NAD H . 16.55 -16.82 -11.02
O2N NAD H . 16.95 -15.67 -8.77
O5D NAD H . 18.10 -17.80 -9.23
C5D NAD H . 18.64 -17.73 -7.90
C4D NAD H . 19.70 -18.79 -7.74
O4D NAD H . 19.13 -19.97 -7.14
C3D NAD H . 20.31 -19.29 -9.05
O3D NAD H . 21.59 -19.84 -8.79
C2D NAD H . 19.34 -20.40 -9.43
O2D NAD H . 19.94 -21.36 -10.27
C1D NAD H . 19.08 -21.03 -8.06
N1N NAD H . 17.73 -21.70 -7.98
C2N NAD H . 17.57 -22.74 -7.13
C3N NAD H . 16.38 -23.45 -7.11
C7N NAD H . 16.17 -24.61 -6.20
O7N NAD H . 15.46 -25.55 -6.57
N7N NAD H . 16.76 -24.58 -5.00
C4N NAD H . 15.37 -23.06 -7.97
C5N NAD H . 15.55 -21.98 -8.83
C6N NAD H . 16.74 -21.30 -8.81
C1 GOL I . 22.89 -14.65 -43.92
O1 GOL I . 22.73 -15.09 -42.57
C2 GOL I . 24.31 -14.19 -44.22
O2 GOL I . 25.23 -14.94 -43.44
C3 GOL I . 24.68 -14.30 -45.69
O3 GOL I . 23.82 -13.52 -46.51
C2 HPV J . 16.92 -28.59 -12.46
O4P HPV J . 14.44 -31.89 -11.42
P HPV J . 14.47 -31.49 -12.90
O2P HPV J . 14.55 -32.77 -13.73
O3P HPV J . 13.31 -30.64 -13.29
O1P HPV J . 15.92 -30.65 -13.13
C3 HPV J . 16.59 -30.00 -12.04
O3 HPV J . 17.73 -28.36 -13.35
C1 HPV J . 16.17 -27.45 -11.69
O1 HPV J . 15.01 -27.05 -12.21
O2 HPV J . 16.65 -26.96 -10.65
PA NAD K . -3.74 21.75 16.33
O1A NAD K . -3.80 22.44 17.64
O2A NAD K . -4.39 20.33 16.29
O5B NAD K . -2.22 21.65 15.78
C5B NAD K . -1.39 22.82 15.67
C4B NAD K . 0.05 22.38 15.64
O4B NAD K . 0.90 23.54 15.53
C3B NAD K . 0.53 21.62 16.91
O3B NAD K . 1.17 20.39 16.54
C2B NAD K . 1.52 22.61 17.58
O2B NAD K . 2.61 21.93 18.19
C1B NAD K . 2.02 23.39 16.38
N9A NAD K . 2.55 24.72 16.69
C8A NAD K . 2.05 25.63 17.58
N7A NAD K . 2.71 26.76 17.65
C5A NAD K . 3.75 26.58 16.73
C6A NAD K . 4.80 27.41 16.31
N6A NAD K . 5.01 28.65 16.77
N1A NAD K . 5.66 26.93 15.37
C2A NAD K . 5.45 25.70 14.91
N3A NAD K . 4.49 24.82 15.23
C4A NAD K . 3.66 25.32 16.14
O3 NAD K . -4.45 22.60 15.20
PN NAD K . -5.42 22.19 14.00
O1N NAD K . -6.67 21.60 14.57
O2N NAD K . -4.62 21.41 13.02
O5D NAD K . -5.73 23.63 13.37
C5D NAD K . -4.66 24.40 12.74
C4D NAD K . -5.06 25.86 12.77
O4D NAD K . -6.07 26.11 11.75
C3D NAD K . -5.72 26.30 14.09
O3D NAD K . -5.48 27.69 14.29
C2D NAD K . -7.20 26.03 13.78
O2D NAD K . -8.10 26.68 14.67
C1D NAD K . -7.26 26.55 12.36
N1N NAD K . -8.44 26.08 11.55
C2N NAD K . -8.81 26.84 10.49
C3N NAD K . -10.00 26.59 9.83
C7N NAD K . -10.41 27.47 8.69
O7N NAD K . -11.60 27.59 8.40
N7N NAD K . -9.44 28.08 8.01
C4N NAD K . -10.78 25.51 10.26
C5N NAD K . -10.36 24.73 11.31
C6N NAD K . -9.19 25.03 11.96
C1 GOL L . -16.48 17.75 46.88
O1 GOL L . -15.77 18.59 45.98
C2 GOL L . -16.30 18.19 48.34
O2 GOL L . -16.69 17.13 49.23
C3 GOL L . -14.88 18.63 48.64
O3 GOL L . -14.41 18.09 49.86
C2 HPV M . -16.31 28.89 13.91
O4P HPV M . -19.92 28.15 12.44
P HPV M . -19.66 29.66 12.46
O2P HPV M . -20.85 30.43 12.90
O3P HPV M . -19.14 30.08 11.08
O1P HPV M . -18.39 29.93 13.49
C3 HPV M . -17.04 29.90 13.04
O3 HPV M . -16.21 29.06 15.13
C1 HPV M . -15.69 27.67 13.16
O1 HPV M . -14.54 27.68 12.73
O2 HPV M . -16.51 26.63 13.01
PA NAD N . -10.16 -14.14 21.08
O1A NAD N . -10.86 -14.19 22.36
O2A NAD N . -9.65 -12.72 20.67
O5B NAD N . -11.13 -14.65 19.83
C5B NAD N . -11.91 -15.87 19.84
C4B NAD N . -12.95 -15.78 18.74
O4B NAD N . -13.58 -17.08 18.55
C3B NAD N . -14.10 -14.78 18.96
O3B NAD N . -14.29 -13.96 17.80
C2B NAD N . -15.31 -15.70 19.22
O2B NAD N . -16.53 -15.13 18.78
C1B NAD N . -14.96 -16.89 18.37
N9A NAD N . -15.65 -18.12 18.73
C8A NAD N . -15.98 -18.55 19.99
N7A NAD N . -16.56 -19.72 20.02
C5A NAD N . -16.61 -20.10 18.69
C6A NAD N . -17.08 -21.26 18.04
N6A NAD N . -17.65 -22.29 18.69
N1A NAD N . -16.96 -21.33 16.70
C2A NAD N . -16.41 -20.29 16.04
N3A NAD N . -15.93 -19.15 16.55
C4A NAD N . -16.06 -19.11 17.88
O3 NAD N . -8.88 -15.09 21.15
PN NAD N . -7.34 -14.88 20.76
O1N NAD N . -6.64 -14.04 21.78
O2N NAD N . -7.30 -14.46 19.34
O5D NAD N . -6.80 -16.38 20.90
C5D NAD N . -7.45 -17.51 20.23
C4D NAD N . -7.21 -18.75 21.06
O4D NAD N . -5.78 -19.07 21.08
C3D NAD N . -7.60 -18.63 22.56
O3D NAD N . -8.14 -19.88 23.02
C2D NAD N . -6.26 -18.31 23.24
O2D NAD N . -6.22 -18.64 24.61
C1D NAD N . -5.33 -19.20 22.41
N1N NAD N . -3.85 -18.85 22.50
C2N NAD N . -2.96 -19.84 22.34
C3N NAD N . -1.61 -19.60 22.55
C7N NAD N . -0.62 -20.73 22.36
O7N NAD N . 0.48 -20.69 22.94
N7N NAD N . -0.98 -21.74 21.57
C4N NAD N . -1.21 -18.33 22.92
C5N NAD N . -2.14 -17.32 23.06
C6N NAD N . -3.47 -17.59 22.83
C1 GOL O . -22.88 1.94 49.37
O1 GOL O . -23.81 2.98 49.71
C2 GOL O . -21.49 2.49 49.15
O2 GOL O . -21.16 3.37 50.23
C3 GOL O . -20.44 1.41 49.03
O3 GOL O . -20.06 1.19 47.67
C2 HPV P . 1.30 -19.94 28.91
O4P HPV P . 4.11 -20.66 30.09
P HPV P . 3.44 -19.75 31.16
O2P HPV P . 4.02 -20.11 32.53
O3P HPV P . 3.58 -18.28 30.85
O1P HPV P . 1.83 -20.19 31.20
C3 HPV P . 1.20 -20.85 30.11
O3 HPV P . 2.01 -20.22 27.95
C1 HPV P . 0.46 -18.65 28.98
O1 HPV P . 0.99 -17.59 28.38
O2 HPV P . -0.63 -18.64 29.56
#